data_3SCI
#
_entry.id   3SCI
#
_cell.length_a   81.362
_cell.length_b   118.332
_cell.length_c   111.937
_cell.angle_alpha   90.00
_cell.angle_beta   93.06
_cell.angle_gamma   90.00
#
_symmetry.space_group_name_H-M   'P 1 21 1'
#
loop_
_entity.id
_entity.type
_entity.pdbx_description
1 polymer 'Angiotensin-converting enzyme 2'
2 polymer 'Spike glycoprotein'
3 non-polymer 'ZINC ION'
4 non-polymer 'CHLORIDE ION'
#
loop_
_entity_poly.entity_id
_entity_poly.type
_entity_poly.pdbx_seq_one_letter_code
_entity_poly.pdbx_strand_id
1 'polypeptide(L)'
;STIEEQAKTFLDKFNHEAEDLFYQSSLASWNYNTNITEENVQNMNNAGDKWSAFLKEQSTLAQMYPLQEIQNLTVKLQLQ
ALQQNGSSVLSEDKSKRLNTILNTMSTIYSTGKVCNPDNPQECLLLEPGLNEIMANSLDYNERLWAWESWRSEVGKQLRP
LYEEYVVLKNEMARANHYEDYGDYWRGDYEVNGVDGYDYSRGQLIEDVEHTFEEIKPLYEHLHAYVRAKLMNAYPSYISP
IGCLPAHLLGDMWGRFWTNLYSLTVPFGQKPNIDVTDAMVDQAWDAQRIFKEAEKFFVSVGLPNMTQGFWENSMLTDPGN
VQKAVCHPTAWDLGKGDFRILMCTKVTMDDFLTAHHEMGHIQYDMAYAAQPFLLRNGANEGFHEAVGEIMSLSAATPKHL
KSIGLLSPDFQEDNETEINFLLKQALTIVGTLPFTYMLEKWRWMVFKGEIPKDQWMKKWWEMKREIVGVVEPVPHDETYC
DPASLFHVSNDYSFIRYYTRTLYQFQFQEALCQAAKHEGPLHKCDISNSTEAGQKLFNMLRLGKSEPWTLALENVVGAKN
MNVRPLLNYFEPLFTWLKDQNKNSFVGWSTDWSPYADHHHHHH
;
A,B
2 'polypeptide(L)'
;RVVPSGDVVRFPNITNLCPFGEVFNATKFPSVYAWERKKISNCVADYSVLYNSTFFSTFKCYGVSATKLNDLCFSNVYAD
SFVVKGDDVRQIAPGQTGVIADYNYKLPDDFMGCVLAWNTRNIDATSTGNYNYKYRFLRHGKLRPFERDISNVPFSPDGK
PCTPPAFNCYWPLNDYGFYTTTGIGYQPYRVVVLSFELLNAPATVCGPKLSTDLIKNQCVNFHHHHHH
;
E,F
#
loop_
_chem_comp.id
_chem_comp.type
_chem_comp.name
_chem_comp.formula
CL non-polymer 'CHLORIDE ION' 'Cl -1'
ZN non-polymer 'ZINC ION' 'Zn 2'
#
# COMPACT_ATOMS: atom_id res chain seq x y z
N SER A 1 -44.99 32.09 -9.75
CA SER A 1 -45.46 30.76 -9.26
C SER A 1 -44.90 30.45 -7.87
N THR A 2 -44.38 29.23 -7.69
CA THR A 2 -43.76 28.81 -6.43
C THR A 2 -42.54 29.67 -6.11
N ILE A 3 -42.35 29.96 -4.82
CA ILE A 3 -41.21 30.76 -4.36
C ILE A 3 -39.86 30.17 -4.77
N GLU A 4 -39.80 28.83 -4.89
CA GLU A 4 -38.62 28.16 -5.45
C GLU A 4 -38.39 28.57 -6.90
N GLU A 5 -39.32 28.20 -7.79
CA GLU A 5 -39.21 28.51 -9.21
C GLU A 5 -39.04 30.00 -9.43
N GLN A 6 -39.60 30.81 -8.54
CA GLN A 6 -39.48 32.25 -8.68
C GLN A 6 -38.20 32.83 -8.06
N ALA A 7 -37.52 32.01 -7.27
CA ALA A 7 -36.18 32.34 -6.80
C ALA A 7 -35.16 31.99 -7.87
N LYS A 8 -35.37 30.84 -8.51
CA LYS A 8 -34.53 30.44 -9.65
C LYS A 8 -34.46 31.57 -10.66
N THR A 9 -35.61 32.22 -10.88
CA THR A 9 -35.76 33.30 -11.84
C THR A 9 -35.36 34.66 -11.25
N PHE A 10 -34.64 34.62 -10.13
CA PHE A 10 -34.00 35.80 -9.56
C PHE A 10 -32.49 35.64 -9.68
N LEU A 11 -31.99 34.51 -9.18
CA LEU A 11 -30.58 34.17 -9.26
C LEU A 11 -30.09 34.25 -10.69
N ASP A 12 -30.96 33.86 -11.62
CA ASP A 12 -30.62 33.85 -13.03
C ASP A 12 -30.40 35.23 -13.58
N LYS A 13 -31.19 36.21 -13.13
CA LYS A 13 -30.95 37.60 -13.48
C LYS A 13 -29.76 38.10 -12.70
N PHE A 14 -29.56 37.55 -11.52
CA PHE A 14 -28.44 37.99 -10.72
C PHE A 14 -27.13 37.55 -11.31
N ASN A 15 -26.99 36.27 -11.61
CA ASN A 15 -25.76 35.78 -12.21
C ASN A 15 -25.37 36.55 -13.45
N HIS A 16 -26.26 36.55 -14.43
CA HIS A 16 -25.92 37.17 -15.72
C HIS A 16 -25.91 38.69 -15.71
N GLU A 17 -26.07 39.26 -14.52
CA GLU A 17 -25.95 40.71 -14.35
C GLU A 17 -24.75 41.04 -13.50
N ALA A 18 -24.55 40.22 -12.47
CA ALA A 18 -23.38 40.30 -11.61
C ALA A 18 -22.12 39.99 -12.40
N GLU A 19 -22.17 38.90 -13.16
CA GLU A 19 -21.04 38.51 -13.97
C GLU A 19 -20.47 39.72 -14.71
N ASP A 20 -21.32 40.41 -15.45
CA ASP A 20 -20.87 41.54 -16.25
C ASP A 20 -20.39 42.70 -15.39
N LEU A 21 -21.17 43.05 -14.38
CA LEU A 21 -20.87 44.17 -13.52
C LEU A 21 -19.59 43.96 -12.75
N PHE A 22 -19.26 42.69 -12.54
CA PHE A 22 -18.01 42.26 -11.92
C PHE A 22 -16.84 42.37 -12.88
N TYR A 23 -17.06 41.96 -14.12
CA TYR A 23 -16.05 42.05 -15.13
C TYR A 23 -15.66 43.50 -15.35
N GLN A 24 -16.61 44.41 -15.11
CA GLN A 24 -16.33 45.84 -15.14
C GLN A 24 -15.23 46.14 -14.13
N SER A 25 -15.50 45.84 -12.85
CA SER A 25 -14.54 46.06 -11.77
C SER A 25 -13.18 45.37 -11.95
N SER A 26 -13.18 44.17 -12.52
CA SER A 26 -11.94 43.43 -12.72
C SER A 26 -11.08 44.14 -13.75
N LEU A 27 -11.68 44.47 -14.89
CA LEU A 27 -10.96 45.11 -15.97
C LEU A 27 -10.30 46.39 -15.48
N ALA A 28 -11.03 47.12 -14.64
CA ALA A 28 -10.52 48.31 -13.98
C ALA A 28 -9.35 47.95 -13.07
N SER A 29 -9.65 47.28 -11.97
CA SER A 29 -8.64 46.74 -11.07
C SER A 29 -7.38 46.33 -11.83
N TRP A 30 -7.55 45.59 -12.93
CA TRP A 30 -6.44 45.12 -13.74
C TRP A 30 -5.64 46.24 -14.36
N ASN A 31 -6.31 47.16 -15.04
CA ASN A 31 -5.65 48.34 -15.63
C ASN A 31 -4.71 48.99 -14.62
N TYR A 32 -5.24 49.21 -13.41
CA TYR A 32 -4.49 49.87 -12.34
C TYR A 32 -3.27 49.08 -11.90
N ASN A 33 -3.50 47.86 -11.42
CA ASN A 33 -2.41 47.04 -10.93
C ASN A 33 -1.28 46.86 -11.97
N THR A 34 -1.44 47.42 -13.16
CA THR A 34 -0.48 47.25 -14.27
C THR A 34 0.06 48.54 -14.96
N ASN A 35 -0.79 49.57 -15.01
CA ASN A 35 -0.43 50.91 -15.51
C ASN A 35 -0.81 51.88 -14.39
N ILE A 36 -0.14 51.77 -13.23
CA ILE A 36 -0.48 52.58 -12.04
C ILE A 36 -0.53 54.08 -12.36
N THR A 37 -1.74 54.56 -12.62
CA THR A 37 -1.99 55.96 -12.95
C THR A 37 -2.95 56.52 -11.92
N GLU A 38 -3.14 57.83 -11.92
CA GLU A 38 -4.21 58.47 -11.16
C GLU A 38 -5.53 58.28 -11.91
N GLU A 39 -5.46 58.38 -13.24
CA GLU A 39 -6.60 58.12 -14.10
C GLU A 39 -7.18 56.73 -13.80
N ASN A 40 -6.30 55.73 -13.82
CA ASN A 40 -6.70 54.34 -13.60
C ASN A 40 -7.22 54.08 -12.20
N VAL A 41 -6.44 54.43 -11.19
CA VAL A 41 -6.79 54.16 -9.81
C VAL A 41 -8.18 54.69 -9.45
N GLN A 42 -8.64 55.69 -10.20
CA GLN A 42 -9.95 56.27 -9.95
C GLN A 42 -11.06 55.40 -10.55
N ASN A 43 -10.81 54.88 -11.75
CA ASN A 43 -11.71 53.91 -12.37
C ASN A 43 -11.85 52.69 -11.48
N MET A 44 -10.73 52.27 -10.91
CA MET A 44 -10.69 51.13 -9.98
C MET A 44 -11.64 51.31 -8.80
N ASN A 45 -12.10 52.55 -8.61
CA ASN A 45 -13.03 52.89 -7.53
C ASN A 45 -14.48 53.05 -8.00
N ASN A 46 -14.67 53.44 -9.25
CA ASN A 46 -16.01 53.58 -9.84
C ASN A 46 -16.75 52.26 -9.83
N ALA A 47 -16.44 51.40 -10.81
CA ALA A 47 -17.05 50.07 -10.90
C ALA A 47 -16.86 49.28 -9.61
N GLY A 48 -15.77 49.60 -8.90
CA GLY A 48 -15.47 48.98 -7.61
C GLY A 48 -16.55 49.22 -6.59
N ASP A 49 -17.00 50.47 -6.48
CA ASP A 49 -18.08 50.79 -5.56
C ASP A 49 -19.45 50.49 -6.16
N LYS A 50 -19.56 50.64 -7.48
CA LYS A 50 -20.77 50.28 -8.23
C LYS A 50 -21.08 48.81 -8.00
N TRP A 51 -20.03 48.06 -7.73
CA TRP A 51 -20.13 46.66 -7.37
C TRP A 51 -20.73 46.51 -5.98
N SER A 52 -20.14 47.18 -5.01
CA SER A 52 -20.63 47.17 -3.63
C SER A 52 -22.05 47.66 -3.57
N ALA A 53 -22.37 48.64 -4.41
CA ALA A 53 -23.73 49.18 -4.51
C ALA A 53 -24.64 48.13 -5.10
N PHE A 54 -24.28 47.64 -6.28
CA PHE A 54 -25.04 46.57 -6.94
C PHE A 54 -25.31 45.40 -5.99
N LEU A 55 -24.36 45.16 -5.10
CA LEU A 55 -24.44 44.07 -4.17
C LEU A 55 -25.48 44.32 -3.09
N LYS A 56 -25.29 45.42 -2.36
CA LYS A 56 -26.17 45.79 -1.26
C LYS A 56 -27.60 45.83 -1.76
N GLU A 57 -27.80 46.34 -2.98
CA GLU A 57 -29.11 46.35 -3.62
C GLU A 57 -29.64 44.93 -3.67
N GLN A 58 -28.88 44.05 -4.30
CA GLN A 58 -29.30 42.67 -4.53
C GLN A 58 -29.33 41.83 -3.25
N SER A 59 -28.53 42.23 -2.27
CA SER A 59 -28.56 41.61 -0.95
C SER A 59 -29.93 41.81 -0.33
N THR A 60 -30.30 43.08 -0.15
CA THR A 60 -31.59 43.45 0.40
C THR A 60 -32.74 43.00 -0.50
N LEU A 61 -32.46 42.92 -1.79
CA LEU A 61 -33.44 42.41 -2.73
C LEU A 61 -33.64 40.92 -2.50
N ALA A 62 -32.54 40.21 -2.25
CA ALA A 62 -32.55 38.76 -2.05
C ALA A 62 -33.19 38.35 -0.73
N GLN A 63 -33.17 39.27 0.24
CA GLN A 63 -33.80 39.05 1.54
C GLN A 63 -35.28 38.71 1.36
N MET A 64 -35.90 39.34 0.36
CA MET A 64 -37.32 39.19 0.00
C MET A 64 -37.81 37.73 -0.09
N TYR A 65 -36.90 36.81 -0.43
CA TYR A 65 -37.21 35.40 -0.61
C TYR A 65 -36.86 34.62 0.66
N PRO A 66 -37.88 34.07 1.35
CA PRO A 66 -37.75 33.44 2.68
C PRO A 66 -36.84 32.23 2.69
N LEU A 67 -35.72 32.37 3.38
CA LEU A 67 -34.76 31.28 3.60
C LEU A 67 -35.46 29.94 3.78
N GLN A 68 -36.58 29.98 4.51
CA GLN A 68 -37.33 28.80 4.94
C GLN A 68 -37.89 27.93 3.81
N GLU A 69 -38.75 28.50 2.97
CA GLU A 69 -39.61 27.73 2.07
C GLU A 69 -38.90 27.26 0.78
N ILE A 70 -37.76 26.60 0.93
CA ILE A 70 -36.92 26.20 -0.22
C ILE A 70 -36.38 24.77 -0.08
N GLN A 71 -35.90 24.19 -1.20
CA GLN A 71 -35.39 22.81 -1.19
C GLN A 71 -34.36 22.39 -2.26
N ASN A 72 -34.09 23.23 -3.27
CA ASN A 72 -33.09 22.89 -4.29
C ASN A 72 -31.68 23.35 -3.87
N LEU A 73 -31.32 23.04 -2.62
CA LEU A 73 -29.96 23.22 -2.07
C LEU A 73 -29.07 24.22 -2.79
N THR A 74 -28.63 23.86 -4.00
CA THR A 74 -27.92 24.76 -4.89
C THR A 74 -28.50 26.18 -4.79
N VAL A 75 -29.82 26.30 -4.93
CA VAL A 75 -30.47 27.60 -4.84
C VAL A 75 -30.38 28.16 -3.42
N LYS A 76 -30.60 27.30 -2.43
CA LYS A 76 -30.58 27.72 -1.04
C LYS A 76 -29.19 28.28 -0.71
N LEU A 77 -28.15 27.60 -1.21
CA LEU A 77 -26.78 28.04 -1.04
C LEU A 77 -26.59 29.43 -1.57
N GLN A 78 -26.96 29.62 -2.84
CA GLN A 78 -26.76 30.87 -3.52
C GLN A 78 -27.48 32.00 -2.80
N LEU A 79 -28.73 31.76 -2.45
CA LEU A 79 -29.55 32.75 -1.81
C LEU A 79 -28.91 33.16 -0.50
N GLN A 80 -28.62 32.17 0.33
CA GLN A 80 -27.96 32.35 1.62
C GLN A 80 -26.80 33.31 1.47
N ALA A 81 -25.84 32.95 0.62
CA ALA A 81 -24.67 33.75 0.32
C ALA A 81 -25.02 35.20 0.06
N LEU A 82 -26.00 35.40 -0.82
CA LEU A 82 -26.41 36.73 -1.25
C LEU A 82 -27.08 37.52 -0.12
N GLN A 83 -28.03 36.90 0.57
CA GLN A 83 -28.62 37.53 1.75
C GLN A 83 -27.60 37.52 2.88
N GLN A 84 -26.73 38.52 2.84
CA GLN A 84 -25.68 38.67 3.81
C GLN A 84 -25.76 40.10 4.30
N ASN A 85 -26.44 40.31 5.41
CA ASN A 85 -26.60 41.65 5.97
C ASN A 85 -25.22 42.24 6.29
N GLY A 86 -24.51 41.65 7.23
CA GLY A 86 -23.17 42.09 7.60
C GLY A 86 -23.16 43.45 8.27
N SER A 87 -23.08 44.50 7.45
CA SER A 87 -23.10 45.89 7.93
C SER A 87 -24.51 46.44 8.21
N SER A 88 -25.46 46.05 7.36
CA SER A 88 -26.84 46.54 7.43
C SER A 88 -27.45 46.40 8.82
N VAL A 89 -27.25 45.24 9.44
CA VAL A 89 -27.95 44.87 10.68
C VAL A 89 -27.66 45.83 11.83
N LEU A 90 -26.71 46.75 11.61
CA LEU A 90 -26.30 47.72 12.61
C LEU A 90 -27.06 49.05 12.48
N SER A 91 -26.68 50.02 13.32
CA SER A 91 -27.17 51.39 13.18
C SER A 91 -26.54 52.08 11.96
N GLU A 92 -26.60 53.40 11.95
CA GLU A 92 -25.94 54.19 10.91
C GLU A 92 -24.59 54.64 11.44
N ASP A 93 -24.59 55.06 12.71
CA ASP A 93 -23.37 55.40 13.43
C ASP A 93 -22.55 54.14 13.67
N LYS A 94 -23.14 53.19 14.40
CA LYS A 94 -22.45 51.97 14.80
C LYS A 94 -22.21 51.04 13.62
N SER A 95 -21.77 51.63 12.51
CA SER A 95 -21.58 50.91 11.26
C SER A 95 -20.52 51.66 10.49
N LYS A 96 -20.71 52.96 10.36
CA LYS A 96 -19.68 53.80 9.77
C LYS A 96 -18.52 53.89 10.74
N ARG A 97 -18.80 53.76 12.03
CA ARG A 97 -17.78 53.83 13.07
C ARG A 97 -16.87 52.63 12.96
N LEU A 98 -17.45 51.44 12.89
CA LEU A 98 -16.71 50.21 12.67
C LEU A 98 -15.80 50.42 11.47
N ASN A 99 -16.44 50.70 10.34
CA ASN A 99 -15.75 51.03 9.13
C ASN A 99 -14.55 51.95 9.39
N THR A 100 -14.73 52.94 10.28
CA THR A 100 -13.67 53.89 10.62
C THR A 100 -12.51 53.13 11.28
N ILE A 101 -12.83 52.40 12.34
CA ILE A 101 -11.85 51.63 13.09
C ILE A 101 -10.98 50.81 12.15
N LEU A 102 -11.64 50.10 11.23
CA LEU A 102 -10.95 49.24 10.28
C LEU A 102 -9.89 50.02 9.51
N ASN A 103 -10.32 50.96 8.69
CA ASN A 103 -9.40 51.67 7.82
C ASN A 103 -8.20 52.31 8.52
N THR A 104 -8.42 52.80 9.74
CA THR A 104 -7.38 53.42 10.53
C THR A 104 -6.33 52.37 10.86
N MET A 105 -6.78 51.24 11.41
CA MET A 105 -5.92 50.09 11.71
C MET A 105 -5.12 49.72 10.47
N SER A 106 -5.80 49.53 9.35
CA SER A 106 -5.14 49.15 8.11
C SER A 106 -4.00 50.06 7.76
N THR A 107 -4.28 51.36 7.83
CA THR A 107 -3.31 52.39 7.44
C THR A 107 -2.21 52.52 8.47
N ILE A 108 -2.57 52.66 9.74
CA ILE A 108 -1.56 52.71 10.79
C ILE A 108 -0.60 51.53 10.73
N TYR A 109 -1.11 50.33 10.46
CA TYR A 109 -0.27 49.15 10.26
C TYR A 109 0.62 49.32 9.04
N SER A 110 0.02 49.73 7.92
CA SER A 110 0.79 49.93 6.69
C SER A 110 1.72 51.14 6.80
N THR A 111 1.29 52.16 7.53
CA THR A 111 1.98 53.45 7.59
C THR A 111 2.89 53.65 8.80
N GLY A 112 2.77 52.73 9.76
CA GLY A 112 3.62 52.76 10.94
C GLY A 112 5.07 52.49 10.59
N LYS A 113 5.92 53.39 11.08
CA LYS A 113 7.37 53.23 11.06
C LYS A 113 7.89 53.52 12.44
N VAL A 114 9.07 53.00 12.77
CA VAL A 114 9.63 53.20 14.11
C VAL A 114 10.98 53.89 14.07
N CYS A 115 11.31 54.56 15.16
CA CYS A 115 12.47 55.44 15.20
C CYS A 115 13.65 54.97 16.02
N ASN A 116 14.80 54.94 15.35
CA ASN A 116 16.08 54.50 15.91
C ASN A 116 16.59 55.44 17.02
N PRO A 117 16.58 54.98 18.28
CA PRO A 117 17.00 55.83 19.38
C PRO A 117 18.47 56.21 19.29
N ASP A 118 19.27 55.30 18.73
CA ASP A 118 20.70 55.53 18.55
C ASP A 118 21.02 56.39 17.33
N ASN A 119 20.01 56.61 16.48
CA ASN A 119 20.11 57.57 15.38
C ASN A 119 18.72 57.98 14.87
N PRO A 120 18.18 59.08 15.41
CA PRO A 120 16.79 59.46 15.15
C PRO A 120 16.50 59.90 13.71
N GLN A 121 17.54 60.14 12.91
CA GLN A 121 17.33 60.65 11.55
C GLN A 121 16.92 59.58 10.54
N GLU A 122 17.14 58.32 10.90
CA GLU A 122 16.75 57.19 10.07
C GLU A 122 15.70 56.36 10.79
N CYS A 123 14.53 56.22 10.15
CA CYS A 123 13.41 55.48 10.74
C CYS A 123 12.61 54.74 9.66
N LEU A 124 12.74 53.40 9.63
CA LEU A 124 12.07 52.61 8.58
C LEU A 124 10.76 51.99 9.08
N LEU A 125 9.97 51.47 8.14
CA LEU A 125 8.73 50.76 8.45
C LEU A 125 8.90 49.24 8.43
N LEU A 126 7.79 48.53 8.68
CA LEU A 126 7.85 47.09 8.85
C LEU A 126 8.50 46.47 7.65
N GLU A 127 7.92 46.74 6.48
CA GLU A 127 8.39 46.22 5.21
C GLU A 127 8.92 47.37 4.37
N PRO A 128 10.18 47.27 3.90
CA PRO A 128 11.17 46.33 4.42
C PRO A 128 11.77 46.98 5.65
N GLY A 129 13.03 46.70 5.94
CA GLY A 129 13.69 47.40 7.05
C GLY A 129 13.53 46.60 8.32
N LEU A 130 12.42 46.78 9.03
CA LEU A 130 12.16 45.91 10.18
C LEU A 130 12.15 44.45 9.78
N ASN A 131 11.30 44.12 8.81
CA ASN A 131 11.20 42.74 8.36
C ASN A 131 12.56 42.21 7.97
N GLU A 132 13.39 43.13 7.51
CA GLU A 132 14.73 42.83 7.04
C GLU A 132 15.64 42.44 8.21
N ILE A 133 15.51 43.19 9.31
CA ILE A 133 16.26 42.93 10.53
C ILE A 133 15.89 41.56 11.07
N MET A 134 14.59 41.39 11.31
CA MET A 134 14.06 40.13 11.83
C MET A 134 14.50 38.90 11.01
N ALA A 135 14.61 39.08 9.71
CA ALA A 135 15.00 37.99 8.83
C ALA A 135 16.48 37.68 8.88
N ASN A 136 17.31 38.71 9.01
CA ASN A 136 18.74 38.53 8.86
C ASN A 136 19.62 38.74 10.08
N SER A 137 19.43 39.86 10.77
CA SER A 137 20.35 40.26 11.85
C SER A 137 20.49 39.19 12.91
N LEU A 138 21.75 38.93 13.29
CA LEU A 138 22.08 37.97 14.32
C LEU A 138 22.53 38.66 15.61
N ASP A 139 22.09 39.90 15.83
CA ASP A 139 22.44 40.64 17.04
C ASP A 139 21.28 40.71 18.03
N TYR A 140 21.47 40.09 19.19
CA TYR A 140 20.40 39.96 20.14
C TYR A 140 19.63 41.26 20.31
N ASN A 141 20.38 42.33 20.58
CA ASN A 141 19.84 43.65 20.85
C ASN A 141 19.17 44.25 19.63
N GLU A 142 19.92 44.35 18.54
CA GLU A 142 19.37 44.86 17.29
C GLU A 142 18.02 44.22 17.08
N ARG A 143 17.96 42.90 17.25
CA ARG A 143 16.72 42.15 17.07
C ARG A 143 15.68 42.54 18.12
N LEU A 144 16.06 42.47 19.38
CA LEU A 144 15.15 42.79 20.46
C LEU A 144 14.54 44.16 20.28
N TRP A 145 15.32 45.11 19.74
CA TRP A 145 14.86 46.48 19.56
C TRP A 145 13.73 46.61 18.53
N ALA A 146 13.96 46.12 17.31
CA ALA A 146 12.92 46.07 16.29
C ALA A 146 11.62 45.46 16.82
N TRP A 147 11.71 44.23 17.32
CA TRP A 147 10.55 43.52 17.83
C TRP A 147 9.74 44.37 18.82
N GLU A 148 10.45 45.03 19.72
CA GLU A 148 9.81 45.77 20.79
C GLU A 148 9.23 47.09 20.32
N SER A 149 10.03 47.84 19.58
CA SER A 149 9.61 49.09 19.00
C SER A 149 8.25 48.87 18.40
N TRP A 150 8.18 47.99 17.41
CA TRP A 150 6.95 47.71 16.69
C TRP A 150 5.76 47.49 17.61
N ARG A 151 5.86 46.50 18.50
CA ARG A 151 4.74 46.17 19.35
C ARG A 151 4.43 47.25 20.36
N SER A 152 5.39 48.16 20.55
CA SER A 152 5.28 49.27 21.50
C SER A 152 4.73 50.55 20.87
N GLU A 153 5.27 50.94 19.72
CA GLU A 153 4.74 52.09 18.99
C GLU A 153 3.35 51.72 18.47
N VAL A 154 3.32 51.05 17.33
CA VAL A 154 2.06 50.74 16.66
C VAL A 154 1.22 49.70 17.42
N GLY A 155 1.82 48.98 18.35
CA GLY A 155 1.08 48.00 19.12
C GLY A 155 0.05 48.71 19.96
N LYS A 156 0.53 49.71 20.70
CA LYS A 156 -0.26 50.47 21.65
C LYS A 156 -1.34 51.33 20.99
N GLN A 157 -0.97 52.00 19.90
CA GLN A 157 -1.90 52.83 19.17
C GLN A 157 -3.14 52.04 18.82
N LEU A 158 -2.95 50.76 18.51
CA LEU A 158 -4.02 49.92 18.02
C LEU A 158 -4.89 49.35 19.14
N ARG A 159 -4.30 49.25 20.32
CA ARG A 159 -5.04 48.75 21.48
C ARG A 159 -6.46 49.36 21.60
N PRO A 160 -6.61 50.70 21.68
CA PRO A 160 -7.94 51.26 21.92
C PRO A 160 -8.91 50.88 20.82
N LEU A 161 -8.48 51.07 19.57
CA LEU A 161 -9.26 50.77 18.38
C LEU A 161 -9.68 49.31 18.39
N TYR A 162 -8.74 48.42 18.69
CA TYR A 162 -9.02 47.01 18.68
C TYR A 162 -10.02 46.63 19.75
N GLU A 163 -9.95 47.31 20.90
CA GLU A 163 -10.93 47.15 21.95
C GLU A 163 -12.31 47.52 21.46
N GLU A 164 -12.42 48.68 20.79
CA GLU A 164 -13.71 49.14 20.26
C GLU A 164 -14.19 48.22 19.16
N TYR A 165 -13.24 47.79 18.32
CA TYR A 165 -13.47 46.87 17.21
C TYR A 165 -14.20 45.61 17.65
N VAL A 166 -13.71 44.98 18.71
CA VAL A 166 -14.23 43.68 19.11
C VAL A 166 -15.70 43.77 19.53
N VAL A 167 -16.12 44.95 19.95
CA VAL A 167 -17.49 45.13 20.40
C VAL A 167 -18.41 45.20 19.19
N LEU A 168 -18.23 46.23 18.38
CA LEU A 168 -19.14 46.49 17.28
C LEU A 168 -19.23 45.28 16.38
N LYS A 169 -18.13 44.55 16.29
CA LYS A 169 -18.05 43.39 15.43
C LYS A 169 -18.83 42.24 16.03
N ASN A 170 -18.73 42.10 17.35
CA ASN A 170 -19.53 41.12 18.06
C ASN A 170 -21.00 41.50 18.03
N GLU A 171 -21.27 42.80 18.18
CA GLU A 171 -22.62 43.33 18.11
C GLU A 171 -23.21 42.92 16.76
N MET A 172 -22.49 43.27 15.70
CA MET A 172 -22.79 42.82 14.35
C MET A 172 -23.08 41.33 14.31
N ALA A 173 -22.11 40.56 14.78
CA ALA A 173 -22.15 39.11 14.68
C ALA A 173 -23.35 38.51 15.39
N ARG A 174 -23.62 38.98 16.59
CA ARG A 174 -24.68 38.44 17.40
C ARG A 174 -26.04 38.71 16.79
N ALA A 175 -26.14 39.85 16.11
CA ALA A 175 -27.37 40.29 15.47
C ALA A 175 -27.82 39.36 14.34
N ASN A 176 -26.87 38.69 13.70
CA ASN A 176 -27.19 37.76 12.63
C ASN A 176 -27.32 36.33 13.13
N HIS A 177 -27.64 36.21 14.42
CA HIS A 177 -27.89 34.93 15.09
C HIS A 177 -26.64 34.05 15.24
N TYR A 178 -25.53 34.69 15.59
CA TYR A 178 -24.27 34.01 15.84
C TYR A 178 -23.85 34.19 17.30
N GLU A 179 -23.17 33.19 17.85
CA GLU A 179 -22.72 33.22 19.25
C GLU A 179 -21.72 34.32 19.55
N ASP A 180 -21.01 34.77 18.50
CA ASP A 180 -19.95 35.78 18.59
C ASP A 180 -19.31 35.95 17.21
N TYR A 181 -18.41 36.92 17.09
CA TYR A 181 -17.72 37.15 15.82
C TYR A 181 -16.89 35.94 15.39
N GLY A 182 -16.31 35.26 16.36
CA GLY A 182 -15.62 33.99 16.11
C GLY A 182 -16.59 33.02 15.47
N ASP A 183 -17.74 32.84 16.10
CA ASP A 183 -18.79 31.98 15.58
C ASP A 183 -19.16 32.36 14.14
N TYR A 184 -18.97 33.64 13.81
CA TYR A 184 -19.19 34.17 12.46
C TYR A 184 -18.17 33.61 11.47
N TRP A 185 -16.91 33.62 11.87
CA TRP A 185 -15.84 33.13 11.02
C TRP A 185 -15.90 31.63 10.85
N ARG A 186 -15.96 30.90 11.96
CA ARG A 186 -16.11 29.45 11.86
C ARG A 186 -17.22 29.15 10.86
N GLY A 187 -18.16 30.08 10.76
CA GLY A 187 -19.25 30.00 9.82
C GLY A 187 -18.84 29.48 8.45
N ASP A 188 -17.71 29.96 7.95
CA ASP A 188 -17.19 29.53 6.64
C ASP A 188 -17.20 28.01 6.45
N TYR A 189 -16.96 27.26 7.52
CA TYR A 189 -16.83 25.81 7.41
C TYR A 189 -18.15 25.05 7.59
N GLU A 190 -19.26 25.78 7.71
CA GLU A 190 -20.57 25.18 8.01
C GLU A 190 -21.22 24.48 6.83
N VAL A 191 -22.02 23.45 7.12
CA VAL A 191 -22.90 22.83 6.12
C VAL A 191 -24.14 22.19 6.76
N ASN A 192 -25.29 22.47 6.16
CA ASN A 192 -26.59 21.97 6.64
C ASN A 192 -27.36 21.21 5.55
N GLY A 193 -28.49 20.59 5.93
CA GLY A 193 -29.17 19.64 5.07
C GLY A 193 -28.19 18.51 4.82
N VAL A 194 -28.08 18.09 3.56
CA VAL A 194 -27.06 17.13 3.10
C VAL A 194 -26.50 16.20 4.19
N ASP A 195 -27.25 15.14 4.51
CA ASP A 195 -26.88 14.20 5.57
C ASP A 195 -25.64 13.39 5.19
N GLY A 196 -24.77 13.15 6.18
CA GLY A 196 -23.54 12.41 5.97
C GLY A 196 -22.37 13.32 5.70
N TYR A 197 -22.67 14.58 5.37
CA TYR A 197 -21.64 15.55 5.01
C TYR A 197 -21.75 16.86 5.79
N ASP A 198 -22.60 16.89 6.82
CA ASP A 198 -22.82 18.08 7.64
C ASP A 198 -21.58 18.51 8.43
N TYR A 199 -21.65 19.71 9.01
CA TYR A 199 -20.56 20.28 9.79
C TYR A 199 -21.08 21.54 10.48
N SER A 200 -20.77 21.70 11.76
CA SER A 200 -21.23 22.88 12.50
C SER A 200 -20.07 23.73 13.01
N ARG A 201 -20.38 24.98 13.34
CA ARG A 201 -19.39 25.96 13.80
C ARG A 201 -18.72 25.56 15.12
N GLY A 202 -19.06 24.38 15.63
CA GLY A 202 -18.41 23.84 16.80
C GLY A 202 -17.48 22.75 16.36
N GLN A 203 -17.98 21.89 15.46
CA GLN A 203 -17.23 20.77 14.89
C GLN A 203 -15.83 21.15 14.43
N LEU A 204 -15.66 22.43 14.09
CA LEU A 204 -14.37 22.97 13.70
C LEU A 204 -13.41 22.96 14.87
N ILE A 205 -13.69 23.75 15.91
CA ILE A 205 -12.80 23.87 17.06
C ILE A 205 -12.51 22.49 17.61
N GLU A 206 -13.54 21.64 17.63
CA GLU A 206 -13.39 20.29 18.13
C GLU A 206 -12.32 19.58 17.29
N ASP A 207 -12.49 19.66 15.97
CA ASP A 207 -11.57 19.04 15.01
C ASP A 207 -10.17 19.67 14.91
N VAL A 208 -10.07 20.97 15.09
CA VAL A 208 -8.77 21.64 15.07
C VAL A 208 -7.93 21.21 16.26
N GLU A 209 -8.51 21.32 17.46
CA GLU A 209 -7.81 20.96 18.67
C GLU A 209 -7.46 19.47 18.68
N HIS A 210 -8.36 18.62 18.19
CA HIS A 210 -8.07 17.18 18.13
C HIS A 210 -6.88 16.91 17.22
N THR A 211 -6.91 17.53 16.05
CA THR A 211 -5.85 17.36 15.08
C THR A 211 -4.53 17.91 15.65
N PHE A 212 -4.57 19.15 16.16
CA PHE A 212 -3.39 19.86 16.68
C PHE A 212 -2.59 19.06 17.73
N GLU A 213 -3.26 18.15 18.42
CA GLU A 213 -2.58 17.29 19.38
C GLU A 213 -1.50 16.46 18.70
N GLU A 214 -1.86 15.71 17.67
CA GLU A 214 -0.93 14.78 17.02
C GLU A 214 0.31 15.47 16.43
N ILE A 215 0.19 16.77 16.16
CA ILE A 215 1.32 17.56 15.75
C ILE A 215 2.36 17.70 16.88
N LYS A 216 1.88 17.91 18.10
CA LYS A 216 2.75 18.24 19.23
C LYS A 216 4.08 17.45 19.23
N PRO A 217 4.01 16.10 19.32
CA PRO A 217 5.22 15.29 19.30
C PRO A 217 6.23 15.81 18.28
N LEU A 218 5.78 15.86 17.03
CA LEU A 218 6.59 16.48 15.98
C LEU A 218 7.04 17.89 16.37
N TYR A 219 6.10 18.77 16.69
CA TYR A 219 6.46 20.13 17.01
C TYR A 219 7.55 20.25 18.07
N GLU A 220 7.24 19.73 19.26
CA GLU A 220 8.14 19.77 20.41
C GLU A 220 9.56 19.34 20.05
N HIS A 221 9.65 18.38 19.13
CA HIS A 221 10.95 17.87 18.72
C HIS A 221 11.68 18.87 17.83
N LEU A 222 10.97 19.44 16.85
CA LEU A 222 11.53 20.50 16.01
C LEU A 222 11.93 21.67 16.91
N HIS A 223 11.00 22.02 17.80
CA HIS A 223 11.29 22.98 18.83
C HIS A 223 12.61 22.66 19.51
N ALA A 224 12.63 21.52 20.18
CA ALA A 224 13.79 21.11 20.96
C ALA A 224 15.08 21.27 20.14
N TYR A 225 14.98 20.95 18.85
CA TYR A 225 16.14 20.94 17.98
C TYR A 225 16.64 22.34 17.74
N VAL A 226 15.75 23.22 17.24
CA VAL A 226 16.17 24.57 16.94
C VAL A 226 16.63 25.28 18.21
N ARG A 227 15.93 25.04 19.30
CA ARG A 227 16.35 25.63 20.56
C ARG A 227 17.87 25.41 20.70
N ALA A 228 18.33 24.18 20.64
CA ALA A 228 19.73 23.90 20.88
C ALA A 228 20.55 24.55 19.79
N LYS A 229 20.03 24.55 18.57
CA LYS A 229 20.76 25.14 17.47
C LYS A 229 20.89 26.63 17.76
N LEU A 230 19.88 27.23 18.39
CA LEU A 230 19.88 28.67 18.68
C LEU A 230 20.84 29.03 19.79
N MET A 231 20.85 28.24 20.87
CA MET A 231 21.73 28.48 22.00
C MET A 231 23.11 28.79 21.46
N ASN A 232 23.51 28.02 20.45
CA ASN A 232 24.80 28.19 19.85
C ASN A 232 24.97 29.54 19.22
N ALA A 233 23.94 30.01 18.52
CA ALA A 233 24.00 31.32 17.89
C ALA A 233 23.99 32.47 18.88
N TYR A 234 23.16 32.35 19.91
CA TYR A 234 23.00 33.40 20.92
C TYR A 234 23.39 32.82 22.28
N PRO A 235 24.69 32.51 22.45
CA PRO A 235 25.08 31.77 23.62
C PRO A 235 24.84 32.63 24.84
N SER A 236 24.33 31.98 25.88
CA SER A 236 23.99 32.59 27.16
C SER A 236 22.61 33.22 27.18
N TYR A 237 22.05 33.54 26.03
CA TYR A 237 20.76 34.20 26.01
C TYR A 237 19.58 33.26 26.14
N ILE A 238 19.81 31.96 25.94
CA ILE A 238 18.73 30.97 25.87
C ILE A 238 18.83 29.88 26.95
N SER A 239 17.68 29.42 27.43
CA SER A 239 17.60 28.34 28.40
C SER A 239 17.38 27.05 27.65
N PRO A 240 18.11 26.00 28.02
CA PRO A 240 18.00 24.69 27.37
C PRO A 240 16.72 23.92 27.72
N ILE A 241 15.87 24.48 28.57
CA ILE A 241 14.58 23.87 28.87
C ILE A 241 13.45 24.89 28.86
N GLY A 242 13.75 26.08 28.32
CA GLY A 242 12.81 27.21 28.28
C GLY A 242 12.14 27.42 26.93
N CYS A 243 11.27 28.42 26.88
CA CYS A 243 10.68 28.81 25.61
C CYS A 243 11.67 29.54 24.76
N LEU A 244 11.28 29.82 23.53
CA LEU A 244 12.15 30.53 22.63
C LEU A 244 11.82 32.01 22.62
N PRO A 245 12.81 32.86 22.94
CA PRO A 245 12.69 34.30 22.82
C PRO A 245 12.05 34.71 21.48
N ALA A 246 10.90 35.37 21.57
CA ALA A 246 10.07 35.62 20.40
C ALA A 246 10.77 36.42 19.28
N HIS A 247 11.87 37.07 19.62
CA HIS A 247 12.49 37.99 18.70
C HIS A 247 13.65 37.32 17.99
N LEU A 248 13.86 36.03 18.28
CA LEU A 248 14.92 35.27 17.62
C LEU A 248 14.41 34.21 16.64
N LEU A 249 13.17 34.35 16.15
CA LEU A 249 12.55 33.30 15.34
C LEU A 249 12.49 33.59 13.85
N GLY A 250 13.32 34.55 13.41
CA GLY A 250 13.47 34.80 11.97
C GLY A 250 12.55 35.76 11.25
N ASP A 251 11.35 35.99 11.78
CA ASP A 251 10.52 37.08 11.30
C ASP A 251 9.96 37.82 12.50
N MET A 252 9.17 38.86 12.24
CA MET A 252 8.69 39.78 13.28
C MET A 252 7.83 39.08 14.30
N TRP A 253 7.03 38.13 13.88
CA TRP A 253 6.09 37.53 14.80
C TRP A 253 6.51 36.10 15.09
N GLY A 254 7.45 35.59 14.31
CA GLY A 254 7.82 34.20 14.47
C GLY A 254 6.82 33.31 13.77
N ARG A 255 5.96 33.89 12.92
CA ARG A 255 4.95 33.12 12.20
C ARG A 255 5.57 31.98 11.42
N PHE A 256 6.72 32.23 10.83
CA PHE A 256 7.50 31.23 10.14
C PHE A 256 8.98 31.28 10.54
N TRP A 257 9.52 30.09 10.79
CA TRP A 257 10.92 29.97 11.16
C TRP A 257 11.80 29.74 9.95
N THR A 258 11.26 29.97 8.75
CA THR A 258 12.01 29.81 7.50
C THR A 258 13.45 30.32 7.64
N ASN A 259 13.59 31.63 7.81
CA ASN A 259 14.89 32.29 7.87
C ASN A 259 15.91 31.76 8.87
N LEU A 260 15.44 30.95 9.82
CA LEU A 260 16.35 30.26 10.75
C LEU A 260 17.18 29.14 10.11
N TYR A 261 16.88 28.82 8.86
CA TYR A 261 17.59 27.78 8.17
C TYR A 261 19.11 27.90 8.31
N SER A 262 19.63 29.08 8.02
CA SER A 262 21.09 29.34 8.02
C SER A 262 21.74 28.90 9.31
N LEU A 263 20.94 28.95 10.38
CA LEU A 263 21.39 28.66 11.71
C LEU A 263 21.10 27.23 12.12
N THR A 264 20.09 26.61 11.52
CA THR A 264 19.65 25.30 12.01
C THR A 264 19.95 24.15 11.07
N VAL A 265 20.54 24.48 9.91
CA VAL A 265 20.75 23.50 8.86
C VAL A 265 21.42 22.26 9.45
N PRO A 266 20.81 21.08 9.23
CA PRO A 266 21.39 19.81 9.64
C PRO A 266 22.79 19.60 9.10
N PHE A 267 22.94 19.75 7.78
CA PHE A 267 24.21 19.50 7.10
C PHE A 267 24.63 20.67 6.24
N GLY A 268 25.24 21.67 6.88
CA GLY A 268 25.62 22.91 6.21
C GLY A 268 26.58 22.71 5.06
N GLN A 269 27.11 21.49 4.98
CA GLN A 269 28.13 21.12 4.00
C GLN A 269 27.56 20.81 2.62
N LYS A 270 26.27 20.48 2.57
CA LYS A 270 25.58 20.17 1.32
C LYS A 270 25.03 21.46 0.70
N PRO A 271 24.89 21.48 -0.64
CA PRO A 271 24.68 22.78 -1.26
C PRO A 271 23.27 23.01 -1.79
N ASN A 272 23.23 23.69 -2.93
CA ASN A 272 22.00 24.12 -3.59
C ASN A 272 21.17 22.95 -4.11
N ILE A 273 19.87 23.05 -3.90
CA ILE A 273 18.93 22.46 -4.84
C ILE A 273 18.34 23.69 -5.49
N ASP A 274 19.15 24.31 -6.35
CA ASP A 274 18.76 25.55 -7.00
C ASP A 274 19.26 25.55 -8.44
N VAL A 275 18.31 25.65 -9.37
CA VAL A 275 18.62 25.63 -10.80
C VAL A 275 18.53 27.01 -11.43
N THR A 276 18.36 28.04 -10.58
CA THR A 276 18.40 29.43 -11.04
C THR A 276 19.62 29.59 -11.94
N ASP A 277 20.70 28.95 -11.51
CA ASP A 277 21.95 28.87 -12.26
C ASP A 277 21.71 28.21 -13.62
N ALA A 278 21.20 26.97 -13.58
CA ALA A 278 21.01 26.15 -14.79
C ALA A 278 19.92 26.64 -15.77
N MET A 279 18.91 27.34 -15.25
CA MET A 279 17.85 27.88 -16.10
C MET A 279 18.37 28.98 -17.01
N VAL A 280 19.05 29.95 -16.41
CA VAL A 280 19.60 31.12 -17.12
C VAL A 280 20.66 30.70 -18.14
N ASP A 281 21.33 29.58 -17.85
CA ASP A 281 22.33 28.97 -18.74
C ASP A 281 21.74 28.43 -20.06
N GLN A 282 20.59 27.75 -19.95
CA GLN A 282 19.84 27.23 -21.12
C GLN A 282 18.96 28.29 -21.76
N ALA A 283 19.21 29.54 -21.42
CA ALA A 283 18.51 30.71 -21.94
C ALA A 283 16.99 30.55 -21.97
N TRP A 284 16.43 30.35 -20.79
CA TRP A 284 15.00 30.31 -20.59
C TRP A 284 14.49 31.73 -20.41
N ASP A 285 13.24 31.98 -20.83
CA ASP A 285 12.62 33.27 -20.56
C ASP A 285 11.24 33.08 -19.93
N ALA A 286 10.56 34.19 -19.65
CA ALA A 286 9.22 34.18 -19.08
C ALA A 286 8.37 33.11 -19.74
N GLN A 287 8.14 33.28 -21.04
CA GLN A 287 7.39 32.33 -21.87
C GLN A 287 7.75 30.88 -21.58
N ARG A 288 9.03 30.53 -21.70
CA ARG A 288 9.46 29.17 -21.47
C ARG A 288 8.93 28.68 -20.11
N ILE A 289 9.10 29.53 -19.09
CA ILE A 289 8.66 29.20 -17.73
C ILE A 289 7.19 28.80 -17.67
N PHE A 290 6.32 29.65 -18.21
CA PHE A 290 4.90 29.39 -18.10
C PHE A 290 4.50 28.30 -19.05
N LYS A 291 5.16 28.27 -20.20
CA LYS A 291 4.88 27.27 -21.22
C LYS A 291 5.20 25.88 -20.68
N GLU A 292 6.09 25.86 -19.70
CA GLU A 292 6.48 24.64 -19.00
C GLU A 292 5.40 24.25 -17.99
N ALA A 293 5.03 25.22 -17.16
CA ALA A 293 3.95 25.02 -16.22
C ALA A 293 2.72 24.52 -16.98
N GLU A 294 2.44 25.14 -18.12
CA GLU A 294 1.38 24.66 -19.00
C GLU A 294 1.57 23.16 -19.25
N LYS A 295 2.76 22.78 -19.74
CA LYS A 295 3.02 21.39 -20.08
C LYS A 295 2.65 20.49 -18.90
N PHE A 296 3.06 20.89 -17.70
CA PHE A 296 2.89 20.12 -16.46
C PHE A 296 1.44 19.75 -16.18
N PHE A 297 0.53 20.69 -16.39
CA PHE A 297 -0.88 20.43 -16.13
C PHE A 297 -1.43 19.54 -17.21
N VAL A 298 -1.21 19.92 -18.46
CA VAL A 298 -1.60 19.09 -19.61
C VAL A 298 -1.20 17.62 -19.36
N SER A 299 0.01 17.43 -18.84
CA SER A 299 0.57 16.12 -18.53
C SER A 299 -0.35 15.23 -17.70
N VAL A 300 -1.11 15.83 -16.79
CA VAL A 300 -2.00 15.04 -15.94
C VAL A 300 -3.45 15.07 -16.42
N GLY A 301 -3.66 15.54 -17.64
CA GLY A 301 -4.98 15.43 -18.23
C GLY A 301 -5.77 16.71 -18.15
N LEU A 302 -5.09 17.80 -17.77
CA LEU A 302 -5.70 19.13 -17.76
C LEU A 302 -5.46 19.93 -19.06
N PRO A 303 -6.25 21.01 -19.27
CA PRO A 303 -6.18 21.73 -20.54
C PRO A 303 -5.05 22.74 -20.66
N ASN A 304 -4.69 23.05 -21.90
CA ASN A 304 -3.80 24.14 -22.22
C ASN A 304 -4.39 25.43 -21.63
N MET A 305 -3.53 26.37 -21.27
CA MET A 305 -3.98 27.73 -20.95
C MET A 305 -4.75 28.28 -22.14
N THR A 306 -5.70 29.16 -21.88
CA THR A 306 -6.51 29.71 -22.98
C THR A 306 -5.73 30.70 -23.83
N GLN A 307 -6.10 30.79 -25.11
CA GLN A 307 -5.53 31.77 -26.02
C GLN A 307 -5.54 33.14 -25.36
N GLY A 308 -6.64 33.45 -24.69
CA GLY A 308 -6.79 34.70 -23.95
C GLY A 308 -5.82 34.85 -22.80
N PHE A 309 -5.35 33.74 -22.26
CA PHE A 309 -4.41 33.79 -21.15
C PHE A 309 -3.05 34.28 -21.65
N TRP A 310 -2.67 33.81 -22.83
CA TRP A 310 -1.38 34.16 -23.39
C TRP A 310 -1.37 35.60 -23.84
N GLU A 311 -2.41 36.00 -24.56
CA GLU A 311 -2.46 37.34 -25.15
C GLU A 311 -2.94 38.45 -24.20
N ASN A 312 -3.32 38.09 -22.98
CA ASN A 312 -3.85 39.08 -22.03
C ASN A 312 -3.01 39.26 -20.78
N SER A 313 -2.42 38.16 -20.31
CA SER A 313 -1.58 38.15 -19.10
C SER A 313 -0.37 39.07 -19.20
N MET A 314 0.28 39.28 -18.05
CA MET A 314 1.55 40.01 -17.97
C MET A 314 2.63 39.20 -17.24
N LEU A 315 3.43 38.45 -18.00
CA LEU A 315 4.45 37.59 -17.43
C LEU A 315 5.79 38.31 -17.19
N THR A 316 5.85 39.59 -17.50
CA THR A 316 7.11 40.31 -17.34
C THR A 316 6.91 41.77 -16.93
N ASP A 317 7.82 42.25 -16.10
CA ASP A 317 7.83 43.64 -15.68
C ASP A 317 8.28 44.53 -16.84
N PRO A 318 7.54 45.62 -17.12
CA PRO A 318 7.94 46.61 -18.13
C PRO A 318 8.94 47.64 -17.62
N GLY A 319 9.45 47.41 -16.40
CA GLY A 319 10.46 48.26 -15.80
C GLY A 319 9.87 49.58 -15.35
N ASN A 320 10.52 50.68 -15.78
CA ASN A 320 9.98 52.02 -15.58
C ASN A 320 9.11 52.45 -16.76
N VAL A 321 8.72 53.72 -16.78
CA VAL A 321 7.75 54.24 -17.75
C VAL A 321 6.35 53.76 -17.38
N GLN A 322 6.20 52.44 -17.30
CA GLN A 322 4.95 51.84 -16.82
C GLN A 322 5.19 51.02 -15.56
N LYS A 323 4.97 51.67 -14.41
CA LYS A 323 5.21 51.05 -13.10
C LYS A 323 4.04 50.18 -12.68
N ALA A 324 4.34 48.97 -12.21
CA ALA A 324 3.33 47.97 -11.83
C ALA A 324 3.61 47.31 -10.48
N VAL A 325 2.55 46.94 -9.76
CA VAL A 325 2.67 46.26 -8.47
C VAL A 325 2.80 44.75 -8.70
N CYS A 326 3.83 44.12 -8.11
CA CYS A 326 4.33 42.83 -8.59
C CYS A 326 4.04 41.59 -7.77
N HIS A 327 3.25 41.72 -6.70
CA HIS A 327 2.78 40.55 -5.95
C HIS A 327 2.17 39.54 -6.93
N PRO A 328 2.71 38.31 -7.01
CA PRO A 328 2.26 37.33 -7.99
C PRO A 328 0.82 36.88 -7.73
N THR A 329 -0.04 37.03 -8.74
CA THR A 329 -1.47 36.69 -8.60
C THR A 329 -2.09 36.04 -9.84
N ALA A 330 -3.06 35.17 -9.58
CA ALA A 330 -3.91 34.62 -10.61
C ALA A 330 -5.16 35.47 -10.63
N TRP A 331 -5.71 35.65 -11.83
CA TRP A 331 -6.90 36.46 -12.01
C TRP A 331 -8.01 35.66 -12.67
N ASP A 332 -9.13 35.54 -11.98
CA ASP A 332 -10.36 35.01 -12.57
C ASP A 332 -11.34 36.16 -12.72
N LEU A 333 -11.30 36.80 -13.88
CA LEU A 333 -12.10 38.00 -14.13
C LEU A 333 -13.55 37.65 -14.42
N GLY A 334 -13.77 36.45 -14.93
CA GLY A 334 -15.08 36.04 -15.40
C GLY A 334 -15.12 36.20 -16.91
N LYS A 335 -16.20 35.75 -17.53
CA LYS A 335 -16.35 35.81 -18.98
C LYS A 335 -15.23 35.00 -19.65
N GLY A 336 -14.83 33.90 -19.03
CA GLY A 336 -13.77 33.05 -19.58
C GLY A 336 -12.41 33.73 -19.68
N ASP A 337 -12.16 34.67 -18.79
CA ASP A 337 -11.00 35.50 -18.87
C ASP A 337 -10.10 35.18 -17.70
N PHE A 338 -8.97 34.55 -18.00
CA PHE A 338 -8.04 34.08 -16.97
C PHE A 338 -6.66 34.62 -17.23
N ARG A 339 -6.07 35.20 -16.18
CA ARG A 339 -4.78 35.88 -16.33
C ARG A 339 -3.89 35.75 -15.10
N ILE A 340 -2.59 35.71 -15.36
CA ILE A 340 -1.62 35.81 -14.29
C ILE A 340 -0.90 37.14 -14.41
N LEU A 341 -0.72 37.80 -13.27
CA LEU A 341 0.16 38.94 -13.20
C LEU A 341 1.38 38.48 -12.43
N MET A 342 2.51 38.36 -13.12
CA MET A 342 3.79 38.00 -12.48
C MET A 342 5.04 38.64 -13.12
N CYS A 343 5.68 39.55 -12.38
CA CYS A 343 6.91 40.21 -12.85
C CYS A 343 8.08 39.22 -12.81
N THR A 344 8.12 38.34 -13.80
CA THR A 344 9.01 37.17 -13.80
C THR A 344 10.53 37.47 -13.92
N LYS A 345 11.28 36.86 -13.01
CA LYS A 345 12.74 36.75 -13.09
C LYS A 345 13.04 35.26 -13.24
N VAL A 346 14.05 34.92 -14.05
CA VAL A 346 14.35 33.52 -14.35
C VAL A 346 15.01 32.86 -13.15
N THR A 347 14.18 32.50 -12.18
CA THR A 347 14.66 31.95 -10.91
C THR A 347 13.83 30.73 -10.58
N MET A 348 14.45 29.74 -9.94
CA MET A 348 13.72 28.59 -9.44
C MET A 348 12.47 29.05 -8.64
N ASP A 349 12.68 29.87 -7.61
CA ASP A 349 11.58 30.44 -6.79
C ASP A 349 10.38 30.89 -7.62
N ASP A 350 10.67 31.60 -8.72
CA ASP A 350 9.69 32.14 -9.65
C ASP A 350 9.10 31.03 -10.48
N PHE A 351 9.98 30.12 -10.91
CA PHE A 351 9.60 28.97 -11.68
C PHE A 351 8.55 28.20 -10.89
N LEU A 352 8.84 27.95 -9.62
CA LEU A 352 7.88 27.31 -8.74
C LEU A 352 6.60 28.13 -8.62
N THR A 353 6.74 29.40 -8.26
CA THR A 353 5.60 30.31 -8.12
C THR A 353 4.64 30.20 -9.31
N ALA A 354 5.20 30.19 -10.51
CA ALA A 354 4.41 30.00 -11.72
C ALA A 354 3.58 28.70 -11.72
N HIS A 355 4.13 27.61 -11.19
CA HIS A 355 3.36 26.39 -11.00
C HIS A 355 2.25 26.58 -9.96
N HIS A 356 2.53 27.31 -8.88
CA HIS A 356 1.51 27.64 -7.89
C HIS A 356 0.38 28.45 -8.52
N GLU A 357 0.71 29.62 -9.07
CA GLU A 357 -0.34 30.54 -9.50
C GLU A 357 -1.17 29.97 -10.64
N MET A 358 -0.50 29.28 -11.57
CA MET A 358 -1.20 28.61 -12.66
C MET A 358 -2.11 27.48 -12.16
N GLY A 359 -1.81 26.96 -10.97
CA GLY A 359 -2.71 26.05 -10.27
C GLY A 359 -4.04 26.70 -9.95
N HIS A 360 -3.99 27.90 -9.35
CA HIS A 360 -5.20 28.69 -9.03
C HIS A 360 -5.96 28.87 -10.32
N ILE A 361 -5.27 29.28 -11.38
CA ILE A 361 -5.94 29.44 -12.68
C ILE A 361 -6.71 28.17 -13.10
N GLN A 362 -6.03 27.02 -13.00
CA GLN A 362 -6.64 25.76 -13.38
C GLN A 362 -7.88 25.46 -12.54
N TYR A 363 -7.82 25.80 -11.25
CA TYR A 363 -8.97 25.66 -10.39
C TYR A 363 -10.04 26.62 -10.93
N ASP A 364 -9.66 27.88 -11.13
CA ASP A 364 -10.60 28.91 -11.58
C ASP A 364 -11.36 28.49 -12.84
N MET A 365 -10.68 27.75 -13.73
CA MET A 365 -11.30 27.29 -14.97
C MET A 365 -12.24 26.13 -14.67
N ALA A 366 -11.72 25.13 -13.97
CA ALA A 366 -12.47 23.96 -13.52
C ALA A 366 -13.87 24.33 -13.08
N TYR A 367 -13.99 25.33 -12.23
CA TYR A 367 -15.29 25.62 -11.66
C TYR A 367 -16.01 26.75 -12.37
N ALA A 368 -15.62 27.02 -13.61
CA ALA A 368 -16.18 28.16 -14.34
C ALA A 368 -17.59 27.93 -14.86
N ALA A 369 -17.93 26.69 -15.15
CA ALA A 369 -19.26 26.39 -15.64
C ALA A 369 -20.29 26.51 -14.53
N GLN A 370 -19.85 26.53 -13.28
CA GLN A 370 -20.74 26.71 -12.14
C GLN A 370 -21.38 28.10 -12.20
N PRO A 371 -22.60 28.25 -11.69
CA PRO A 371 -23.10 29.62 -11.73
C PRO A 371 -22.21 30.53 -10.91
N PHE A 372 -22.12 31.79 -11.36
CA PHE A 372 -21.25 32.82 -10.80
C PHE A 372 -21.02 32.73 -9.29
N LEU A 373 -22.09 32.61 -8.51
CA LEU A 373 -21.97 32.63 -7.05
C LEU A 373 -21.31 31.40 -6.44
N LEU A 374 -21.14 30.37 -7.27
CA LEU A 374 -20.59 29.10 -6.84
C LEU A 374 -19.18 28.89 -7.37
N ARG A 375 -18.67 29.91 -8.05
CA ARG A 375 -17.31 29.90 -8.55
C ARG A 375 -16.37 30.34 -7.44
N ASN A 376 -15.71 29.37 -6.83
CA ASN A 376 -14.89 29.62 -5.67
C ASN A 376 -14.54 28.32 -4.99
N GLY A 377 -13.28 28.17 -4.61
CA GLY A 377 -12.83 27.00 -3.85
C GLY A 377 -13.81 26.59 -2.76
N ALA A 378 -13.91 25.29 -2.50
CA ALA A 378 -14.86 24.77 -1.53
C ALA A 378 -14.87 25.59 -0.25
N ASN A 379 -13.75 25.67 0.46
CA ASN A 379 -13.68 26.57 1.59
C ASN A 379 -12.48 27.50 1.53
N GLU A 380 -12.39 28.47 2.45
CA GLU A 380 -11.32 29.45 2.43
C GLU A 380 -9.93 28.82 2.29
N GLY A 381 -9.82 27.58 2.74
CA GLY A 381 -8.57 26.84 2.67
C GLY A 381 -8.25 26.20 1.34
N PHE A 382 -9.24 25.92 0.50
CA PHE A 382 -9.05 25.06 -0.67
C PHE A 382 -8.18 25.61 -1.79
N HIS A 383 -8.28 26.91 -2.03
CA HIS A 383 -7.62 27.45 -3.20
C HIS A 383 -6.11 27.55 -2.99
N GLU A 384 -5.70 28.04 -1.82
CA GLU A 384 -4.28 28.14 -1.53
C GLU A 384 -3.60 26.79 -1.47
N ALA A 385 -4.35 25.76 -1.06
CA ALA A 385 -3.86 24.40 -0.95
C ALA A 385 -3.55 23.82 -2.30
N VAL A 386 -4.52 23.93 -3.20
CA VAL A 386 -4.31 23.48 -4.56
C VAL A 386 -3.04 24.15 -5.11
N GLY A 387 -2.96 25.47 -4.92
CA GLY A 387 -1.81 26.24 -5.33
C GLY A 387 -0.55 25.53 -4.90
N GLU A 388 -0.53 25.12 -3.63
CA GLU A 388 0.68 24.64 -2.98
C GLU A 388 1.16 23.23 -3.34
N ILE A 389 0.22 22.35 -3.70
CA ILE A 389 0.54 21.01 -4.19
C ILE A 389 1.43 21.06 -5.41
N MET A 390 1.20 22.12 -6.21
CA MET A 390 1.84 22.23 -7.50
C MET A 390 3.31 22.46 -7.28
N SER A 391 3.64 23.34 -6.35
CA SER A 391 5.03 23.55 -6.00
C SER A 391 5.62 22.29 -5.34
N LEU A 392 4.79 21.52 -4.65
CA LEU A 392 5.24 20.24 -4.12
C LEU A 392 5.74 19.28 -5.19
N SER A 393 4.95 19.08 -6.25
CA SER A 393 5.38 18.15 -7.29
C SER A 393 6.51 18.74 -8.13
N ALA A 394 6.47 20.04 -8.38
CA ALA A 394 7.47 20.65 -9.24
C ALA A 394 8.85 20.70 -8.59
N ALA A 395 8.91 20.69 -7.25
CA ALA A 395 10.19 20.87 -6.52
C ALA A 395 10.99 19.57 -6.30
N THR A 396 10.39 18.44 -6.67
CA THR A 396 11.06 17.14 -6.55
C THR A 396 12.23 17.09 -7.50
N PRO A 397 13.35 16.49 -7.06
CA PRO A 397 14.50 16.39 -7.95
C PRO A 397 14.16 15.55 -9.19
N LYS A 398 13.16 14.66 -9.07
CA LYS A 398 12.70 13.86 -10.21
C LYS A 398 12.21 14.74 -11.34
N HIS A 399 11.22 15.58 -11.04
CA HIS A 399 10.65 16.50 -12.04
C HIS A 399 11.73 17.41 -12.66
N LEU A 400 12.61 17.92 -11.82
CA LEU A 400 13.67 18.82 -12.26
C LEU A 400 14.64 18.16 -13.28
N LYS A 401 14.86 16.86 -13.14
CA LYS A 401 15.66 16.10 -14.10
C LYS A 401 14.91 15.99 -15.41
N SER A 402 13.71 15.41 -15.34
CA SER A 402 12.90 15.05 -16.50
C SER A 402 12.43 16.26 -17.30
N ILE A 403 13.32 17.22 -17.45
CA ILE A 403 12.92 18.54 -17.92
C ILE A 403 14.17 19.25 -18.40
N GLY A 404 15.32 18.72 -17.95
CA GLY A 404 16.62 19.25 -18.33
C GLY A 404 17.02 20.49 -17.56
N LEU A 405 16.63 20.56 -16.30
CA LEU A 405 17.08 21.66 -15.45
C LEU A 405 18.07 21.15 -14.45
N LEU A 406 17.80 19.94 -13.96
CA LEU A 406 18.72 19.27 -13.06
C LEU A 406 19.65 18.38 -13.85
N SER A 407 20.95 18.61 -13.71
CA SER A 407 21.96 17.84 -14.42
C SER A 407 21.69 16.33 -14.27
N PRO A 408 21.66 15.61 -15.43
CA PRO A 408 21.32 14.20 -15.51
C PRO A 408 21.74 13.36 -14.29
N ASP A 409 23.05 13.19 -14.10
CA ASP A 409 23.59 12.30 -13.05
C ASP A 409 23.90 12.98 -11.70
N PHE A 410 22.84 13.38 -11.02
CA PHE A 410 22.89 13.89 -9.65
C PHE A 410 22.11 12.90 -8.78
N GLN A 411 22.71 12.45 -7.68
CA GLN A 411 22.03 11.52 -6.78
C GLN A 411 21.55 12.19 -5.50
N GLU A 412 20.68 11.51 -4.77
CA GLU A 412 20.10 12.10 -3.57
C GLU A 412 20.70 11.51 -2.32
N ASP A 413 21.54 12.30 -1.67
CA ASP A 413 22.04 11.99 -0.33
C ASP A 413 20.88 12.11 0.64
N ASN A 414 20.67 11.08 1.44
CA ASN A 414 19.69 11.16 2.52
C ASN A 414 19.87 12.41 3.40
N GLU A 415 21.03 13.04 3.26
CA GLU A 415 21.37 14.26 3.98
C GLU A 415 20.78 15.52 3.30
N THR A 416 20.79 15.54 1.97
CA THR A 416 20.17 16.62 1.19
C THR A 416 18.66 16.62 1.38
N GLU A 417 18.12 15.43 1.67
CA GLU A 417 16.70 15.25 1.84
C GLU A 417 16.25 15.67 3.24
N ILE A 418 17.08 15.32 4.22
CA ILE A 418 16.88 15.77 5.58
C ILE A 418 17.02 17.31 5.61
N ASN A 419 18.00 17.85 4.87
CA ASN A 419 18.12 19.28 4.71
C ASN A 419 16.82 19.93 4.27
N PHE A 420 16.38 19.55 3.08
CA PHE A 420 15.14 20.01 2.48
C PHE A 420 13.96 19.88 3.44
N LEU A 421 13.87 18.77 4.14
CA LEU A 421 12.72 18.56 5.00
C LEU A 421 12.67 19.55 6.15
N LEU A 422 13.78 19.67 6.87
CA LEU A 422 13.98 20.68 7.91
C LEU A 422 13.57 22.06 7.39
N LYS A 423 14.00 22.33 6.16
CA LYS A 423 13.64 23.54 5.46
C LYS A 423 12.13 23.72 5.50
N GLN A 424 11.44 22.71 5.01
CA GLN A 424 9.99 22.64 5.03
C GLN A 424 9.41 22.83 6.44
N ALA A 425 10.01 22.15 7.41
CA ALA A 425 9.43 22.16 8.72
C ALA A 425 9.45 23.58 9.27
N LEU A 426 10.61 24.24 9.21
CA LEU A 426 10.80 25.64 9.62
C LEU A 426 9.60 26.52 9.24
N THR A 427 9.09 26.27 8.03
CA THR A 427 7.89 26.94 7.51
C THR A 427 6.55 26.21 7.81
N ILE A 428 6.35 25.04 7.19
CA ILE A 428 5.09 24.29 7.29
C ILE A 428 4.74 23.92 8.73
N VAL A 429 5.71 23.45 9.49
CA VAL A 429 5.42 22.98 10.85
C VAL A 429 5.62 24.08 11.93
N GLY A 430 6.57 24.98 11.74
CA GLY A 430 6.74 26.07 12.70
C GLY A 430 5.46 26.89 12.83
N THR A 431 4.85 27.23 11.69
CA THR A 431 3.74 28.17 11.65
C THR A 431 2.44 27.61 12.20
N LEU A 432 2.41 26.32 12.51
CA LEU A 432 1.14 25.72 12.83
C LEU A 432 0.66 26.07 14.22
N PRO A 433 1.49 25.83 15.25
CA PRO A 433 1.05 26.19 16.60
C PRO A 433 0.86 27.67 16.65
N PHE A 434 1.82 28.39 16.09
CA PHE A 434 1.70 29.82 15.96
C PHE A 434 0.33 30.19 15.50
N THR A 435 -0.10 29.58 14.40
CA THR A 435 -1.37 29.89 13.82
C THR A 435 -2.43 29.54 14.82
N TYR A 436 -2.60 28.25 15.09
CA TYR A 436 -3.69 27.80 15.96
C TYR A 436 -3.79 28.59 17.28
N MET A 437 -2.66 28.91 17.89
CA MET A 437 -2.68 29.69 19.10
C MET A 437 -3.27 31.07 18.79
N LEU A 438 -2.73 31.75 17.79
CA LEU A 438 -3.22 33.05 17.39
C LEU A 438 -4.74 33.05 17.34
N GLU A 439 -5.34 32.16 16.54
CA GLU A 439 -6.80 32.25 16.40
C GLU A 439 -7.62 31.69 17.54
N LYS A 440 -6.99 30.97 18.44
CA LYS A 440 -7.64 30.54 19.65
C LYS A 440 -7.90 31.79 20.49
N TRP A 441 -6.84 32.54 20.77
CA TRP A 441 -6.93 33.77 21.55
C TRP A 441 -7.92 34.74 20.96
N ARG A 442 -7.92 34.86 19.64
CA ARG A 442 -8.87 35.73 18.95
C ARG A 442 -10.27 35.17 19.24
N TRP A 443 -10.46 33.88 18.99
CA TRP A 443 -11.72 33.22 19.24
C TRP A 443 -12.26 33.54 20.64
N MET A 444 -11.39 33.36 21.63
CA MET A 444 -11.73 33.52 23.04
C MET A 444 -12.03 34.96 23.37
N VAL A 445 -11.38 35.89 22.70
CA VAL A 445 -11.70 37.28 22.91
C VAL A 445 -13.14 37.51 22.48
N PHE A 446 -13.52 36.97 21.32
CA PHE A 446 -14.87 37.13 20.78
C PHE A 446 -15.93 36.35 21.55
N LYS A 447 -15.53 35.26 22.21
CA LYS A 447 -16.44 34.49 23.07
C LYS A 447 -16.51 35.17 24.45
N GLY A 448 -15.90 36.35 24.55
CA GLY A 448 -15.86 37.14 25.77
C GLY A 448 -15.17 36.47 26.94
N GLU A 449 -14.06 35.79 26.66
CA GLU A 449 -13.38 35.00 27.69
C GLU A 449 -12.08 35.63 28.19
N ILE A 450 -11.67 36.74 27.59
CA ILE A 450 -10.47 37.42 28.03
C ILE A 450 -10.85 38.84 28.40
N PRO A 451 -10.69 39.20 29.69
CA PRO A 451 -11.03 40.55 30.12
C PRO A 451 -10.06 41.57 29.56
N LYS A 452 -10.61 42.70 29.15
CA LYS A 452 -9.85 43.84 28.66
C LYS A 452 -8.50 43.88 29.38
N ASP A 453 -8.56 43.97 30.71
CA ASP A 453 -7.38 44.18 31.55
C ASP A 453 -6.43 42.96 31.68
N GLN A 454 -6.85 41.82 31.14
CA GLN A 454 -5.99 40.63 31.10
C GLN A 454 -5.74 40.08 29.69
N TRP A 455 -5.73 40.97 28.71
CA TRP A 455 -5.54 40.63 27.31
C TRP A 455 -4.16 40.11 27.01
N MET A 456 -3.14 40.86 27.43
CA MET A 456 -1.75 40.50 27.13
C MET A 456 -1.22 39.45 28.09
N LYS A 457 -1.85 39.35 29.25
CA LYS A 457 -1.56 38.27 30.18
C LYS A 457 -1.89 36.97 29.48
N LYS A 458 -3.07 36.88 28.87
CA LYS A 458 -3.56 35.62 28.31
C LYS A 458 -2.90 35.27 26.98
N TRP A 459 -2.60 36.30 26.18
CA TRP A 459 -1.83 36.15 24.96
C TRP A 459 -0.62 35.31 25.32
N TRP A 460 0.31 35.89 26.09
CA TRP A 460 1.62 35.27 26.34
C TRP A 460 1.59 34.04 27.21
N GLU A 461 0.55 33.91 28.05
CA GLU A 461 0.31 32.68 28.80
C GLU A 461 0.21 31.54 27.78
N MET A 462 -0.49 31.80 26.66
CA MET A 462 -0.72 30.78 25.62
C MET A 462 0.44 30.62 24.65
N LYS A 463 1.15 31.70 24.32
CA LYS A 463 2.39 31.59 23.54
C LYS A 463 3.38 30.69 24.26
N ARG A 464 3.40 30.76 25.58
CA ARG A 464 4.27 29.90 26.33
C ARG A 464 3.77 28.45 26.35
N GLU A 465 2.48 28.26 26.64
CA GLU A 465 1.96 26.91 26.78
C GLU A 465 1.93 26.23 25.44
N ILE A 466 1.35 26.91 24.46
CA ILE A 466 1.05 26.29 23.17
C ILE A 466 2.24 26.32 22.20
N VAL A 467 2.87 27.48 22.06
CA VAL A 467 3.85 27.71 21.02
C VAL A 467 5.29 27.51 21.47
N GLY A 468 5.55 27.68 22.76
CA GLY A 468 6.88 27.51 23.30
C GLY A 468 7.75 28.72 23.04
N VAL A 469 7.14 29.90 23.04
CA VAL A 469 7.91 31.13 22.95
C VAL A 469 7.59 32.08 24.10
N VAL A 470 8.50 33.02 24.34
CA VAL A 470 8.40 34.00 25.42
C VAL A 470 8.78 35.38 24.98
N GLU A 471 8.21 36.37 25.64
CA GLU A 471 8.54 37.78 25.38
C GLU A 471 9.90 38.18 25.96
N PRO A 472 10.71 38.88 25.17
CA PRO A 472 11.99 39.47 25.61
C PRO A 472 11.82 40.58 26.66
N VAL A 473 10.69 41.28 26.57
CA VAL A 473 10.28 42.32 27.50
C VAL A 473 8.86 42.00 27.93
N PRO A 474 8.51 42.23 29.22
CA PRO A 474 7.13 42.01 29.66
C PRO A 474 6.22 43.14 29.18
N HIS A 475 4.95 42.78 28.96
CA HIS A 475 4.01 43.62 28.20
C HIS A 475 2.67 43.69 28.93
N ASP A 476 2.30 44.87 29.43
CA ASP A 476 0.98 45.00 30.04
C ASP A 476 -0.05 45.35 28.97
N GLU A 477 -1.22 45.83 29.41
CA GLU A 477 -2.31 46.12 28.49
C GLU A 477 -2.09 47.39 27.67
N THR A 478 -1.04 48.14 28.00
CA THR A 478 -0.62 49.30 27.19
C THR A 478 -0.37 48.83 25.74
N TYR A 479 0.14 47.60 25.62
CA TYR A 479 0.43 46.94 24.33
C TYR A 479 -0.80 46.25 23.75
N CYS A 480 -0.62 45.71 22.55
CA CYS A 480 -1.63 44.90 21.89
C CYS A 480 -0.98 44.12 20.78
N ASP A 481 -0.13 43.19 21.18
CA ASP A 481 0.71 42.42 20.26
C ASP A 481 -0.03 41.61 19.21
N PRO A 482 -1.15 40.96 19.57
CA PRO A 482 -1.84 40.19 18.53
C PRO A 482 -2.14 41.01 17.28
N ALA A 483 -2.59 42.26 17.45
CA ALA A 483 -2.82 43.16 16.31
C ALA A 483 -1.55 43.74 15.64
N SER A 484 -0.40 43.47 16.23
CA SER A 484 0.85 43.80 15.57
C SER A 484 0.99 43.07 14.24
N LEU A 485 0.13 42.08 14.02
CA LEU A 485 0.20 41.22 12.84
C LEU A 485 -0.93 41.48 11.82
N PHE A 486 -0.51 41.84 10.60
CA PHE A 486 -1.41 42.14 9.48
C PHE A 486 -2.77 41.53 9.68
N HIS A 487 -2.86 40.23 9.50
CA HIS A 487 -4.12 39.53 9.47
C HIS A 487 -5.07 39.91 10.59
N VAL A 488 -4.51 40.12 11.78
CA VAL A 488 -5.30 40.49 12.93
C VAL A 488 -5.74 41.96 12.86
N SER A 489 -4.78 42.87 12.66
CA SER A 489 -5.11 44.27 12.60
C SER A 489 -5.67 44.68 11.26
N ASN A 490 -5.92 43.70 10.38
CA ASN A 490 -6.59 43.96 9.09
C ASN A 490 -7.82 43.08 8.84
N ASP A 491 -8.42 42.59 9.94
CA ASP A 491 -9.69 41.85 9.97
C ASP A 491 -9.77 40.65 9.03
N TYR A 492 -8.97 39.62 9.31
CA TYR A 492 -8.87 38.49 8.42
C TYR A 492 -8.75 37.21 9.23
N SER A 493 -9.63 36.23 8.96
CA SER A 493 -9.55 34.94 9.65
C SER A 493 -8.21 34.30 9.31
N PHE A 494 -7.45 33.95 10.35
CA PHE A 494 -6.12 33.35 10.22
C PHE A 494 -6.14 31.81 10.19
N ILE A 495 -7.19 31.22 10.74
CA ILE A 495 -7.29 29.77 10.83
C ILE A 495 -7.21 29.10 9.46
N ARG A 496 -7.54 29.84 8.40
CA ARG A 496 -7.43 29.27 7.06
C ARG A 496 -6.04 28.68 6.88
N TYR A 497 -5.02 29.44 7.28
CA TYR A 497 -3.63 29.00 7.15
C TYR A 497 -3.34 27.68 7.89
N TYR A 498 -4.26 27.27 8.75
CA TYR A 498 -4.06 26.01 9.43
C TYR A 498 -4.71 24.89 8.59
N THR A 499 -5.98 25.06 8.25
CA THR A 499 -6.70 24.03 7.52
C THR A 499 -6.15 23.79 6.13
N ARG A 500 -6.04 24.84 5.33
CA ARG A 500 -5.36 24.73 4.05
C ARG A 500 -4.15 23.83 4.22
N THR A 501 -3.33 24.17 5.21
CA THR A 501 -2.03 23.54 5.36
C THR A 501 -2.15 22.05 5.55
N LEU A 502 -3.21 21.62 6.24
CA LEU A 502 -3.52 20.20 6.39
C LEU A 502 -4.01 19.58 5.06
N TYR A 503 -5.13 20.07 4.56
CA TYR A 503 -5.62 19.70 3.25
C TYR A 503 -4.48 19.44 2.28
N GLN A 504 -3.53 20.37 2.24
CA GLN A 504 -2.59 20.37 1.14
C GLN A 504 -1.75 19.15 1.23
N PHE A 505 -1.78 18.49 2.38
CA PHE A 505 -1.08 17.25 2.47
C PHE A 505 -2.00 16.09 2.14
N GLN A 506 -3.14 16.04 2.80
CA GLN A 506 -4.18 15.10 2.43
C GLN A 506 -4.34 15.03 0.92
N PHE A 507 -4.19 16.15 0.24
CA PHE A 507 -4.33 16.21 -1.22
C PHE A 507 -3.14 15.50 -1.86
N GLN A 508 -1.96 16.12 -1.79
CA GLN A 508 -0.75 15.62 -2.44
C GLN A 508 -0.58 14.12 -2.21
N GLU A 509 -0.94 13.69 -1.00
CA GLU A 509 -0.92 12.27 -0.66
C GLU A 509 -1.87 11.53 -1.55
N ALA A 510 -3.16 11.79 -1.37
CA ALA A 510 -4.16 11.10 -2.17
C ALA A 510 -3.68 10.96 -3.62
N LEU A 511 -3.12 12.05 -4.14
CA LEU A 511 -2.71 12.12 -5.52
C LEU A 511 -1.52 11.27 -5.87
N CYS A 512 -0.65 11.01 -4.92
CA CYS A 512 0.53 10.21 -5.19
C CYS A 512 0.16 8.75 -5.15
N GLN A 513 -0.60 8.36 -4.11
CA GLN A 513 -1.18 7.04 -4.07
C GLN A 513 -1.78 6.69 -5.43
N ALA A 514 -2.55 7.63 -5.96
CA ALA A 514 -3.29 7.46 -7.21
C ALA A 514 -2.37 7.54 -8.41
N ALA A 515 -1.28 8.28 -8.26
CA ALA A 515 -0.29 8.36 -9.30
C ALA A 515 0.66 7.19 -9.15
N LYS A 516 0.42 6.38 -8.12
CA LYS A 516 1.28 5.27 -7.75
C LYS A 516 2.72 5.74 -7.59
N HIS A 517 3.02 6.32 -6.43
CA HIS A 517 4.36 6.80 -6.15
C HIS A 517 5.00 5.85 -5.15
N GLU A 518 6.27 5.49 -5.37
CA GLU A 518 6.91 4.46 -4.53
C GLU A 518 7.80 4.91 -3.36
N GLY A 519 8.50 6.04 -3.51
CA GLY A 519 9.40 6.55 -2.46
C GLY A 519 8.74 7.14 -1.20
N PRO A 520 9.54 7.89 -0.39
CA PRO A 520 8.93 8.67 0.69
C PRO A 520 7.93 9.64 0.08
N LEU A 521 6.84 9.90 0.80
CA LEU A 521 5.76 10.74 0.29
C LEU A 521 6.24 12.09 -0.26
N HIS A 522 7.36 12.56 0.27
CA HIS A 522 7.88 13.87 -0.07
C HIS A 522 8.75 13.87 -1.32
N LYS A 523 9.04 12.70 -1.84
CA LYS A 523 9.78 12.60 -3.10
C LYS A 523 8.81 12.66 -4.28
N CYS A 524 7.51 12.68 -3.97
CA CYS A 524 6.44 12.57 -4.97
C CYS A 524 6.29 13.74 -5.94
N ASP A 525 6.29 13.40 -7.23
CA ASP A 525 5.95 14.30 -8.33
C ASP A 525 4.83 13.64 -9.14
N ILE A 526 3.68 14.32 -9.27
CA ILE A 526 2.49 13.76 -9.97
C ILE A 526 2.47 13.94 -11.49
N SER A 527 3.55 14.47 -12.05
CA SER A 527 3.61 14.70 -13.49
C SER A 527 3.21 13.48 -14.31
N ASN A 528 2.90 13.73 -15.58
CA ASN A 528 2.55 12.69 -16.54
C ASN A 528 1.41 11.75 -16.08
N SER A 529 0.92 11.95 -14.85
CA SER A 529 -0.08 11.04 -14.29
C SER A 529 -1.51 11.49 -14.51
N THR A 530 -2.07 11.16 -15.68
CA THR A 530 -3.44 11.59 -15.99
C THR A 530 -4.44 11.00 -15.00
N GLU A 531 -4.17 9.79 -14.51
CA GLU A 531 -5.11 9.14 -13.60
C GLU A 531 -5.36 9.97 -12.33
N ALA A 532 -4.28 10.54 -11.80
CA ALA A 532 -4.32 11.43 -10.64
C ALA A 532 -5.06 12.74 -10.93
N GLY A 533 -4.81 13.33 -12.10
CA GLY A 533 -5.48 14.57 -12.48
C GLY A 533 -6.99 14.44 -12.37
N GLN A 534 -7.52 13.43 -13.06
CA GLN A 534 -8.94 13.12 -13.00
C GLN A 534 -9.50 13.23 -11.58
N LYS A 535 -8.76 12.66 -10.62
CA LYS A 535 -9.24 12.57 -9.24
C LYS A 535 -9.27 13.94 -8.57
N LEU A 536 -8.31 14.79 -8.93
CA LEU A 536 -8.23 16.17 -8.47
C LEU A 536 -9.35 17.01 -9.06
N PHE A 537 -9.36 17.07 -10.39
CA PHE A 537 -10.40 17.72 -11.15
C PHE A 537 -11.80 17.38 -10.66
N ASN A 538 -11.92 16.22 -10.02
CA ASN A 538 -13.19 15.82 -9.48
C ASN A 538 -13.69 16.76 -8.40
N MET A 539 -12.80 17.18 -7.50
CA MET A 539 -13.19 18.23 -6.59
C MET A 539 -13.10 19.60 -7.28
N LEU A 540 -12.08 19.82 -8.08
CA LEU A 540 -11.91 21.11 -8.67
C LEU A 540 -13.18 21.66 -9.32
N ARG A 541 -13.82 20.86 -10.18
CA ARG A 541 -14.94 21.35 -11.02
C ARG A 541 -16.15 21.71 -10.21
N LEU A 542 -16.13 21.40 -8.93
CA LEU A 542 -17.25 21.70 -8.06
C LEU A 542 -17.43 23.15 -7.65
N GLY A 543 -16.34 23.89 -7.42
CA GLY A 543 -16.43 25.24 -6.84
C GLY A 543 -17.10 25.11 -5.49
N LYS A 544 -17.72 26.18 -5.02
CA LYS A 544 -18.43 26.17 -3.73
C LYS A 544 -19.69 25.29 -3.73
N SER A 545 -19.94 24.62 -4.85
CA SER A 545 -21.23 23.99 -5.20
C SER A 545 -21.70 22.84 -4.31
N GLU A 546 -20.81 21.88 -4.07
CA GLU A 546 -21.08 20.84 -3.09
C GLU A 546 -20.49 21.28 -1.75
N PRO A 547 -20.89 20.60 -0.67
CA PRO A 547 -20.30 20.88 0.63
C PRO A 547 -18.83 20.55 0.56
N TRP A 548 -18.02 21.28 1.34
CA TRP A 548 -16.57 21.08 1.26
C TRP A 548 -16.16 19.66 1.68
N THR A 549 -16.92 19.09 2.59
CA THR A 549 -16.71 17.73 3.09
C THR A 549 -16.84 16.71 1.96
N LEU A 550 -17.87 16.87 1.14
CA LEU A 550 -17.99 16.07 -0.06
C LEU A 550 -16.82 16.40 -0.98
N ALA A 551 -16.56 17.69 -1.18
CA ALA A 551 -15.48 18.12 -2.06
C ALA A 551 -14.17 17.44 -1.70
N LEU A 552 -13.88 17.39 -0.39
CA LEU A 552 -12.68 16.74 0.10
C LEU A 552 -12.71 15.25 -0.22
N GLU A 553 -13.88 14.63 -0.03
CA GLU A 553 -14.06 13.21 -0.31
C GLU A 553 -13.59 12.85 -1.70
N ASN A 554 -14.07 13.58 -2.70
CA ASN A 554 -13.75 13.31 -4.09
C ASN A 554 -12.28 13.09 -4.34
N VAL A 555 -11.46 13.68 -3.49
CA VAL A 555 -10.01 13.62 -3.69
C VAL A 555 -9.33 12.60 -2.78
N VAL A 556 -9.55 12.71 -1.48
CA VAL A 556 -8.81 11.92 -0.52
C VAL A 556 -9.62 10.75 0.03
N GLY A 557 -10.86 10.63 -0.47
CA GLY A 557 -11.78 9.60 -0.01
C GLY A 557 -12.24 9.70 1.44
N ALA A 558 -12.15 10.87 2.05
CA ALA A 558 -12.63 11.02 3.42
C ALA A 558 -13.48 12.26 3.61
N LYS A 559 -14.33 12.23 4.64
CA LYS A 559 -15.34 13.27 4.87
C LYS A 559 -14.84 14.37 5.81
N ASN A 560 -13.62 14.21 6.32
CA ASN A 560 -13.05 15.21 7.21
C ASN A 560 -11.52 15.36 7.14
N MET A 561 -11.04 16.37 7.85
CA MET A 561 -9.67 16.86 7.82
C MET A 561 -8.74 15.94 8.57
N ASN A 562 -7.70 15.48 7.91
CA ASN A 562 -6.78 14.54 8.51
C ASN A 562 -5.31 14.96 8.44
N VAL A 563 -4.65 14.82 9.59
CA VAL A 563 -3.29 15.31 9.76
C VAL A 563 -2.23 14.25 9.47
N ARG A 564 -2.61 12.96 9.51
CA ARG A 564 -1.69 11.86 9.23
C ARG A 564 -0.83 12.09 7.97
N PRO A 565 -1.46 12.48 6.85
CA PRO A 565 -0.67 12.77 5.67
C PRO A 565 0.44 13.79 5.91
N LEU A 566 0.16 14.79 6.74
CA LEU A 566 1.15 15.83 7.04
C LEU A 566 2.31 15.24 7.81
N LEU A 567 1.99 14.45 8.82
CA LEU A 567 2.98 13.76 9.65
C LEU A 567 3.79 12.78 8.82
N ASN A 568 3.16 12.16 7.84
CA ASN A 568 3.87 11.24 6.99
C ASN A 568 4.95 12.00 6.27
N TYR A 569 4.54 13.08 5.62
CA TYR A 569 5.48 13.91 4.87
C TYR A 569 6.69 14.28 5.74
N PHE A 570 6.50 14.24 7.06
CA PHE A 570 7.59 14.46 8.00
C PHE A 570 8.06 13.21 8.78
N GLU A 571 7.98 12.03 8.16
CA GLU A 571 8.45 10.84 8.88
C GLU A 571 9.97 10.77 9.00
N PRO A 572 10.69 10.79 7.87
CA PRO A 572 12.14 10.69 7.89
C PRO A 572 12.81 11.85 8.64
N LEU A 573 12.16 13.01 8.68
CA LEU A 573 12.67 14.09 9.47
C LEU A 573 12.35 13.79 10.92
N PHE A 574 11.10 13.43 11.20
CA PHE A 574 10.66 13.22 12.58
C PHE A 574 11.52 12.24 13.35
N THR A 575 11.83 11.12 12.73
CA THR A 575 12.67 10.13 13.38
C THR A 575 14.04 10.74 13.61
N TRP A 576 14.67 11.25 12.55
CA TRP A 576 15.98 11.88 12.68
C TRP A 576 16.08 12.92 13.81
N LEU A 577 14.99 13.65 14.02
CA LEU A 577 14.89 14.63 15.10
C LEU A 577 14.90 14.01 16.51
N LYS A 578 14.16 12.91 16.69
CA LYS A 578 14.15 12.19 17.96
C LYS A 578 15.57 11.73 18.31
N ASP A 579 16.34 11.43 17.27
CA ASP A 579 17.74 11.08 17.41
C ASP A 579 18.62 12.27 17.90
N GLN A 580 18.68 13.34 17.12
CA GLN A 580 19.38 14.56 17.50
C GLN A 580 19.02 15.04 18.90
N ASN A 581 17.83 14.68 19.37
CA ASN A 581 17.31 15.15 20.66
C ASN A 581 17.55 14.17 21.81
N LYS A 582 18.22 13.07 21.49
CA LYS A 582 18.77 12.13 22.45
C LYS A 582 19.05 12.77 23.80
N ASN A 583 19.99 13.70 23.77
CA ASN A 583 20.51 14.29 24.98
C ASN A 583 19.91 15.66 25.27
N SER A 584 19.19 16.21 24.29
CA SER A 584 18.44 17.44 24.45
C SER A 584 17.20 17.20 25.31
N PHE A 585 16.70 18.26 25.94
CA PHE A 585 15.43 18.23 26.63
C PHE A 585 14.31 18.59 25.65
N VAL A 586 13.18 17.91 25.78
CA VAL A 586 12.05 18.09 24.86
C VAL A 586 10.78 18.60 25.57
N GLY A 587 10.42 19.85 25.33
CA GLY A 587 9.29 20.48 26.02
C GLY A 587 9.81 21.79 26.54
N TRP A 588 9.04 22.50 27.34
CA TRP A 588 9.52 23.78 27.87
C TRP A 588 8.92 24.14 29.22
N SER A 589 9.61 25.00 29.97
CA SER A 589 9.00 25.66 31.12
C SER A 589 8.29 26.93 30.69
N THR A 590 7.00 27.04 30.99
CA THR A 590 6.31 28.30 30.76
C THR A 590 6.85 29.41 31.66
N ASP A 591 7.62 29.01 32.67
CA ASP A 591 7.99 29.90 33.75
C ASP A 591 9.22 30.78 33.49
N TRP A 592 10.23 30.23 32.82
CA TRP A 592 11.44 30.98 32.45
C TRP A 592 11.19 32.26 31.65
N SER A 593 12.05 33.25 31.87
CA SER A 593 12.02 34.49 31.10
C SER A 593 13.41 34.94 30.66
N PRO A 594 13.46 35.65 29.54
CA PRO A 594 14.65 36.36 29.12
C PRO A 594 14.98 37.50 30.08
N TYR A 595 13.96 38.06 30.72
CA TYR A 595 14.12 39.32 31.42
C TYR A 595 14.04 39.14 32.95
N ALA A 596 14.01 40.29 33.64
CA ALA A 596 13.80 40.46 35.10
C ALA A 596 15.12 40.50 35.91
N ASP A 597 16.19 40.86 35.21
CA ASP A 597 17.57 40.85 35.75
C ASP A 597 17.97 42.19 36.36
N SER B 1 11.82 -46.29 40.59
CA SER B 1 10.89 -45.15 40.84
C SER B 1 9.62 -45.25 39.99
N THR B 2 8.78 -44.21 40.08
CA THR B 2 7.45 -44.19 39.44
C THR B 2 7.45 -44.56 37.95
N ILE B 3 6.35 -45.16 37.52
CA ILE B 3 6.21 -45.65 36.13
C ILE B 3 6.24 -44.55 35.06
N GLU B 4 5.79 -43.35 35.42
CA GLU B 4 5.93 -42.19 34.54
C GLU B 4 7.40 -41.88 34.41
N GLU B 5 8.07 -41.76 35.55
CA GLU B 5 9.50 -41.47 35.57
C GLU B 5 10.29 -42.55 34.81
N GLN B 6 9.82 -43.79 34.87
CA GLN B 6 10.51 -44.88 34.17
C GLN B 6 10.23 -44.91 32.66
N ALA B 7 9.15 -44.24 32.26
CA ALA B 7 8.83 -44.00 30.85
C ALA B 7 9.71 -42.90 30.27
N LYS B 8 9.90 -41.84 31.05
CA LYS B 8 10.85 -40.76 30.75
C LYS B 8 12.25 -41.30 30.48
N THR B 9 12.69 -42.23 31.34
CA THR B 9 13.98 -42.88 31.16
C THR B 9 13.80 -44.10 30.28
N PHE B 10 13.48 -43.84 29.02
CA PHE B 10 13.27 -44.83 27.98
C PHE B 10 13.11 -44.05 26.68
N LEU B 11 12.28 -43.02 26.72
CA LEU B 11 12.18 -42.06 25.63
C LEU B 11 13.50 -41.33 25.49
N ASP B 12 14.11 -41.00 26.62
CA ASP B 12 15.48 -40.50 26.63
C ASP B 12 16.41 -41.48 25.90
N LYS B 13 16.17 -42.78 26.10
CA LYS B 13 16.96 -43.84 25.44
C LYS B 13 16.61 -43.96 23.96
N PHE B 14 15.30 -44.04 23.70
CA PHE B 14 14.73 -44.17 22.36
C PHE B 14 15.15 -43.02 21.43
N ASN B 15 14.82 -41.80 21.82
CA ASN B 15 15.14 -40.60 21.04
C ASN B 15 16.60 -40.49 20.61
N HIS B 16 17.51 -40.68 21.55
CA HIS B 16 18.93 -40.63 21.23
C HIS B 16 19.45 -42.02 20.84
N GLU B 17 18.57 -42.83 20.28
CA GLU B 17 18.94 -44.12 19.70
C GLU B 17 18.36 -44.15 18.31
N ALA B 18 17.12 -43.67 18.20
CA ALA B 18 16.39 -43.61 16.93
C ALA B 18 17.01 -42.59 15.97
N GLU B 19 17.24 -41.37 16.45
CA GLU B 19 17.84 -40.31 15.64
C GLU B 19 19.00 -40.82 14.81
N ASP B 20 19.86 -41.62 15.46
CA ASP B 20 21.02 -42.21 14.80
C ASP B 20 20.64 -43.29 13.79
N LEU B 21 19.70 -44.15 14.13
CA LEU B 21 19.22 -45.16 13.19
C LEU B 21 18.43 -44.52 12.03
N PHE B 22 17.76 -43.42 12.31
CA PHE B 22 16.97 -42.68 11.31
C PHE B 22 17.92 -42.02 10.33
N TYR B 23 19.00 -41.48 10.90
CA TYR B 23 20.01 -40.81 10.09
C TYR B 23 20.65 -41.81 9.12
N GLN B 24 20.64 -43.09 9.50
CA GLN B 24 21.14 -44.20 8.68
C GLN B 24 20.28 -44.42 7.45
N SER B 25 18.97 -44.59 7.68
CA SER B 25 18.00 -44.71 6.60
C SER B 25 18.12 -43.51 5.63
N SER B 26 18.17 -42.32 6.22
CA SER B 26 18.25 -41.07 5.47
C SER B 26 19.40 -41.02 4.48
N LEU B 27 20.62 -41.27 4.97
CA LEU B 27 21.80 -41.24 4.12
C LEU B 27 21.75 -42.32 3.05
N ALA B 28 21.24 -43.48 3.40
CA ALA B 28 21.02 -44.56 2.45
C ALA B 28 20.05 -44.08 1.41
N SER B 29 18.90 -43.59 1.88
CA SER B 29 17.84 -43.09 1.01
C SER B 29 18.32 -41.94 0.13
N TRP B 30 19.23 -41.14 0.66
CA TRP B 30 19.80 -40.06 -0.11
C TRP B 30 20.61 -40.58 -1.27
N ASN B 31 21.48 -41.54 -1.01
CA ASN B 31 22.38 -42.03 -2.03
C ASN B 31 21.65 -42.69 -3.18
N TYR B 32 20.57 -43.40 -2.86
CA TYR B 32 19.72 -43.98 -3.90
C TYR B 32 19.15 -42.92 -4.80
N ASN B 33 18.49 -41.95 -4.19
CA ASN B 33 17.77 -40.90 -4.90
C ASN B 33 18.66 -39.86 -5.57
N THR B 34 19.97 -40.02 -5.47
CA THR B 34 20.90 -39.05 -6.06
C THR B 34 21.93 -39.77 -6.92
N ASN B 35 21.86 -41.10 -6.88
CA ASN B 35 22.78 -41.99 -7.57
C ASN B 35 22.08 -43.35 -7.64
N ILE B 36 21.09 -43.47 -8.53
CA ILE B 36 20.33 -44.72 -8.68
C ILE B 36 21.23 -45.83 -9.23
N THR B 37 21.43 -46.86 -8.41
CA THR B 37 22.26 -48.01 -8.76
C THR B 37 21.55 -49.23 -8.20
N GLU B 38 22.10 -50.42 -8.45
CA GLU B 38 21.67 -51.63 -7.76
C GLU B 38 22.49 -51.78 -6.47
N GLU B 39 23.58 -51.03 -6.43
CA GLU B 39 24.39 -50.87 -5.24
C GLU B 39 23.56 -50.10 -4.20
N ASN B 40 23.27 -48.83 -4.50
CA ASN B 40 22.54 -47.93 -3.59
C ASN B 40 21.14 -48.40 -3.20
N VAL B 41 20.51 -49.18 -4.08
CA VAL B 41 19.14 -49.65 -3.89
C VAL B 41 18.99 -50.61 -2.71
N GLN B 42 20.00 -51.44 -2.51
CA GLN B 42 19.95 -52.44 -1.45
C GLN B 42 20.20 -51.75 -0.12
N ASN B 43 21.14 -50.81 -0.12
CA ASN B 43 21.46 -50.01 1.06
C ASN B 43 20.22 -49.40 1.67
N MET B 44 19.43 -48.73 0.85
CA MET B 44 18.20 -48.10 1.30
C MET B 44 17.19 -49.11 1.84
N ASN B 45 17.18 -50.32 1.28
CA ASN B 45 16.33 -51.38 1.81
C ASN B 45 16.77 -51.84 3.20
N ASN B 46 18.03 -52.25 3.32
CA ASN B 46 18.61 -52.70 4.58
C ASN B 46 18.43 -51.69 5.70
N ALA B 47 19.03 -50.52 5.54
CA ALA B 47 18.93 -49.42 6.51
C ALA B 47 17.48 -49.16 6.91
N GLY B 48 16.57 -49.44 5.97
CA GLY B 48 15.13 -49.33 6.18
C GLY B 48 14.49 -50.55 6.81
N ASP B 49 15.00 -51.74 6.46
CA ASP B 49 14.60 -52.98 7.13
C ASP B 49 15.06 -52.92 8.58
N LYS B 50 16.31 -52.50 8.75
CA LYS B 50 16.94 -52.27 10.05
C LYS B 50 16.17 -51.24 10.86
N TRP B 51 15.57 -50.29 10.15
CA TRP B 51 14.74 -49.25 10.76
C TRP B 51 13.41 -49.81 11.25
N SER B 52 12.73 -50.56 10.39
CA SER B 52 11.40 -51.10 10.68
C SER B 52 11.38 -52.03 11.89
N ALA B 53 12.32 -52.97 11.93
CA ALA B 53 12.48 -53.90 13.06
C ALA B 53 12.66 -53.11 14.34
N PHE B 54 13.58 -52.16 14.31
CA PHE B 54 13.84 -51.26 15.42
C PHE B 54 12.57 -50.55 15.88
N LEU B 55 11.67 -50.28 14.94
CA LEU B 55 10.44 -49.57 15.28
C LEU B 55 9.39 -50.51 15.84
N LYS B 56 9.30 -51.70 15.26
CA LYS B 56 8.39 -52.73 15.75
C LYS B 56 8.84 -53.19 17.14
N GLU B 57 10.15 -53.38 17.29
CA GLU B 57 10.74 -53.76 18.57
C GLU B 57 10.32 -52.76 19.64
N GLN B 58 10.63 -51.49 19.41
CA GLN B 58 10.36 -50.44 20.37
C GLN B 58 8.87 -50.19 20.60
N SER B 59 8.03 -50.69 19.71
CA SER B 59 6.58 -50.53 19.83
C SER B 59 5.97 -51.38 20.94
N THR B 60 6.19 -52.70 20.88
CA THR B 60 5.74 -53.61 21.95
C THR B 60 6.48 -53.29 23.24
N LEU B 61 7.75 -52.90 23.11
CA LEU B 61 8.55 -52.44 24.23
C LEU B 61 7.98 -51.15 24.83
N ALA B 62 7.31 -50.35 23.99
CA ALA B 62 6.61 -49.17 24.48
C ALA B 62 5.28 -49.56 25.14
N GLN B 63 4.63 -50.59 24.59
CA GLN B 63 3.32 -51.03 25.08
C GLN B 63 3.35 -51.54 26.51
N MET B 64 4.55 -51.91 26.98
CA MET B 64 4.77 -52.34 28.36
C MET B 64 4.13 -51.32 29.30
N TYR B 65 4.49 -50.05 29.10
CA TYR B 65 3.94 -48.95 29.88
C TYR B 65 2.47 -48.70 29.50
N PRO B 66 1.58 -48.49 30.51
CA PRO B 66 0.16 -48.22 30.27
C PRO B 66 -0.16 -46.73 30.07
N LEU B 67 -0.85 -46.42 28.98
CA LEU B 67 -1.24 -45.05 28.64
C LEU B 67 -2.04 -44.40 29.77
N GLN B 68 -2.77 -45.24 30.48
CA GLN B 68 -3.56 -44.83 31.62
C GLN B 68 -2.70 -44.01 32.60
N GLU B 69 -1.57 -44.58 33.00
CA GLU B 69 -0.87 -44.14 34.20
C GLU B 69 0.10 -42.96 33.97
N ILE B 70 -0.38 -41.88 33.35
CA ILE B 70 0.51 -40.76 33.00
C ILE B 70 -0.18 -39.39 33.04
N GLN B 71 0.62 -38.32 33.01
CA GLN B 71 0.09 -36.95 33.09
C GLN B 71 1.00 -35.78 32.59
N ASN B 72 2.27 -36.07 32.27
CA ASN B 72 3.16 -35.02 31.71
C ASN B 72 2.95 -34.86 30.22
N LEU B 73 1.72 -35.12 29.78
CA LEU B 73 1.23 -34.84 28.42
C LEU B 73 2.23 -35.11 27.29
N THR B 74 3.29 -34.31 27.22
CA THR B 74 4.39 -34.50 26.27
C THR B 74 4.71 -35.99 26.15
N VAL B 75 4.97 -36.59 27.31
CA VAL B 75 5.23 -38.01 27.41
C VAL B 75 4.08 -38.85 26.85
N LYS B 76 2.87 -38.53 27.30
CA LYS B 76 1.65 -39.24 26.90
C LYS B 76 1.58 -39.30 25.38
N LEU B 77 1.78 -38.15 24.72
CA LEU B 77 1.76 -38.04 23.26
C LEU B 77 2.91 -38.81 22.59
N GLN B 78 4.13 -38.61 23.08
CA GLN B 78 5.32 -39.25 22.54
C GLN B 78 5.13 -40.75 22.47
N LEU B 79 4.71 -41.29 23.61
CA LEU B 79 4.43 -42.70 23.74
C LEU B 79 3.22 -43.10 22.90
N GLN B 80 2.10 -42.41 23.10
CA GLN B 80 0.86 -42.64 22.34
C GLN B 80 1.19 -42.96 20.87
N ALA B 81 2.14 -42.22 20.32
CA ALA B 81 2.60 -42.43 18.95
C ALA B 81 3.41 -43.72 18.83
N LEU B 82 4.39 -43.89 19.72
CA LEU B 82 5.29 -45.03 19.67
C LEU B 82 4.54 -46.35 19.80
N GLN B 83 3.61 -46.41 20.76
CA GLN B 83 2.74 -47.57 20.88
C GLN B 83 1.65 -47.48 19.82
N GLN B 84 1.94 -48.12 18.69
CA GLN B 84 1.10 -48.03 17.52
C GLN B 84 1.36 -49.27 16.69
N ASN B 85 0.33 -50.09 16.50
CA ASN B 85 0.52 -51.37 15.83
C ASN B 85 0.75 -51.27 14.31
N GLY B 86 -0.15 -50.60 13.60
CA GLY B 86 0.01 -50.44 12.16
C GLY B 86 0.09 -51.77 11.44
N SER B 87 1.17 -51.94 10.66
CA SER B 87 1.33 -53.15 9.84
C SER B 87 1.57 -54.43 10.65
N SER B 88 2.02 -54.28 11.89
CA SER B 88 2.32 -55.40 12.77
C SER B 88 1.15 -56.35 12.98
N VAL B 89 -0.05 -55.77 13.18
CA VAL B 89 -1.25 -56.54 13.53
C VAL B 89 -1.89 -57.26 12.31
N LEU B 90 -1.11 -58.12 11.67
CA LEU B 90 -1.56 -58.87 10.49
C LEU B 90 -0.87 -60.23 10.37
N SER B 91 -1.37 -61.05 9.45
CA SER B 91 -0.71 -62.31 9.09
C SER B 91 0.66 -62.00 8.49
N GLU B 92 1.48 -63.01 8.29
CA GLU B 92 2.80 -62.81 7.69
C GLU B 92 2.69 -62.67 6.19
N ASP B 93 1.83 -63.49 5.59
CA ASP B 93 1.49 -63.41 4.17
C ASP B 93 0.77 -62.09 3.96
N LYS B 94 -0.35 -61.94 4.65
CA LYS B 94 -1.15 -60.73 4.59
C LYS B 94 -0.43 -59.58 5.29
N SER B 95 0.80 -59.33 4.85
CA SER B 95 1.65 -58.29 5.40
C SER B 95 2.82 -58.10 4.46
N LYS B 96 3.57 -59.17 4.23
CA LYS B 96 4.62 -59.16 3.22
C LYS B 96 3.94 -59.01 1.86
N ARG B 97 2.68 -59.48 1.79
CA ARG B 97 1.85 -59.34 0.60
C ARG B 97 1.48 -57.87 0.40
N LEU B 98 0.99 -57.22 1.46
CA LEU B 98 0.66 -55.79 1.41
C LEU B 98 1.87 -54.97 0.97
N ASN B 99 3.03 -55.29 1.53
CA ASN B 99 4.29 -54.70 1.14
C ASN B 99 4.67 -55.01 -0.32
N THR B 100 4.25 -56.18 -0.82
CA THR B 100 4.48 -56.56 -2.20
C THR B 100 3.64 -55.68 -3.11
N ILE B 101 2.38 -55.51 -2.73
CA ILE B 101 1.43 -54.65 -3.43
C ILE B 101 2.05 -53.27 -3.63
N LEU B 102 2.31 -52.59 -2.51
CA LEU B 102 2.85 -51.23 -2.52
C LEU B 102 3.95 -51.04 -3.57
N ASN B 103 5.06 -51.74 -3.40
CA ASN B 103 6.18 -51.66 -4.33
C ASN B 103 5.82 -51.81 -5.79
N THR B 104 5.03 -52.83 -6.10
CA THR B 104 4.59 -53.09 -7.47
C THR B 104 3.95 -51.82 -8.04
N MET B 105 2.99 -51.29 -7.29
CA MET B 105 2.37 -50.02 -7.63
C MET B 105 3.46 -48.97 -7.71
N SER B 106 4.16 -48.74 -6.60
CA SER B 106 5.22 -47.75 -6.54
C SER B 106 6.15 -47.80 -7.74
N THR B 107 6.39 -49.01 -8.26
CA THR B 107 7.32 -49.21 -9.37
C THR B 107 6.68 -49.16 -10.76
N ILE B 108 5.58 -49.90 -10.96
CA ILE B 108 4.87 -49.85 -12.25
C ILE B 108 4.53 -48.42 -12.70
N TYR B 109 4.13 -47.59 -11.75
CA TYR B 109 3.91 -46.16 -11.97
C TYR B 109 5.19 -45.50 -12.47
N SER B 110 6.24 -45.63 -11.67
CA SER B 110 7.51 -44.99 -11.94
C SER B 110 8.30 -45.67 -13.05
N THR B 111 7.77 -46.79 -13.55
CA THR B 111 8.53 -47.59 -14.52
C THR B 111 7.83 -47.75 -15.87
N GLY B 112 6.50 -47.62 -15.89
CA GLY B 112 5.72 -47.75 -17.12
C GLY B 112 5.91 -46.59 -18.07
N LYS B 113 6.23 -46.89 -19.32
CA LYS B 113 6.29 -45.88 -20.37
C LYS B 113 5.33 -46.30 -21.49
N VAL B 114 4.64 -45.34 -22.08
CA VAL B 114 3.65 -45.67 -23.12
C VAL B 114 4.33 -45.70 -24.47
N CYS B 115 3.82 -46.57 -25.34
CA CYS B 115 4.41 -46.76 -26.67
C CYS B 115 3.56 -46.27 -27.83
N ASN B 116 4.23 -45.65 -28.79
CA ASN B 116 3.59 -45.12 -29.98
C ASN B 116 3.10 -46.25 -30.91
N PRO B 117 1.80 -46.22 -31.29
CA PRO B 117 1.34 -47.09 -32.37
C PRO B 117 2.15 -46.84 -33.63
N ASP B 118 2.41 -45.56 -33.93
CA ASP B 118 3.19 -45.12 -35.09
C ASP B 118 4.71 -45.32 -34.95
N ASN B 119 5.17 -45.71 -33.75
CA ASN B 119 6.63 -45.82 -33.46
C ASN B 119 6.92 -46.79 -32.29
N PRO B 120 7.04 -48.11 -32.59
CA PRO B 120 7.29 -49.06 -31.50
C PRO B 120 8.71 -49.03 -30.92
N GLN B 121 9.58 -48.15 -31.46
CA GLN B 121 10.96 -48.04 -30.96
C GLN B 121 11.12 -47.12 -29.73
N GLU B 122 11.01 -45.78 -29.94
CA GLU B 122 11.10 -44.83 -28.83
C GLU B 122 9.70 -44.57 -28.23
N CYS B 123 9.65 -44.60 -26.90
CA CYS B 123 8.40 -44.49 -26.18
C CYS B 123 8.63 -43.73 -24.88
N LEU B 124 8.34 -42.43 -24.85
CA LEU B 124 8.59 -41.66 -23.63
C LEU B 124 7.61 -41.97 -22.49
N LEU B 125 8.07 -41.68 -21.28
CA LEU B 125 7.39 -42.03 -20.04
C LEU B 125 6.58 -40.87 -19.49
N LEU B 126 6.13 -40.97 -18.24
CA LEU B 126 5.40 -39.87 -17.62
C LEU B 126 6.21 -38.58 -17.64
N GLU B 127 7.32 -38.57 -16.90
CA GLU B 127 8.18 -37.39 -16.80
C GLU B 127 9.63 -37.68 -17.22
N PRO B 128 10.20 -36.89 -18.14
CA PRO B 128 9.49 -35.92 -18.99
C PRO B 128 8.75 -36.67 -20.09
N GLY B 129 8.35 -35.95 -21.13
CA GLY B 129 7.72 -36.61 -22.26
C GLY B 129 6.22 -36.51 -22.18
N LEU B 130 5.59 -37.43 -21.45
CA LEU B 130 4.13 -37.41 -21.32
C LEU B 130 3.61 -36.19 -20.57
N ASN B 131 4.40 -35.72 -19.61
CA ASN B 131 4.09 -34.49 -18.93
C ASN B 131 4.49 -33.28 -19.74
N GLU B 132 5.41 -33.48 -20.68
CA GLU B 132 5.75 -32.44 -21.64
C GLU B 132 4.51 -32.18 -22.49
N ILE B 133 3.90 -33.26 -22.94
CA ILE B 133 2.72 -33.23 -23.82
C ILE B 133 1.54 -32.56 -23.12
N MET B 134 1.11 -33.14 -22.01
CA MET B 134 -0.03 -32.62 -21.24
C MET B 134 0.09 -31.15 -20.87
N ALA B 135 1.32 -30.67 -20.69
CA ALA B 135 1.54 -29.31 -20.21
C ALA B 135 1.61 -28.32 -21.35
N ASN B 136 1.99 -28.79 -22.54
CA ASN B 136 2.24 -27.90 -23.67
C ASN B 136 1.41 -28.11 -24.93
N SER B 137 1.10 -29.37 -25.27
CA SER B 137 0.46 -29.68 -26.54
C SER B 137 -0.88 -29.00 -26.68
N LEU B 138 -1.09 -28.35 -27.82
CA LEU B 138 -2.34 -27.68 -28.13
C LEU B 138 -3.18 -28.52 -29.09
N ASP B 139 -2.72 -29.75 -29.32
CA ASP B 139 -3.31 -30.63 -30.32
C ASP B 139 -4.24 -31.64 -29.67
N TYR B 140 -5.52 -31.61 -30.05
CA TYR B 140 -6.55 -32.46 -29.43
C TYR B 140 -6.18 -33.92 -29.42
N ASN B 141 -5.68 -34.43 -30.53
CA ASN B 141 -5.35 -35.86 -30.60
C ASN B 141 -4.08 -36.25 -29.85
N GLU B 142 -2.99 -35.50 -30.03
CA GLU B 142 -1.75 -35.73 -29.29
C GLU B 142 -2.08 -35.88 -27.82
N ARG B 143 -2.61 -34.79 -27.23
CA ARG B 143 -3.01 -34.75 -25.81
C ARG B 143 -3.89 -35.93 -25.46
N LEU B 144 -4.91 -36.15 -26.29
CA LEU B 144 -5.84 -37.27 -26.14
C LEU B 144 -5.13 -38.60 -25.93
N TRP B 145 -4.30 -38.97 -26.90
CA TRP B 145 -3.55 -40.22 -26.87
C TRP B 145 -2.76 -40.33 -25.55
N ALA B 146 -1.84 -39.40 -25.33
CA ALA B 146 -1.11 -39.33 -24.06
C ALA B 146 -2.04 -39.63 -22.90
N TRP B 147 -3.01 -38.77 -22.67
CA TRP B 147 -3.94 -38.96 -21.57
C TRP B 147 -4.45 -40.41 -21.53
N GLU B 148 -4.84 -40.93 -22.69
CA GLU B 148 -5.51 -42.23 -22.76
C GLU B 148 -4.56 -43.38 -22.52
N SER B 149 -3.40 -43.33 -23.19
CA SER B 149 -2.40 -44.39 -23.10
C SER B 149 -2.05 -44.66 -21.65
N TRP B 150 -1.47 -43.65 -21.00
CA TRP B 150 -1.13 -43.72 -19.58
C TRP B 150 -2.19 -44.44 -18.76
N ARG B 151 -3.44 -44.18 -19.05
CA ARG B 151 -4.54 -44.76 -18.28
C ARG B 151 -4.93 -46.15 -18.77
N SER B 152 -4.57 -46.45 -20.02
CA SER B 152 -4.84 -47.74 -20.65
C SER B 152 -3.74 -48.73 -20.31
N GLU B 153 -2.49 -48.27 -20.42
CA GLU B 153 -1.31 -49.10 -20.15
C GLU B 153 -1.14 -49.36 -18.66
N VAL B 154 -0.74 -48.34 -17.90
CA VAL B 154 -0.47 -48.54 -16.48
C VAL B 154 -1.76 -48.60 -15.65
N GLY B 155 -2.84 -48.04 -16.18
CA GLY B 155 -4.12 -47.98 -15.48
C GLY B 155 -4.72 -49.35 -15.27
N LYS B 156 -4.76 -50.13 -16.34
CA LYS B 156 -5.26 -51.51 -16.30
C LYS B 156 -4.40 -52.39 -15.39
N GLN B 157 -3.08 -52.29 -15.54
CA GLN B 157 -2.12 -53.08 -14.72
C GLN B 157 -2.29 -52.86 -13.22
N LEU B 158 -2.58 -51.62 -12.85
CA LEU B 158 -2.71 -51.25 -11.46
C LEU B 158 -4.04 -51.67 -10.86
N ARG B 159 -4.95 -52.11 -11.73
CA ARG B 159 -6.32 -52.41 -11.29
C ARG B 159 -6.42 -53.52 -10.23
N PRO B 160 -5.91 -54.74 -10.52
CA PRO B 160 -6.05 -55.84 -9.56
C PRO B 160 -5.40 -55.53 -8.21
N LEU B 161 -4.33 -54.75 -8.26
CA LEU B 161 -3.47 -54.49 -7.11
C LEU B 161 -4.13 -53.60 -6.07
N TYR B 162 -4.75 -52.51 -6.51
CA TYR B 162 -5.45 -51.60 -5.62
C TYR B 162 -6.66 -52.27 -5.01
N GLU B 163 -7.25 -53.22 -5.76
CA GLU B 163 -8.42 -53.97 -5.31
C GLU B 163 -8.08 -54.77 -4.06
N GLU B 164 -6.84 -55.24 -4.00
CA GLU B 164 -6.34 -55.95 -2.82
C GLU B 164 -5.81 -54.94 -1.82
N TYR B 165 -5.12 -53.92 -2.33
CA TYR B 165 -4.59 -52.83 -1.50
C TYR B 165 -5.66 -52.37 -0.53
N VAL B 166 -6.87 -52.17 -1.03
CA VAL B 166 -7.98 -51.74 -0.19
C VAL B 166 -8.26 -52.78 0.89
N VAL B 167 -8.39 -54.04 0.48
CA VAL B 167 -8.75 -55.13 1.37
C VAL B 167 -7.77 -55.19 2.53
N LEU B 168 -6.49 -55.37 2.18
CA LEU B 168 -5.43 -55.53 3.16
C LEU B 168 -5.29 -54.31 4.05
N LYS B 169 -5.30 -53.12 3.44
CA LYS B 169 -5.10 -51.90 4.18
C LYS B 169 -6.29 -51.67 5.11
N ASN B 170 -7.48 -51.95 4.61
CA ASN B 170 -8.68 -51.93 5.44
C ASN B 170 -8.71 -53.01 6.52
N GLU B 171 -8.38 -54.24 6.12
CA GLU B 171 -8.22 -55.33 7.06
C GLU B 171 -7.31 -54.84 8.20
N MET B 172 -6.23 -54.15 7.84
CA MET B 172 -5.32 -53.52 8.80
C MET B 172 -6.07 -52.50 9.67
N ALA B 173 -6.84 -51.64 9.01
CA ALA B 173 -7.47 -50.51 9.68
C ALA B 173 -8.53 -50.90 10.72
N ARG B 174 -9.41 -51.83 10.36
CA ARG B 174 -10.46 -52.27 11.27
C ARG B 174 -9.91 -53.09 12.42
N ALA B 175 -8.79 -53.76 12.17
CA ALA B 175 -8.05 -54.48 13.20
C ALA B 175 -7.47 -53.51 14.23
N ASN B 176 -6.97 -52.37 13.76
CA ASN B 176 -6.46 -51.29 14.63
C ASN B 176 -7.59 -50.47 15.25
N HIS B 177 -8.82 -50.95 15.06
CA HIS B 177 -10.04 -50.40 15.65
C HIS B 177 -10.41 -49.01 15.11
N TYR B 178 -10.23 -48.85 13.80
CA TYR B 178 -10.76 -47.70 13.07
C TYR B 178 -11.95 -48.16 12.22
N GLU B 179 -12.73 -47.20 11.71
CA GLU B 179 -13.86 -47.51 10.83
C GLU B 179 -13.38 -48.10 9.51
N ASP B 180 -12.33 -47.51 8.93
CA ASP B 180 -11.66 -47.98 7.70
C ASP B 180 -10.35 -47.22 7.51
N TYR B 181 -9.57 -47.60 6.51
CA TYR B 181 -8.32 -46.89 6.21
C TYR B 181 -8.61 -45.42 5.98
N GLY B 182 -9.80 -45.15 5.47
CA GLY B 182 -10.33 -43.80 5.40
C GLY B 182 -10.29 -43.18 6.78
N ASP B 183 -11.02 -43.77 7.71
CA ASP B 183 -11.04 -43.27 9.08
C ASP B 183 -9.63 -43.19 9.63
N TYR B 184 -8.79 -44.15 9.24
CA TYR B 184 -7.42 -44.19 9.70
C TYR B 184 -6.71 -42.91 9.31
N TRP B 185 -6.78 -42.58 8.03
CA TRP B 185 -6.11 -41.38 7.54
C TRP B 185 -6.63 -40.13 8.24
N ARG B 186 -7.95 -39.94 8.22
CA ARG B 186 -8.57 -38.85 8.96
C ARG B 186 -8.01 -38.78 10.37
N GLY B 187 -7.49 -39.91 10.84
CA GLY B 187 -6.84 -40.01 12.14
C GLY B 187 -5.98 -38.78 12.42
N ASP B 188 -5.01 -38.54 11.53
CA ASP B 188 -4.04 -37.45 11.66
C ASP B 188 -4.55 -36.14 12.25
N TYR B 189 -5.80 -35.76 11.93
CA TYR B 189 -6.35 -34.48 12.38
C TYR B 189 -7.02 -34.54 13.76
N GLU B 190 -7.03 -35.71 14.38
CA GLU B 190 -7.73 -35.93 15.66
C GLU B 190 -6.93 -35.51 16.87
N VAL B 191 -7.63 -35.08 17.92
CA VAL B 191 -7.00 -34.73 19.19
C VAL B 191 -7.86 -35.18 20.37
N ASN B 192 -7.23 -35.80 21.38
CA ASN B 192 -7.91 -36.17 22.64
C ASN B 192 -7.35 -35.51 23.87
N GLY B 193 -8.23 -35.19 24.83
CA GLY B 193 -7.88 -34.37 25.98
C GLY B 193 -7.69 -32.93 25.51
N VAL B 194 -7.39 -32.04 26.45
CA VAL B 194 -7.25 -30.59 26.16
C VAL B 194 -8.49 -30.09 25.42
N ASP B 195 -9.58 -29.93 26.17
CA ASP B 195 -10.90 -29.71 25.60
C ASP B 195 -11.10 -28.30 25.08
N GLY B 196 -12.04 -28.14 24.16
CA GLY B 196 -12.20 -26.90 23.40
C GLY B 196 -11.24 -26.94 22.23
N TYR B 197 -10.22 -27.78 22.37
CA TYR B 197 -9.25 -28.03 21.33
C TYR B 197 -9.28 -29.50 20.89
N ASP B 198 -10.33 -30.23 21.28
CA ASP B 198 -10.52 -31.59 20.81
C ASP B 198 -11.03 -31.60 19.38
N TYR B 199 -10.88 -32.73 18.70
CA TYR B 199 -11.33 -32.85 17.31
C TYR B 199 -11.55 -34.31 16.96
N SER B 200 -12.69 -34.62 16.35
CA SER B 200 -13.05 -36.00 15.99
C SER B 200 -12.87 -36.30 14.50
N ARG B 201 -12.56 -37.55 14.19
CA ARG B 201 -12.34 -37.97 12.81
C ARG B 201 -13.59 -37.88 11.92
N GLY B 202 -14.68 -37.39 12.48
CA GLY B 202 -15.90 -37.15 11.72
C GLY B 202 -15.99 -35.66 11.45
N GLN B 203 -15.73 -34.88 12.49
CA GLN B 203 -15.68 -33.43 12.44
C GLN B 203 -14.89 -32.91 11.23
N LEU B 204 -14.00 -33.73 10.71
CA LEU B 204 -13.30 -33.41 9.48
C LEU B 204 -14.22 -33.49 8.26
N ILE B 205 -14.65 -34.70 7.91
CA ILE B 205 -15.58 -34.93 6.80
C ILE B 205 -16.69 -33.89 6.84
N GLU B 206 -17.09 -33.56 8.06
CA GLU B 206 -18.05 -32.51 8.31
C GLU B 206 -17.50 -31.22 7.77
N ASP B 207 -16.42 -30.74 8.38
CA ASP B 207 -15.82 -29.42 8.08
C ASP B 207 -15.33 -29.16 6.64
N VAL B 208 -14.79 -30.19 6.00
CA VAL B 208 -14.38 -30.11 4.60
C VAL B 208 -15.56 -29.72 3.72
N GLU B 209 -16.62 -30.53 3.82
CA GLU B 209 -17.80 -30.39 2.98
C GLU B 209 -18.56 -29.10 3.26
N HIS B 210 -18.82 -28.81 4.54
CA HIS B 210 -19.42 -27.53 4.92
C HIS B 210 -18.58 -26.38 4.37
N THR B 211 -17.27 -26.58 4.37
CA THR B 211 -16.35 -25.53 3.97
C THR B 211 -16.15 -25.49 2.47
N PHE B 212 -16.25 -26.65 1.82
CA PHE B 212 -16.18 -26.75 0.36
C PHE B 212 -17.37 -26.08 -0.31
N GLU B 213 -18.53 -26.13 0.34
CA GLU B 213 -19.76 -25.54 -0.19
C GLU B 213 -19.54 -24.10 -0.58
N GLU B 214 -18.75 -23.39 0.22
CA GLU B 214 -18.58 -21.97 0.03
C GLU B 214 -17.61 -21.65 -1.11
N ILE B 215 -16.77 -22.63 -1.48
CA ILE B 215 -15.83 -22.49 -2.60
C ILE B 215 -16.58 -22.62 -3.93
N LYS B 216 -17.63 -23.45 -3.94
CA LYS B 216 -18.30 -23.81 -5.19
C LYS B 216 -18.66 -22.63 -6.10
N PRO B 217 -19.25 -21.55 -5.56
CA PRO B 217 -19.59 -20.43 -6.44
C PRO B 217 -18.36 -19.88 -7.16
N LEU B 218 -17.29 -19.57 -6.42
CA LEU B 218 -16.07 -19.09 -7.05
C LEU B 218 -15.59 -20.07 -8.12
N TYR B 219 -15.62 -21.35 -7.77
CA TYR B 219 -15.16 -22.38 -8.68
C TYR B 219 -15.95 -22.43 -9.98
N GLU B 220 -17.29 -22.41 -9.93
CA GLU B 220 -18.10 -22.45 -11.16
C GLU B 220 -17.71 -21.31 -12.10
N HIS B 221 -17.60 -20.11 -11.57
CA HIS B 221 -17.18 -18.98 -12.40
C HIS B 221 -15.79 -19.17 -13.03
N LEU B 222 -14.84 -19.64 -12.23
CA LEU B 222 -13.54 -19.93 -12.79
C LEU B 222 -13.75 -20.92 -13.93
N HIS B 223 -14.53 -21.95 -13.63
CA HIS B 223 -14.80 -22.99 -14.56
C HIS B 223 -15.33 -22.42 -15.88
N ALA B 224 -16.48 -21.74 -15.76
CA ALA B 224 -17.19 -21.13 -16.87
C ALA B 224 -16.27 -20.31 -17.75
N TYR B 225 -15.43 -19.51 -17.11
CA TYR B 225 -14.49 -18.64 -17.80
C TYR B 225 -13.44 -19.41 -18.56
N VAL B 226 -12.76 -20.34 -17.87
CA VAL B 226 -11.74 -21.11 -18.56
C VAL B 226 -12.38 -21.93 -19.64
N ARG B 227 -13.59 -22.45 -19.35
CA ARG B 227 -14.32 -23.27 -20.33
C ARG B 227 -14.45 -22.48 -21.61
N ALA B 228 -14.96 -21.26 -21.46
CA ALA B 228 -15.07 -20.36 -22.59
C ALA B 228 -13.72 -20.05 -23.22
N LYS B 229 -12.65 -19.90 -22.45
CA LYS B 229 -11.36 -19.59 -23.07
C LYS B 229 -10.79 -20.81 -23.79
N LEU B 230 -11.21 -21.98 -23.33
CA LEU B 230 -10.82 -23.24 -23.95
C LEU B 230 -11.51 -23.44 -25.28
N MET B 231 -12.83 -23.22 -25.31
CA MET B 231 -13.59 -23.45 -26.53
C MET B 231 -12.93 -22.72 -27.69
N ASN B 232 -12.46 -21.52 -27.43
CA ASN B 232 -11.69 -20.78 -28.42
C ASN B 232 -10.46 -21.53 -28.84
N ALA B 233 -9.73 -22.08 -27.86
CA ALA B 233 -8.51 -22.85 -28.12
C ALA B 233 -8.77 -24.20 -28.80
N TYR B 234 -9.82 -24.91 -28.37
CA TYR B 234 -10.13 -26.20 -28.97
C TYR B 234 -11.47 -26.14 -29.66
N PRO B 235 -11.55 -25.35 -30.74
CA PRO B 235 -12.83 -25.00 -31.33
C PRO B 235 -13.61 -26.24 -31.65
N SER B 236 -14.92 -26.18 -31.42
CA SER B 236 -15.83 -27.27 -31.76
C SER B 236 -15.71 -28.53 -30.87
N TYR B 237 -14.65 -28.60 -30.07
CA TYR B 237 -14.45 -29.75 -29.20
C TYR B 237 -15.16 -29.67 -27.84
N ILE B 238 -15.66 -28.50 -27.48
CA ILE B 238 -16.24 -28.30 -26.13
C ILE B 238 -17.70 -27.86 -26.15
N SER B 239 -18.50 -28.38 -25.23
CA SER B 239 -19.85 -27.85 -25.05
C SER B 239 -19.87 -26.65 -24.10
N PRO B 240 -20.51 -25.56 -24.55
CA PRO B 240 -20.81 -24.35 -23.81
C PRO B 240 -21.53 -24.61 -22.49
N ILE B 241 -21.97 -25.86 -22.29
CA ILE B 241 -22.63 -26.25 -21.05
C ILE B 241 -22.09 -27.59 -20.52
N GLY B 242 -21.25 -28.22 -21.34
CA GLY B 242 -20.67 -29.50 -21.00
C GLY B 242 -19.58 -29.36 -19.96
N CYS B 243 -19.14 -30.50 -19.44
CA CYS B 243 -17.96 -30.57 -18.58
C CYS B 243 -16.71 -30.40 -19.38
N LEU B 244 -15.59 -30.28 -18.68
CA LEU B 244 -14.34 -30.02 -19.31
C LEU B 244 -13.62 -31.33 -19.58
N PRO B 245 -13.24 -31.57 -20.85
CA PRO B 245 -12.44 -32.73 -21.23
C PRO B 245 -11.19 -32.86 -20.37
N ALA B 246 -11.13 -34.00 -19.69
CA ALA B 246 -10.11 -34.27 -18.70
C ALA B 246 -8.69 -34.16 -19.25
N HIS B 247 -8.53 -34.39 -20.55
CA HIS B 247 -7.23 -34.34 -21.18
C HIS B 247 -6.85 -32.94 -21.68
N LEU B 248 -7.73 -31.97 -21.43
CA LEU B 248 -7.47 -30.63 -21.92
C LEU B 248 -6.99 -29.67 -20.83
N LEU B 249 -6.67 -30.21 -19.66
CA LEU B 249 -6.53 -29.41 -18.45
C LEU B 249 -5.13 -28.96 -18.03
N GLY B 250 -4.12 -29.28 -18.84
CA GLY B 250 -2.80 -28.66 -18.67
C GLY B 250 -1.81 -29.46 -17.86
N ASP B 251 -2.28 -30.53 -17.24
CA ASP B 251 -1.39 -31.59 -16.79
C ASP B 251 -2.10 -32.93 -16.90
N MET B 252 -1.39 -33.99 -16.54
CA MET B 252 -1.84 -35.36 -16.77
C MET B 252 -3.27 -35.65 -16.30
N TRP B 253 -3.60 -35.15 -15.11
CA TRP B 253 -4.83 -35.50 -14.42
C TRP B 253 -5.71 -34.27 -14.30
N GLY B 254 -5.10 -33.12 -14.59
CA GLY B 254 -5.77 -31.84 -14.44
C GLY B 254 -5.77 -31.35 -13.02
N ARG B 255 -4.90 -31.93 -12.18
CA ARG B 255 -4.76 -31.56 -10.75
C ARG B 255 -4.55 -30.06 -10.58
N PHE B 256 -3.80 -29.50 -11.54
CA PHE B 256 -3.56 -28.07 -11.62
C PHE B 256 -3.82 -27.53 -13.03
N TRP B 257 -4.63 -26.48 -13.08
CA TRP B 257 -4.84 -25.75 -14.33
C TRP B 257 -3.78 -24.69 -14.68
N THR B 258 -2.72 -24.61 -13.88
CA THR B 258 -1.62 -23.66 -14.11
C THR B 258 -1.24 -23.52 -15.57
N ASN B 259 -0.99 -24.64 -16.24
CA ASN B 259 -0.53 -24.54 -17.63
C ASN B 259 -1.56 -23.91 -18.61
N LEU B 260 -2.78 -23.72 -18.12
CA LEU B 260 -3.84 -23.09 -18.88
C LEU B 260 -3.69 -21.59 -18.94
N TYR B 261 -2.79 -21.05 -18.13
CA TYR B 261 -2.61 -19.61 -18.12
C TYR B 261 -2.49 -19.03 -19.53
N SER B 262 -1.55 -19.57 -20.31
CA SER B 262 -1.27 -19.07 -21.67
C SER B 262 -2.52 -18.94 -22.56
N LEU B 263 -3.47 -19.85 -22.33
CA LEU B 263 -4.70 -19.86 -23.09
C LEU B 263 -5.78 -19.01 -22.44
N THR B 264 -5.72 -18.84 -21.13
CA THR B 264 -6.79 -18.16 -20.39
C THR B 264 -6.44 -16.80 -19.83
N VAL B 265 -5.21 -16.33 -20.08
CA VAL B 265 -4.78 -15.03 -19.57
C VAL B 265 -5.84 -13.96 -19.90
N PRO B 266 -6.35 -13.26 -18.85
CA PRO B 266 -7.31 -12.21 -19.08
C PRO B 266 -6.79 -11.10 -19.98
N PHE B 267 -5.55 -10.66 -19.78
CA PHE B 267 -5.00 -9.56 -20.58
C PHE B 267 -3.61 -9.86 -21.16
N GLY B 268 -3.61 -10.37 -22.39
CA GLY B 268 -2.36 -10.73 -23.08
C GLY B 268 -1.48 -9.52 -23.32
N GLN B 269 -2.11 -8.36 -23.45
CA GLN B 269 -1.46 -7.10 -23.78
C GLN B 269 -0.46 -6.63 -22.71
N LYS B 270 -0.32 -7.40 -21.63
CA LYS B 270 0.43 -6.95 -20.46
C LYS B 270 1.78 -7.68 -20.26
N PRO B 271 2.61 -7.18 -19.32
CA PRO B 271 3.91 -7.80 -19.03
C PRO B 271 3.78 -9.06 -18.19
N ASN B 272 4.06 -10.21 -18.80
CA ASN B 272 3.92 -11.49 -18.13
C ASN B 272 4.25 -11.46 -16.65
N ILE B 273 3.34 -12.00 -15.85
CA ILE B 273 3.61 -12.32 -14.45
C ILE B 273 4.24 -13.71 -14.37
N ASP B 274 4.27 -14.40 -15.51
CA ASP B 274 5.11 -15.56 -15.68
C ASP B 274 6.53 -15.07 -16.04
N VAL B 275 7.32 -14.86 -15.01
CA VAL B 275 8.62 -14.19 -15.11
C VAL B 275 9.70 -15.12 -15.63
N THR B 276 9.29 -16.31 -16.05
CA THR B 276 10.21 -17.31 -16.58
C THR B 276 11.16 -16.69 -17.59
N ASP B 277 10.61 -16.00 -18.58
CA ASP B 277 11.43 -15.37 -19.62
C ASP B 277 12.48 -14.51 -18.96
N ALA B 278 12.00 -13.60 -18.11
CA ALA B 278 12.82 -12.66 -17.37
C ALA B 278 14.03 -13.31 -16.72
N MET B 279 13.82 -14.50 -16.17
CA MET B 279 14.88 -15.26 -15.50
C MET B 279 15.90 -15.76 -16.49
N VAL B 280 15.41 -16.32 -17.59
CA VAL B 280 16.29 -16.76 -18.66
C VAL B 280 17.14 -15.61 -19.20
N ASP B 281 16.47 -14.47 -19.40
CA ASP B 281 17.09 -13.29 -19.94
C ASP B 281 18.14 -12.64 -19.02
N GLN B 282 18.08 -12.95 -17.73
CA GLN B 282 19.10 -12.50 -16.78
C GLN B 282 20.08 -13.60 -16.38
N ALA B 283 20.08 -14.68 -17.14
CA ALA B 283 20.94 -15.83 -16.89
C ALA B 283 20.92 -16.31 -15.43
N TRP B 284 19.72 -16.59 -14.92
CA TRP B 284 19.56 -17.07 -13.56
C TRP B 284 19.84 -18.54 -13.52
N ASP B 285 20.50 -19.00 -12.45
CA ASP B 285 20.73 -20.42 -12.22
C ASP B 285 20.12 -20.84 -10.90
N ALA B 286 20.17 -22.15 -10.62
CA ALA B 286 19.57 -22.69 -9.41
C ALA B 286 20.12 -22.00 -8.17
N GLN B 287 21.45 -21.87 -8.10
CA GLN B 287 22.12 -21.16 -6.98
C GLN B 287 21.47 -19.80 -6.73
N ARG B 288 21.27 -19.03 -7.80
CA ARG B 288 20.57 -17.77 -7.69
C ARG B 288 19.18 -18.00 -7.13
N ILE B 289 18.46 -18.99 -7.65
CA ILE B 289 17.10 -19.24 -7.20
C ILE B 289 17.14 -19.57 -5.73
N PHE B 290 18.05 -20.46 -5.37
CA PHE B 290 18.12 -20.92 -4.00
C PHE B 290 18.67 -19.91 -3.03
N LYS B 291 19.72 -19.23 -3.45
CA LYS B 291 20.36 -18.23 -2.64
C LYS B 291 19.35 -17.11 -2.41
N GLU B 292 18.54 -16.85 -3.43
CA GLU B 292 17.59 -15.77 -3.39
C GLU B 292 16.43 -16.07 -2.46
N ALA B 293 16.05 -17.34 -2.34
CA ALA B 293 14.97 -17.72 -1.44
C ALA B 293 15.45 -17.67 0.01
N GLU B 294 16.66 -18.17 0.24
CA GLU B 294 17.33 -18.03 1.52
C GLU B 294 17.24 -16.56 1.93
N LYS B 295 17.54 -15.65 1.01
CA LYS B 295 17.51 -14.23 1.31
C LYS B 295 16.14 -13.81 1.85
N PHE B 296 15.09 -14.35 1.24
CA PHE B 296 13.71 -14.10 1.65
C PHE B 296 13.50 -14.37 3.13
N PHE B 297 13.80 -15.58 3.57
CA PHE B 297 13.58 -15.95 4.96
C PHE B 297 14.39 -15.08 5.91
N VAL B 298 15.66 -14.91 5.59
CA VAL B 298 16.51 -14.01 6.37
C VAL B 298 15.85 -12.61 6.54
N SER B 299 15.19 -12.12 5.51
CA SER B 299 14.53 -10.83 5.59
C SER B 299 13.38 -10.82 6.57
N VAL B 300 12.85 -11.98 6.94
CA VAL B 300 11.82 -12.01 8.00
C VAL B 300 12.35 -12.48 9.34
N GLY B 301 13.65 -12.67 9.47
CA GLY B 301 14.22 -12.95 10.78
C GLY B 301 14.73 -14.36 10.94
N LEU B 302 14.35 -15.24 10.03
CA LEU B 302 14.82 -16.62 10.10
C LEU B 302 16.27 -16.78 9.61
N PRO B 303 16.91 -17.89 9.99
CA PRO B 303 18.32 -18.10 9.71
C PRO B 303 18.68 -18.43 8.27
N ASN B 304 19.91 -18.07 7.88
CA ASN B 304 20.59 -18.60 6.69
C ASN B 304 20.53 -20.13 6.70
N MET B 305 20.42 -20.73 5.52
CA MET B 305 20.62 -22.17 5.38
C MET B 305 21.99 -22.51 5.93
N THR B 306 22.09 -23.70 6.54
CA THR B 306 23.33 -24.20 7.12
C THR B 306 24.37 -24.53 6.08
N GLN B 307 25.62 -24.20 6.35
CA GLN B 307 26.75 -24.64 5.54
C GLN B 307 26.47 -26.03 4.92
N GLY B 308 26.02 -26.97 5.77
CA GLY B 308 25.69 -28.32 5.35
C GLY B 308 24.69 -28.38 4.20
N PHE B 309 23.63 -27.59 4.30
CA PHE B 309 22.63 -27.48 3.24
C PHE B 309 23.27 -27.26 1.86
N TRP B 310 24.04 -26.18 1.75
CA TRP B 310 24.72 -25.78 0.51
C TRP B 310 25.72 -26.78 -0.05
N GLU B 311 26.50 -27.40 0.83
CA GLU B 311 27.48 -28.40 0.41
C GLU B 311 26.88 -29.78 0.15
N ASN B 312 25.75 -30.10 0.79
CA ASN B 312 25.17 -31.43 0.63
C ASN B 312 24.01 -31.55 -0.35
N SER B 313 23.14 -30.54 -0.38
CA SER B 313 21.89 -30.61 -1.14
C SER B 313 22.14 -30.74 -2.63
N MET B 314 21.13 -31.22 -3.36
CA MET B 314 21.23 -31.31 -4.80
C MET B 314 20.25 -30.37 -5.50
N LEU B 315 20.78 -29.27 -6.03
CA LEU B 315 19.93 -28.23 -6.57
C LEU B 315 19.77 -28.28 -8.07
N THR B 316 20.52 -29.16 -8.73
CA THR B 316 20.48 -29.26 -10.17
C THR B 316 20.65 -30.71 -10.59
N ASP B 317 19.92 -31.10 -11.63
CA ASP B 317 19.99 -32.47 -12.18
C ASP B 317 21.40 -32.87 -12.64
N PRO B 318 21.99 -33.91 -12.02
CA PRO B 318 23.27 -34.43 -12.48
C PRO B 318 23.14 -34.89 -13.93
N GLY B 319 21.90 -35.16 -14.33
CA GLY B 319 21.52 -35.43 -15.71
C GLY B 319 21.81 -36.85 -16.15
N ASN B 320 22.51 -36.94 -17.29
CA ASN B 320 23.09 -38.19 -17.77
C ASN B 320 24.04 -38.80 -16.74
N VAL B 321 24.50 -40.03 -16.99
CA VAL B 321 25.44 -40.72 -16.09
C VAL B 321 24.75 -41.03 -14.77
N GLN B 322 24.75 -40.06 -13.87
CA GLN B 322 24.22 -40.20 -12.54
C GLN B 322 22.71 -39.99 -12.55
N LYS B 323 21.96 -41.06 -12.87
CA LYS B 323 20.50 -40.99 -12.90
C LYS B 323 19.93 -40.92 -11.49
N ALA B 324 18.89 -40.08 -11.33
CA ALA B 324 18.35 -39.72 -10.03
C ALA B 324 16.88 -39.30 -10.16
N VAL B 325 16.08 -39.56 -9.13
CA VAL B 325 14.64 -39.24 -9.13
C VAL B 325 14.34 -37.81 -8.67
N CYS B 326 13.51 -37.11 -9.44
CA CYS B 326 13.52 -35.65 -9.46
C CYS B 326 12.46 -34.89 -8.66
N HIS B 327 11.40 -35.58 -8.24
CA HIS B 327 10.36 -34.92 -7.44
C HIS B 327 10.98 -34.04 -6.36
N PRO B 328 10.65 -32.74 -6.35
CA PRO B 328 11.17 -31.78 -5.39
C PRO B 328 10.93 -32.20 -3.94
N THR B 329 12.02 -32.37 -3.18
CA THR B 329 11.93 -32.92 -1.82
C THR B 329 12.86 -32.20 -0.83
N ALA B 330 12.33 -31.91 0.36
CA ALA B 330 13.08 -31.25 1.42
C ALA B 330 13.35 -32.23 2.54
N TRP B 331 14.62 -32.46 2.83
CA TRP B 331 15.02 -33.57 3.67
C TRP B 331 15.45 -33.13 5.06
N ASP B 332 14.81 -33.67 6.09
CA ASP B 332 15.32 -33.54 7.45
C ASP B 332 15.87 -34.88 7.93
N LEU B 333 17.17 -35.09 7.70
CA LEU B 333 17.83 -36.35 7.96
C LEU B 333 18.02 -36.61 9.45
N GLY B 334 17.87 -35.58 10.26
CA GLY B 334 18.24 -35.66 11.67
C GLY B 334 19.68 -35.22 11.85
N LYS B 335 20.14 -35.18 13.11
CA LYS B 335 21.48 -34.70 13.46
C LYS B 335 21.77 -33.33 12.80
N GLY B 336 20.74 -32.52 12.70
CA GLY B 336 20.84 -31.21 12.07
C GLY B 336 21.34 -31.27 10.65
N ASP B 337 20.87 -32.25 9.87
CA ASP B 337 21.23 -32.36 8.47
C ASP B 337 20.05 -31.98 7.61
N PHE B 338 20.19 -30.90 6.84
CA PHE B 338 19.06 -30.41 6.05
C PHE B 338 19.39 -30.33 4.57
N ARG B 339 18.54 -30.97 3.78
CA ARG B 339 18.78 -31.03 2.36
C ARG B 339 17.50 -30.81 1.58
N ILE B 340 17.68 -30.40 0.33
CA ILE B 340 16.63 -30.36 -0.66
C ILE B 340 17.16 -31.18 -1.84
N LEU B 341 16.26 -31.79 -2.58
CA LEU B 341 16.61 -32.47 -3.81
C LEU B 341 15.63 -31.96 -4.85
N MET B 342 16.16 -31.29 -5.87
CA MET B 342 15.34 -30.69 -6.90
C MET B 342 16.12 -30.55 -8.21
N CYS B 343 15.48 -30.91 -9.31
CA CYS B 343 16.13 -30.85 -10.61
C CYS B 343 15.77 -29.52 -11.24
N THR B 344 16.15 -28.46 -10.52
CA THR B 344 15.69 -27.10 -10.77
C THR B 344 15.91 -26.69 -12.21
N LYS B 345 14.83 -26.29 -12.86
CA LYS B 345 14.91 -25.71 -14.19
C LYS B 345 14.62 -24.22 -13.99
N VAL B 346 15.24 -23.36 -14.79
CA VAL B 346 15.06 -21.93 -14.63
C VAL B 346 13.66 -21.54 -15.10
N THR B 347 12.72 -21.55 -14.16
CA THR B 347 11.33 -21.23 -14.43
C THR B 347 10.80 -20.53 -13.21
N MET B 348 9.84 -19.62 -13.39
CA MET B 348 9.18 -19.04 -12.24
C MET B 348 8.61 -20.18 -11.41
N ASP B 349 7.91 -21.11 -12.07
CA ASP B 349 7.38 -22.30 -11.42
C ASP B 349 8.35 -22.86 -10.35
N ASP B 350 9.59 -23.13 -10.76
CA ASP B 350 10.60 -23.71 -9.86
C ASP B 350 11.03 -22.72 -8.82
N PHE B 351 11.11 -21.45 -9.24
CA PHE B 351 11.46 -20.36 -8.35
C PHE B 351 10.51 -20.46 -7.18
N LEU B 352 9.21 -20.55 -7.48
CA LEU B 352 8.18 -20.70 -6.47
C LEU B 352 8.31 -22.00 -5.69
N THR B 353 8.49 -23.12 -6.39
CA THR B 353 8.70 -24.42 -5.70
C THR B 353 9.87 -24.35 -4.73
N ALA B 354 10.98 -23.75 -5.17
CA ALA B 354 12.12 -23.41 -4.30
C ALA B 354 11.71 -22.71 -2.99
N HIS B 355 10.86 -21.70 -3.07
CA HIS B 355 10.44 -21.09 -1.83
C HIS B 355 9.66 -22.09 -1.00
N HIS B 356 8.77 -22.86 -1.64
CA HIS B 356 8.04 -23.96 -0.96
C HIS B 356 8.95 -24.91 -0.21
N GLU B 357 9.75 -25.68 -0.92
CA GLU B 357 10.65 -26.63 -0.23
C GLU B 357 11.51 -25.94 0.87
N MET B 358 12.16 -24.81 0.55
CA MET B 358 12.93 -24.08 1.59
C MET B 358 12.05 -23.58 2.74
N GLY B 359 10.78 -23.30 2.45
CA GLY B 359 9.75 -23.23 3.51
C GLY B 359 9.75 -24.46 4.44
N HIS B 360 9.58 -25.67 3.86
CA HIS B 360 9.61 -26.92 4.68
C HIS B 360 10.86 -26.95 5.54
N ILE B 361 11.99 -26.66 4.91
CA ILE B 361 13.29 -26.75 5.57
C ILE B 361 13.28 -25.89 6.81
N GLN B 362 12.82 -24.63 6.65
CA GLN B 362 12.82 -23.67 7.73
C GLN B 362 11.91 -24.18 8.87
N TYR B 363 10.86 -24.92 8.51
CA TYR B 363 9.98 -25.54 9.47
C TYR B 363 10.72 -26.69 10.21
N ASP B 364 11.27 -27.65 9.47
CA ASP B 364 12.16 -28.66 10.08
C ASP B 364 13.14 -28.08 11.11
N MET B 365 13.64 -26.87 10.83
CA MET B 365 14.74 -26.28 11.59
C MET B 365 14.25 -25.68 12.87
N ALA B 366 13.11 -25.00 12.82
CA ALA B 366 12.51 -24.42 14.01
C ALA B 366 12.17 -25.50 15.03
N TYR B 367 11.78 -26.68 14.56
CA TYR B 367 11.36 -27.75 15.49
C TYR B 367 12.40 -28.85 15.81
N ALA B 368 13.66 -28.58 15.50
CA ALA B 368 14.73 -29.58 15.73
C ALA B 368 15.06 -29.73 17.20
N ALA B 369 14.76 -28.72 18.01
CA ALA B 369 14.94 -28.83 19.47
C ALA B 369 13.82 -29.62 20.17
N GLN B 370 12.93 -30.25 19.40
CA GLN B 370 11.90 -31.12 19.96
C GLN B 370 12.39 -32.54 19.94
N PRO B 371 11.82 -33.37 20.83
CA PRO B 371 12.24 -34.76 20.93
C PRO B 371 11.93 -35.49 19.66
N PHE B 372 12.86 -36.32 19.20
CA PHE B 372 12.75 -36.97 17.88
C PHE B 372 11.32 -37.10 17.39
N LEU B 373 10.50 -37.77 18.19
CA LEU B 373 9.10 -38.07 17.84
C LEU B 373 8.18 -36.86 17.74
N LEU B 374 8.63 -35.72 18.26
CA LEU B 374 7.84 -34.49 18.24
C LEU B 374 8.15 -33.55 17.08
N ARG B 375 9.30 -33.77 16.45
CA ARG B 375 9.69 -33.03 15.28
C ARG B 375 8.79 -33.45 14.14
N ASN B 376 8.02 -32.50 13.59
CA ASN B 376 7.00 -32.80 12.60
C ASN B 376 5.87 -31.79 12.68
N GLY B 377 5.42 -31.29 11.53
CA GLY B 377 4.31 -30.33 11.47
C GLY B 377 3.08 -30.80 12.23
N ALA B 378 2.32 -29.83 12.72
CA ALA B 378 1.17 -30.10 13.62
C ALA B 378 0.25 -31.24 13.15
N ASN B 379 -0.19 -31.14 11.91
CA ASN B 379 -0.88 -32.24 11.26
C ASN B 379 -0.33 -32.35 9.84
N GLU B 380 -0.67 -33.43 9.15
CA GLU B 380 -0.17 -33.69 7.79
C GLU B 380 -0.23 -32.44 6.90
N GLY B 381 -1.27 -31.65 7.12
CA GLY B 381 -1.57 -30.51 6.29
C GLY B 381 -0.85 -29.25 6.70
N PHE B 382 -0.17 -29.27 7.84
CA PHE B 382 0.54 -28.11 8.30
C PHE B 382 1.81 -27.82 7.54
N HIS B 383 2.51 -28.87 7.13
CA HIS B 383 3.81 -28.66 6.54
C HIS B 383 3.66 -28.08 5.15
N GLU B 384 2.71 -28.59 4.39
CA GLU B 384 2.47 -28.09 3.04
C GLU B 384 1.98 -26.64 3.07
N ALA B 385 1.18 -26.30 4.08
CA ALA B 385 0.64 -24.94 4.16
C ALA B 385 1.77 -23.96 4.32
N VAL B 386 2.67 -24.23 5.25
CA VAL B 386 3.78 -23.33 5.51
C VAL B 386 4.60 -23.06 4.24
N GLY B 387 5.00 -24.12 3.55
CA GLY B 387 5.72 -23.98 2.30
C GLY B 387 5.00 -23.11 1.29
N GLU B 388 3.67 -23.13 1.31
CA GLU B 388 2.88 -22.40 0.34
C GLU B 388 2.66 -20.93 0.71
N ILE B 389 2.76 -20.60 1.99
CA ILE B 389 2.69 -19.23 2.47
C ILE B 389 3.85 -18.46 1.88
N MET B 390 4.94 -19.19 1.67
CA MET B 390 6.15 -18.63 1.13
C MET B 390 5.92 -18.26 -0.32
N SER B 391 5.61 -19.27 -1.13
CA SER B 391 5.35 -19.04 -2.54
C SER B 391 4.28 -17.97 -2.72
N LEU B 392 3.53 -17.73 -1.66
CA LEU B 392 2.49 -16.73 -1.69
C LEU B 392 3.07 -15.34 -1.67
N SER B 393 3.98 -15.07 -0.73
CA SER B 393 4.63 -13.77 -0.69
C SER B 393 5.55 -13.62 -1.91
N ALA B 394 6.15 -14.72 -2.33
CA ALA B 394 7.18 -14.69 -3.35
C ALA B 394 6.62 -14.44 -4.74
N ALA B 395 5.30 -14.63 -4.91
CA ALA B 395 4.71 -14.52 -6.26
C ALA B 395 4.19 -13.14 -6.61
N THR B 396 4.06 -12.30 -5.60
CA THR B 396 3.59 -10.92 -5.76
C THR B 396 4.52 -10.10 -6.67
N PRO B 397 3.94 -9.31 -7.59
CA PRO B 397 4.70 -8.38 -8.38
C PRO B 397 5.56 -7.45 -7.51
N LYS B 398 5.00 -7.00 -6.38
CA LYS B 398 5.72 -6.30 -5.33
C LYS B 398 7.09 -6.94 -5.08
N HIS B 399 7.09 -8.21 -4.68
CA HIS B 399 8.32 -8.98 -4.44
C HIS B 399 9.17 -9.13 -5.70
N LEU B 400 8.52 -9.49 -6.81
CA LEU B 400 9.22 -9.71 -8.07
C LEU B 400 10.06 -8.52 -8.51
N LYS B 401 9.57 -7.31 -8.21
CA LYS B 401 10.28 -6.07 -8.49
C LYS B 401 11.55 -5.98 -7.68
N SER B 402 11.38 -6.08 -6.37
CA SER B 402 12.48 -5.92 -5.47
C SER B 402 13.16 -7.24 -5.44
N ILE B 403 13.83 -7.55 -6.53
CA ILE B 403 14.50 -8.81 -6.70
C ILE B 403 15.10 -8.77 -8.10
N GLY B 404 14.52 -7.90 -8.93
CA GLY B 404 15.12 -7.51 -10.19
C GLY B 404 14.64 -8.32 -11.35
N LEU B 405 13.44 -8.89 -11.20
CA LEU B 405 12.84 -9.73 -12.22
C LEU B 405 11.69 -9.01 -12.89
N LEU B 406 11.36 -7.85 -12.35
CA LEU B 406 10.32 -7.03 -12.90
C LEU B 406 10.84 -5.61 -12.82
N SER B 407 10.67 -4.86 -13.91
CA SER B 407 11.19 -3.51 -14.02
C SER B 407 11.00 -2.75 -12.73
N PRO B 408 12.06 -2.15 -12.21
CA PRO B 408 11.95 -1.44 -10.94
C PRO B 408 10.91 -0.32 -11.01
N ASP B 409 10.61 0.15 -12.21
CA ASP B 409 9.55 1.12 -12.45
C ASP B 409 8.41 0.50 -13.26
N PHE B 410 7.92 -0.63 -12.75
CA PHE B 410 6.76 -1.31 -13.26
C PHE B 410 5.64 -0.93 -12.33
N GLN B 411 4.45 -0.69 -12.87
CA GLN B 411 3.31 -0.27 -12.03
C GLN B 411 2.16 -1.29 -11.96
N GLU B 412 1.28 -1.13 -10.96
CA GLU B 412 0.17 -2.05 -10.75
C GLU B 412 -1.15 -1.48 -11.27
N ASP B 413 -1.59 -1.93 -12.44
CA ASP B 413 -2.91 -1.57 -12.96
C ASP B 413 -3.96 -2.56 -12.44
N ASN B 414 -5.22 -2.14 -12.37
CA ASN B 414 -6.27 -3.04 -11.91
C ASN B 414 -6.52 -4.23 -12.87
N GLU B 415 -5.72 -4.29 -13.94
CA GLU B 415 -5.70 -5.42 -14.88
C GLU B 415 -4.56 -6.43 -14.63
N THR B 416 -3.42 -5.93 -14.16
CA THR B 416 -2.32 -6.79 -13.76
C THR B 416 -2.75 -7.58 -12.54
N GLU B 417 -3.49 -6.91 -11.67
CA GLU B 417 -4.17 -7.49 -10.51
C GLU B 417 -5.00 -8.73 -10.94
N ILE B 418 -5.88 -8.59 -11.91
CA ILE B 418 -6.69 -9.73 -12.33
C ILE B 418 -5.84 -10.80 -12.96
N ASN B 419 -4.97 -10.40 -13.90
CA ASN B 419 -4.04 -11.35 -14.51
C ASN B 419 -3.44 -12.21 -13.44
N PHE B 420 -2.89 -11.52 -12.44
CA PHE B 420 -2.24 -12.16 -11.29
C PHE B 420 -3.18 -13.11 -10.57
N LEU B 421 -4.29 -12.55 -10.09
CA LEU B 421 -5.34 -13.34 -9.40
C LEU B 421 -5.78 -14.56 -10.20
N LEU B 422 -6.17 -14.33 -11.45
CA LEU B 422 -6.54 -15.42 -12.30
C LEU B 422 -5.46 -16.48 -12.22
N LYS B 423 -4.20 -16.10 -12.43
CA LYS B 423 -3.11 -17.05 -12.44
C LYS B 423 -3.06 -17.81 -11.13
N GLN B 424 -3.24 -17.12 -10.01
CA GLN B 424 -3.17 -17.83 -8.73
C GLN B 424 -4.37 -18.76 -8.67
N ALA B 425 -5.55 -18.24 -9.00
CA ALA B 425 -6.75 -19.06 -8.93
C ALA B 425 -6.55 -20.38 -9.67
N LEU B 426 -5.94 -20.29 -10.84
CA LEU B 426 -5.83 -21.39 -11.76
C LEU B 426 -5.21 -22.61 -11.05
N THR B 427 -4.27 -22.35 -10.16
CA THR B 427 -3.57 -23.39 -9.43
C THR B 427 -4.32 -23.69 -8.14
N ILE B 428 -4.24 -22.75 -7.19
CA ILE B 428 -4.93 -22.82 -5.92
C ILE B 428 -6.39 -23.30 -6.04
N VAL B 429 -7.27 -22.44 -6.58
CA VAL B 429 -8.71 -22.70 -6.64
C VAL B 429 -8.92 -23.85 -7.58
N GLY B 430 -8.05 -23.96 -8.57
CA GLY B 430 -8.16 -25.05 -9.50
C GLY B 430 -8.25 -26.39 -8.79
N THR B 431 -7.20 -26.71 -8.04
CA THR B 431 -7.08 -28.02 -7.44
C THR B 431 -8.13 -28.33 -6.39
N LEU B 432 -8.80 -27.31 -5.83
CA LEU B 432 -9.68 -27.56 -4.69
C LEU B 432 -10.66 -28.72 -4.91
N PRO B 433 -11.54 -28.63 -5.93
CA PRO B 433 -12.46 -29.72 -6.22
C PRO B 433 -11.74 -31.03 -6.45
N PHE B 434 -10.76 -30.99 -7.36
CA PHE B 434 -10.01 -32.17 -7.78
C PHE B 434 -9.66 -33.01 -6.57
N THR B 435 -9.07 -32.33 -5.60
CA THR B 435 -8.53 -32.94 -4.40
C THR B 435 -9.65 -33.59 -3.62
N TYR B 436 -10.61 -32.76 -3.22
CA TYR B 436 -11.77 -33.23 -2.47
C TYR B 436 -12.48 -34.41 -3.12
N MET B 437 -12.72 -34.30 -4.43
CA MET B 437 -13.43 -35.31 -5.16
C MET B 437 -12.61 -36.58 -5.26
N LEU B 438 -11.29 -36.45 -5.21
CA LEU B 438 -10.48 -37.64 -5.23
C LEU B 438 -10.55 -38.35 -3.89
N GLU B 439 -10.35 -37.61 -2.80
CA GLU B 439 -10.32 -38.22 -1.48
C GLU B 439 -11.69 -38.69 -1.09
N LYS B 440 -12.73 -38.04 -1.59
CA LYS B 440 -14.10 -38.45 -1.29
C LYS B 440 -14.34 -39.82 -1.91
N TRP B 441 -13.71 -40.04 -3.06
CA TRP B 441 -13.83 -41.30 -3.74
C TRP B 441 -13.11 -42.40 -2.99
N ARG B 442 -11.88 -42.14 -2.56
CA ARG B 442 -11.12 -43.12 -1.80
C ARG B 442 -11.77 -43.38 -0.46
N TRP B 443 -12.26 -42.33 0.16
CA TRP B 443 -12.96 -42.42 1.43
C TRP B 443 -14.16 -43.33 1.31
N MET B 444 -14.95 -43.13 0.26
CA MET B 444 -16.14 -43.92 0.00
C MET B 444 -15.70 -45.37 -0.18
N VAL B 445 -14.68 -45.56 -1.02
CA VAL B 445 -14.14 -46.87 -1.32
C VAL B 445 -13.86 -47.69 -0.06
N PHE B 446 -12.99 -47.16 0.79
CA PHE B 446 -12.58 -47.85 2.02
C PHE B 446 -13.77 -48.13 2.92
N LYS B 447 -14.70 -47.17 2.98
CA LYS B 447 -15.87 -47.27 3.88
C LYS B 447 -16.89 -48.30 3.38
N GLY B 448 -16.54 -49.00 2.31
CA GLY B 448 -17.41 -50.02 1.73
C GLY B 448 -18.74 -49.47 1.28
N GLU B 449 -18.70 -48.30 0.65
CA GLU B 449 -19.92 -47.69 0.11
C GLU B 449 -19.93 -47.81 -1.40
N ILE B 450 -18.80 -48.21 -1.98
CA ILE B 450 -18.71 -48.46 -3.42
C ILE B 450 -18.17 -49.86 -3.73
N PRO B 451 -19.00 -50.67 -4.40
CA PRO B 451 -18.68 -52.02 -4.86
C PRO B 451 -17.65 -52.02 -6.00
N LYS B 452 -16.73 -52.98 -5.91
CA LYS B 452 -15.63 -53.22 -6.87
C LYS B 452 -15.89 -52.84 -8.34
N ASP B 453 -17.13 -53.04 -8.80
CA ASP B 453 -17.49 -52.91 -10.22
C ASP B 453 -18.03 -51.54 -10.62
N GLN B 454 -18.33 -50.69 -9.65
CA GLN B 454 -18.78 -49.33 -9.93
C GLN B 454 -17.72 -48.32 -9.49
N TRP B 455 -16.67 -48.83 -8.84
CA TRP B 455 -15.48 -48.10 -8.49
C TRP B 455 -15.13 -46.99 -9.49
N MET B 456 -15.07 -47.38 -10.77
CA MET B 456 -14.67 -46.45 -11.82
C MET B 456 -15.84 -45.71 -12.45
N LYS B 457 -17.05 -46.24 -12.29
CA LYS B 457 -18.24 -45.53 -12.76
C LYS B 457 -18.46 -44.35 -11.83
N LYS B 458 -18.73 -44.66 -10.56
CA LYS B 458 -19.02 -43.63 -9.59
C LYS B 458 -17.81 -42.69 -9.39
N TRP B 459 -16.72 -42.95 -10.11
CA TRP B 459 -15.57 -42.04 -10.15
C TRP B 459 -15.91 -40.88 -11.08
N TRP B 460 -16.12 -41.19 -12.36
CA TRP B 460 -16.46 -40.17 -13.36
C TRP B 460 -17.77 -39.51 -13.09
N GLU B 461 -18.66 -40.23 -12.43
CA GLU B 461 -19.92 -39.67 -12.01
C GLU B 461 -19.65 -38.45 -11.15
N MET B 462 -18.61 -38.53 -10.33
CA MET B 462 -18.22 -37.43 -9.44
C MET B 462 -17.30 -36.44 -10.13
N LYS B 463 -16.40 -36.96 -10.95
CA LYS B 463 -15.50 -36.11 -11.71
C LYS B 463 -16.31 -35.29 -12.70
N ARG B 464 -17.57 -35.69 -12.85
CA ARG B 464 -18.53 -35.08 -13.74
C ARG B 464 -19.24 -33.92 -13.04
N GLU B 465 -19.83 -34.18 -11.87
CA GLU B 465 -20.66 -33.16 -11.25
C GLU B 465 -20.04 -32.44 -10.06
N ILE B 466 -19.08 -33.06 -9.39
CA ILE B 466 -18.38 -32.35 -8.33
C ILE B 466 -17.28 -31.47 -8.92
N VAL B 467 -16.43 -32.07 -9.74
CA VAL B 467 -15.32 -31.34 -10.35
C VAL B 467 -15.79 -30.62 -11.60
N GLY B 468 -16.68 -31.26 -12.37
CA GLY B 468 -17.15 -30.72 -13.63
C GLY B 468 -16.28 -31.12 -14.81
N VAL B 469 -15.79 -32.35 -14.80
CA VAL B 469 -14.87 -32.78 -15.84
C VAL B 469 -15.34 -34.08 -16.53
N VAL B 470 -14.93 -34.28 -17.78
CA VAL B 470 -15.36 -35.44 -18.57
C VAL B 470 -14.22 -36.24 -19.18
N GLU B 471 -14.49 -37.53 -19.35
CA GLU B 471 -13.56 -38.47 -19.96
C GLU B 471 -13.79 -38.54 -21.47
N PRO B 472 -12.77 -38.19 -22.26
CA PRO B 472 -12.84 -38.12 -23.73
C PRO B 472 -13.32 -39.41 -24.41
N VAL B 473 -13.07 -40.56 -23.74
CA VAL B 473 -13.53 -41.89 -24.18
C VAL B 473 -14.14 -42.64 -22.98
N PRO B 474 -15.03 -43.63 -23.24
CA PRO B 474 -15.62 -44.32 -22.09
C PRO B 474 -14.66 -45.33 -21.48
N HIS B 475 -14.73 -45.47 -20.15
CA HIS B 475 -13.86 -46.39 -19.42
C HIS B 475 -14.64 -47.47 -18.67
N ASP B 476 -14.14 -48.69 -18.71
CA ASP B 476 -14.75 -49.81 -18.01
C ASP B 476 -13.82 -50.29 -16.90
N GLU B 477 -14.23 -51.34 -16.19
CA GLU B 477 -13.52 -51.80 -14.98
C GLU B 477 -12.15 -52.44 -15.22
N THR B 478 -11.75 -52.52 -16.48
CA THR B 478 -10.39 -52.89 -16.84
C THR B 478 -9.44 -51.77 -16.42
N TYR B 479 -9.97 -50.54 -16.44
CA TYR B 479 -9.23 -49.33 -16.12
C TYR B 479 -9.20 -49.01 -14.63
N CYS B 480 -8.14 -48.35 -14.19
CA CYS B 480 -8.06 -47.81 -12.84
C CYS B 480 -7.35 -46.47 -12.88
N ASP B 481 -8.14 -45.41 -13.02
CA ASP B 481 -7.61 -44.08 -13.29
C ASP B 481 -7.02 -43.39 -12.05
N PRO B 482 -7.77 -43.36 -10.92
CA PRO B 482 -7.16 -42.74 -9.75
C PRO B 482 -5.73 -43.22 -9.53
N ALA B 483 -5.49 -44.51 -9.77
CA ALA B 483 -4.15 -45.08 -9.68
C ALA B 483 -3.13 -44.25 -10.43
N SER B 484 -3.50 -43.82 -11.65
CA SER B 484 -2.60 -43.10 -12.55
C SER B 484 -2.10 -41.79 -11.97
N LEU B 485 -2.53 -41.52 -10.75
CA LEU B 485 -1.97 -40.44 -9.97
C LEU B 485 -0.99 -41.00 -8.93
N PHE B 486 0.20 -40.42 -8.90
CA PHE B 486 1.23 -40.81 -7.96
C PHE B 486 0.68 -41.13 -6.57
N HIS B 487 -0.06 -40.18 -6.01
CA HIS B 487 -0.43 -40.21 -4.61
C HIS B 487 -1.35 -41.38 -4.28
N VAL B 488 -1.97 -41.93 -5.30
CA VAL B 488 -2.91 -43.04 -5.14
C VAL B 488 -2.16 -44.37 -5.34
N SER B 489 -1.26 -44.41 -6.32
CA SER B 489 -0.44 -45.59 -6.53
C SER B 489 0.61 -45.75 -5.43
N ASN B 490 1.39 -44.70 -5.17
CA ASN B 490 2.42 -44.76 -4.12
C ASN B 490 1.85 -44.47 -2.72
N ASP B 491 0.52 -44.61 -2.58
CA ASP B 491 -0.18 -44.50 -1.29
C ASP B 491 0.18 -43.29 -0.43
N TYR B 492 -0.67 -42.26 -0.45
CA TYR B 492 -0.56 -41.08 0.45
C TYR B 492 -1.91 -40.41 0.66
N SER B 493 -2.15 -39.98 1.90
CA SER B 493 -3.32 -39.17 2.22
C SER B 493 -3.34 -37.91 1.34
N PHE B 494 -4.52 -37.55 0.83
CA PHE B 494 -4.59 -36.46 -0.13
C PHE B 494 -5.34 -35.25 0.38
N ILE B 495 -6.25 -35.47 1.31
CA ILE B 495 -7.01 -34.35 1.89
C ILE B 495 -6.07 -33.29 2.42
N ARG B 496 -4.85 -33.74 2.69
CA ARG B 496 -3.70 -32.92 2.98
C ARG B 496 -3.68 -31.61 2.19
N TYR B 497 -3.81 -31.70 0.87
CA TYR B 497 -3.65 -30.51 0.04
C TYR B 497 -4.85 -29.59 0.04
N TYR B 498 -6.03 -30.13 0.31
CA TYR B 498 -7.22 -29.33 0.54
C TYR B 498 -6.98 -28.38 1.73
N THR B 499 -6.92 -28.99 2.90
CA THR B 499 -6.77 -28.31 4.19
C THR B 499 -5.64 -27.30 4.17
N ARG B 500 -4.47 -27.75 3.73
CA ARG B 500 -3.32 -26.91 3.56
C ARG B 500 -3.72 -25.62 2.81
N THR B 501 -4.49 -25.77 1.72
CA THR B 501 -4.89 -24.62 0.95
C THR B 501 -5.72 -23.63 1.77
N LEU B 502 -6.39 -24.11 2.81
CA LEU B 502 -7.10 -23.17 3.65
C LEU B 502 -6.17 -22.57 4.69
N TYR B 503 -5.47 -23.40 5.43
CA TYR B 503 -4.55 -22.89 6.44
C TYR B 503 -3.69 -21.79 5.81
N GLN B 504 -3.15 -22.11 4.64
CA GLN B 504 -2.39 -21.22 3.82
C GLN B 504 -2.85 -19.79 4.02
N PHE B 505 -4.08 -19.54 3.59
CA PHE B 505 -4.58 -18.19 3.53
C PHE B 505 -4.92 -17.64 4.91
N GLN B 506 -5.22 -18.55 5.84
CA GLN B 506 -5.41 -18.14 7.23
C GLN B 506 -4.13 -17.50 7.81
N PHE B 507 -3.02 -18.22 7.68
CA PHE B 507 -1.71 -17.79 8.14
C PHE B 507 -1.36 -16.46 7.53
N GLN B 508 -1.57 -16.35 6.22
CA GLN B 508 -1.28 -15.10 5.53
C GLN B 508 -2.02 -13.96 6.22
N GLU B 509 -3.34 -14.09 6.37
CA GLU B 509 -4.12 -13.05 7.00
C GLU B 509 -3.34 -12.53 8.21
N ALA B 510 -3.09 -13.43 9.18
CA ALA B 510 -2.43 -13.09 10.44
C ALA B 510 -1.07 -12.50 10.15
N LEU B 511 -0.36 -13.15 9.27
CA LEU B 511 0.99 -12.75 9.02
C LEU B 511 1.07 -11.35 8.41
N CYS B 512 0.12 -11.00 7.57
CA CYS B 512 0.13 -9.67 6.98
C CYS B 512 -0.28 -8.61 8.00
N GLN B 513 -1.26 -8.95 8.83
CA GLN B 513 -1.67 -8.06 9.90
C GLN B 513 -0.46 -7.77 10.78
N ALA B 514 0.37 -8.78 10.96
CA ALA B 514 1.60 -8.66 11.70
C ALA B 514 2.56 -7.74 10.96
N ALA B 515 2.56 -7.81 9.64
CA ALA B 515 3.43 -6.96 8.84
C ALA B 515 2.87 -5.54 8.68
N LYS B 516 1.88 -5.22 9.49
CA LYS B 516 1.22 -3.91 9.44
C LYS B 516 0.81 -3.56 8.02
N HIS B 517 0.53 -4.60 7.24
CA HIS B 517 0.25 -4.48 5.82
C HIS B 517 -1.08 -3.77 5.60
N GLU B 518 -1.16 -3.03 4.50
CA GLU B 518 -2.23 -2.08 4.27
C GLU B 518 -3.55 -2.65 3.77
N GLY B 519 -3.61 -2.99 2.48
CA GLY B 519 -4.90 -3.34 1.87
C GLY B 519 -5.21 -4.78 1.47
N PRO B 520 -5.54 -5.00 0.18
CA PRO B 520 -5.86 -6.30 -0.33
C PRO B 520 -4.75 -7.29 0.03
N LEU B 521 -5.17 -8.37 0.68
CA LEU B 521 -4.30 -9.47 1.09
C LEU B 521 -3.36 -9.96 -0.01
N HIS B 522 -3.92 -10.21 -1.19
CA HIS B 522 -3.17 -10.73 -2.31
C HIS B 522 -2.03 -9.81 -2.74
N LYS B 523 -2.01 -8.60 -2.20
CA LYS B 523 -0.93 -7.66 -2.52
C LYS B 523 0.13 -7.59 -1.43
N CYS B 524 -0.04 -8.43 -0.43
CA CYS B 524 0.84 -8.45 0.72
C CYS B 524 2.06 -9.31 0.51
N ASP B 525 3.20 -8.82 0.99
CA ASP B 525 4.44 -9.56 0.93
C ASP B 525 5.12 -9.42 2.28
N ILE B 526 5.45 -10.53 2.91
CA ILE B 526 5.98 -10.46 4.25
C ILE B 526 7.49 -10.20 4.32
N SER B 527 8.13 -10.06 3.16
CA SER B 527 9.56 -9.69 3.12
C SER B 527 9.88 -8.47 3.98
N ASN B 528 11.13 -8.42 4.42
CA ASN B 528 11.59 -7.38 5.32
C ASN B 528 10.83 -7.33 6.67
N SER B 529 9.94 -8.28 6.95
CA SER B 529 9.16 -8.20 8.20
C SER B 529 9.45 -9.23 9.29
N THR B 530 10.45 -8.96 10.13
CA THR B 530 10.83 -9.84 11.23
C THR B 530 9.72 -10.17 12.23
N GLU B 531 8.77 -9.25 12.34
CA GLU B 531 7.66 -9.32 13.27
C GLU B 531 6.68 -10.39 12.79
N ALA B 532 6.40 -10.34 11.49
CA ALA B 532 5.62 -11.38 10.82
C ALA B 532 6.30 -12.74 10.94
N GLY B 533 7.61 -12.75 10.74
CA GLY B 533 8.43 -13.95 10.87
C GLY B 533 8.44 -14.49 12.28
N GLN B 534 8.34 -13.61 13.27
CA GLN B 534 8.29 -14.04 14.67
C GLN B 534 7.01 -14.86 14.90
N LYS B 535 5.87 -14.22 14.73
CA LYS B 535 4.58 -14.90 14.82
C LYS B 535 4.65 -16.34 14.26
N LEU B 536 5.14 -16.48 13.03
CA LEU B 536 5.17 -17.77 12.38
C LEU B 536 6.12 -18.72 13.11
N PHE B 537 7.37 -18.29 13.24
CA PHE B 537 8.41 -19.11 13.87
C PHE B 537 7.91 -19.65 15.20
N ASN B 538 7.15 -18.84 15.90
CA ASN B 538 6.67 -19.18 17.22
C ASN B 538 5.85 -20.42 17.21
N MET B 539 4.98 -20.58 16.22
CA MET B 539 4.19 -21.79 16.17
C MET B 539 4.99 -22.83 15.44
N LEU B 540 5.96 -22.35 14.65
CA LEU B 540 6.80 -23.20 13.86
C LEU B 540 7.70 -24.03 14.76
N ARG B 541 8.17 -23.43 15.85
CA ARG B 541 8.99 -24.08 16.89
C ARG B 541 8.31 -25.26 17.60
N LEU B 542 6.98 -25.23 17.67
CA LEU B 542 6.21 -26.23 18.43
C LEU B 542 6.27 -27.67 17.91
N GLY B 543 6.25 -27.85 16.59
CA GLY B 543 6.23 -29.19 16.02
C GLY B 543 4.91 -29.85 16.32
N LYS B 544 4.91 -31.18 16.40
CA LYS B 544 3.70 -31.96 16.74
C LYS B 544 3.39 -32.02 18.25
N SER B 545 4.13 -31.24 19.05
CA SER B 545 3.97 -31.20 20.50
C SER B 545 2.60 -30.72 20.97
N GLU B 546 2.05 -29.74 20.28
CA GLU B 546 0.71 -29.22 20.59
C GLU B 546 -0.35 -29.82 19.67
N PRO B 547 -1.62 -29.80 20.10
CA PRO B 547 -2.68 -30.17 19.18
C PRO B 547 -2.73 -29.09 18.10
N TRP B 548 -2.96 -29.50 16.85
CA TRP B 548 -2.87 -28.58 15.73
C TRP B 548 -3.82 -27.39 15.87
N THR B 549 -4.94 -27.64 16.54
CA THR B 549 -5.97 -26.65 16.82
C THR B 549 -5.48 -25.50 17.70
N LEU B 550 -4.73 -25.84 18.75
CA LEU B 550 -4.10 -24.84 19.60
C LEU B 550 -3.01 -24.16 18.81
N ALA B 551 -2.18 -24.96 18.16
CA ALA B 551 -1.10 -24.43 17.35
C ALA B 551 -1.65 -23.34 16.46
N LEU B 552 -2.77 -23.63 15.81
CA LEU B 552 -3.42 -22.70 14.91
C LEU B 552 -3.89 -21.43 15.66
N GLU B 553 -4.62 -21.61 16.75
CA GLU B 553 -5.23 -20.48 17.46
C GLU B 553 -4.21 -19.47 17.96
N ASN B 554 -2.96 -19.89 18.08
CA ASN B 554 -1.87 -18.98 18.47
C ASN B 554 -1.52 -18.00 17.36
N VAL B 555 -1.35 -18.55 16.15
CA VAL B 555 -0.93 -17.82 14.97
C VAL B 555 -2.04 -16.93 14.45
N VAL B 556 -3.12 -17.56 14.00
CA VAL B 556 -4.21 -16.83 13.36
C VAL B 556 -5.07 -16.15 14.41
N GLY B 557 -5.72 -16.96 15.25
CA GLY B 557 -6.64 -16.47 16.27
C GLY B 557 -7.84 -17.37 16.52
N ALA B 558 -8.11 -18.29 15.59
CA ALA B 558 -9.22 -19.22 15.74
C ALA B 558 -8.72 -20.65 15.94
N LYS B 559 -9.63 -21.53 16.35
CA LYS B 559 -9.28 -22.90 16.74
C LYS B 559 -9.39 -23.90 15.59
N ASN B 560 -10.12 -23.54 14.55
CA ASN B 560 -10.42 -24.48 13.47
C ASN B 560 -10.32 -23.83 12.11
N MET B 561 -10.08 -24.65 11.09
CA MET B 561 -9.92 -24.15 9.74
C MET B 561 -11.10 -23.38 9.20
N ASN B 562 -10.86 -22.10 8.92
CA ASN B 562 -11.83 -21.22 8.30
C ASN B 562 -11.61 -21.23 6.78
N VAL B 563 -12.33 -20.37 6.06
CA VAL B 563 -12.26 -20.36 4.60
C VAL B 563 -12.35 -18.94 4.05
N ARG B 564 -13.01 -18.07 4.81
CA ARG B 564 -13.22 -16.69 4.41
C ARG B 564 -11.98 -15.94 3.91
N PRO B 565 -10.79 -16.18 4.49
CA PRO B 565 -9.59 -15.52 3.93
C PRO B 565 -9.25 -15.91 2.48
N LEU B 566 -9.51 -17.17 2.10
CA LEU B 566 -9.28 -17.57 0.73
C LEU B 566 -10.23 -16.87 -0.23
N LEU B 567 -11.51 -16.78 0.13
CA LEU B 567 -12.49 -16.08 -0.70
C LEU B 567 -12.20 -14.58 -0.77
N ASN B 568 -11.54 -14.11 0.28
CA ASN B 568 -11.10 -12.74 0.40
C ASN B 568 -9.91 -12.45 -0.51
N TYR B 569 -8.95 -13.35 -0.52
CA TYR B 569 -7.79 -13.22 -1.36
C TYR B 569 -8.31 -13.04 -2.76
N PHE B 570 -9.50 -13.57 -2.99
CA PHE B 570 -10.00 -13.75 -4.34
C PHE B 570 -11.17 -12.86 -4.79
N GLU B 571 -11.77 -12.12 -3.86
CA GLU B 571 -12.87 -11.24 -4.17
C GLU B 571 -12.70 -10.52 -5.47
N PRO B 572 -11.60 -9.74 -5.63
CA PRO B 572 -11.49 -8.98 -6.88
C PRO B 572 -11.71 -9.88 -8.10
N LEU B 573 -11.13 -11.07 -8.06
CA LEU B 573 -11.25 -12.02 -9.15
C LEU B 573 -12.65 -12.64 -9.25
N PHE B 574 -13.28 -12.87 -8.10
CA PHE B 574 -14.65 -13.36 -8.11
C PHE B 574 -15.61 -12.34 -8.75
N THR B 575 -15.46 -11.07 -8.41
CA THR B 575 -16.45 -10.10 -8.89
C THR B 575 -16.28 -9.84 -10.38
N TRP B 576 -15.04 -9.93 -10.83
CA TRP B 576 -14.69 -9.69 -12.23
C TRP B 576 -15.13 -10.88 -13.10
N LEU B 577 -15.02 -12.09 -12.56
CA LEU B 577 -15.48 -13.31 -13.24
C LEU B 577 -17.00 -13.28 -13.50
N LYS B 578 -17.77 -13.03 -12.43
CA LYS B 578 -19.21 -12.82 -12.51
C LYS B 578 -19.62 -11.88 -13.66
N ASP B 579 -18.78 -10.87 -13.90
CA ASP B 579 -19.01 -9.83 -14.89
C ASP B 579 -18.53 -10.28 -16.26
N GLN B 580 -17.56 -11.18 -16.28
CA GLN B 580 -17.08 -11.73 -17.54
C GLN B 580 -17.95 -12.84 -18.10
N ASN B 581 -18.74 -13.46 -17.24
CA ASN B 581 -19.56 -14.58 -17.66
C ASN B 581 -21.02 -14.20 -17.89
N LYS B 582 -21.30 -12.90 -17.95
CA LYS B 582 -22.66 -12.42 -18.23
C LYS B 582 -23.21 -13.05 -19.50
N ASN B 583 -22.29 -13.56 -20.33
CA ASN B 583 -22.61 -14.04 -21.67
C ASN B 583 -22.25 -15.49 -21.84
N SER B 584 -21.94 -16.15 -20.73
CA SER B 584 -21.56 -17.54 -20.80
C SER B 584 -22.40 -18.32 -19.84
N PHE B 585 -22.44 -19.62 -20.05
CA PHE B 585 -23.20 -20.43 -19.15
C PHE B 585 -22.40 -20.79 -17.90
N VAL B 586 -22.88 -20.32 -16.74
CA VAL B 586 -22.15 -20.54 -15.51
C VAL B 586 -22.69 -21.84 -14.91
N GLY B 587 -21.88 -22.89 -14.99
CA GLY B 587 -22.30 -24.22 -14.54
C GLY B 587 -22.10 -25.29 -15.60
N TRP B 588 -22.40 -26.54 -15.25
CA TRP B 588 -22.24 -27.66 -16.18
C TRP B 588 -23.37 -28.69 -16.08
N SER B 589 -23.53 -29.46 -17.16
CA SER B 589 -24.38 -30.63 -17.16
C SER B 589 -23.51 -31.90 -17.14
N THR B 590 -23.96 -32.90 -16.38
CA THR B 590 -23.33 -34.23 -16.40
C THR B 590 -23.40 -34.89 -17.76
N ASP B 591 -24.53 -34.71 -18.43
CA ASP B 591 -24.90 -35.57 -19.56
C ASP B 591 -23.97 -35.53 -20.78
N TRP B 592 -23.49 -34.34 -21.15
CA TRP B 592 -22.68 -34.17 -22.34
C TRP B 592 -21.38 -34.97 -22.33
N SER B 593 -21.09 -35.67 -23.43
CA SER B 593 -19.91 -36.53 -23.55
C SER B 593 -19.12 -36.24 -24.82
N PRO B 594 -17.79 -36.29 -24.74
CA PRO B 594 -16.99 -35.98 -25.93
C PRO B 594 -16.95 -37.12 -26.94
N TYR B 595 -17.34 -38.32 -26.53
CA TYR B 595 -17.36 -39.50 -27.41
C TYR B 595 -18.79 -39.86 -27.75
N ALA B 596 -19.74 -39.38 -26.93
CA ALA B 596 -21.15 -39.75 -27.02
C ALA B 596 -22.13 -38.56 -27.10
N ASP B 597 -21.64 -37.39 -27.51
CA ASP B 597 -22.49 -36.20 -27.65
C ASP B 597 -21.84 -35.14 -28.54
N CYS C 18 -26.67 33.77 -55.13
CA CYS C 18 -26.09 35.01 -55.74
C CYS C 18 -26.03 36.17 -54.74
N PRO C 19 -27.16 36.49 -54.05
CA PRO C 19 -27.13 37.68 -53.24
C PRO C 19 -26.56 37.44 -51.83
N PHE C 20 -25.66 36.46 -51.72
CA PHE C 20 -25.06 36.09 -50.43
C PHE C 20 -24.11 37.15 -49.90
N GLY C 21 -23.58 37.98 -50.79
CA GLY C 21 -22.77 39.10 -50.39
C GLY C 21 -23.50 40.00 -49.41
N GLU C 22 -24.81 40.12 -49.61
CA GLU C 22 -25.67 40.99 -48.77
C GLU C 22 -25.90 40.47 -47.35
N VAL C 23 -25.54 39.20 -47.09
CA VAL C 23 -25.82 38.54 -45.82
C VAL C 23 -24.56 38.34 -44.95
N PHE C 24 -23.67 37.44 -45.38
CA PHE C 24 -22.28 37.42 -44.93
C PHE C 24 -21.70 38.63 -45.59
N ASN C 25 -20.49 39.02 -45.20
CA ASN C 25 -19.89 40.24 -45.76
C ASN C 25 -20.77 41.51 -45.48
N ALA C 26 -21.93 41.32 -44.87
CA ALA C 26 -22.83 42.43 -44.53
C ALA C 26 -22.36 43.16 -43.29
N THR C 27 -22.47 44.48 -43.31
CA THR C 27 -21.93 45.34 -42.26
C THR C 27 -22.58 45.09 -40.90
N LYS C 28 -23.87 45.34 -40.86
CA LYS C 28 -24.62 45.37 -39.60
C LYS C 28 -25.36 44.06 -39.37
N PHE C 29 -25.25 43.54 -38.15
CA PHE C 29 -25.90 42.29 -37.86
C PHE C 29 -26.92 42.45 -36.76
N PRO C 30 -27.97 41.61 -36.79
CA PRO C 30 -29.05 41.75 -35.82
C PRO C 30 -28.81 40.96 -34.53
N SER C 31 -29.48 41.34 -33.45
CA SER C 31 -29.46 40.54 -32.24
C SER C 31 -30.20 39.22 -32.52
N VAL C 32 -29.94 38.20 -31.70
CA VAL C 32 -30.59 36.90 -31.87
C VAL C 32 -32.09 36.97 -31.68
N TYR C 33 -32.55 37.79 -30.73
CA TYR C 33 -33.96 37.83 -30.44
C TYR C 33 -34.75 38.39 -31.63
N ALA C 34 -34.13 39.31 -32.36
CA ALA C 34 -34.75 39.97 -33.51
C ALA C 34 -34.04 39.61 -34.79
N TRP C 35 -33.92 38.31 -35.04
CA TRP C 35 -33.17 37.78 -36.19
C TRP C 35 -33.80 38.06 -37.57
N GLU C 36 -32.96 38.15 -38.61
CA GLU C 36 -33.45 38.44 -39.95
C GLU C 36 -33.64 37.24 -40.83
N ARG C 37 -34.68 37.27 -41.64
CA ARG C 37 -34.90 36.26 -42.66
C ARG C 37 -34.80 36.93 -44.01
N LYS C 38 -34.02 36.34 -44.90
CA LYS C 38 -33.98 36.78 -46.28
C LYS C 38 -34.52 35.68 -47.18
N LYS C 39 -35.47 36.05 -48.04
CA LYS C 39 -36.06 35.13 -49.03
C LYS C 39 -35.25 35.16 -50.32
N ILE C 40 -34.76 33.99 -50.75
CA ILE C 40 -34.09 33.87 -52.04
C ILE C 40 -34.70 32.74 -52.86
N SER C 41 -35.51 33.11 -53.85
CA SER C 41 -35.95 32.19 -54.89
C SER C 41 -35.34 32.65 -56.21
N ASN C 42 -35.69 31.97 -57.31
CA ASN C 42 -35.12 32.23 -58.63
C ASN C 42 -33.61 31.96 -58.66
N CYS C 43 -32.82 33.01 -58.36
CA CYS C 43 -31.35 32.95 -58.36
C CYS C 43 -30.75 31.59 -58.01
N VAL C 44 -29.82 31.14 -58.85
CA VAL C 44 -29.07 29.91 -58.59
C VAL C 44 -27.59 30.25 -58.37
N ALA C 45 -27.01 29.60 -57.37
CA ALA C 45 -25.58 29.74 -57.09
C ALA C 45 -24.94 28.37 -56.96
N ASP C 46 -23.62 28.35 -56.81
CA ASP C 46 -22.82 27.12 -56.81
C ASP C 46 -22.59 26.55 -55.42
N TYR C 47 -22.64 27.42 -54.41
CA TYR C 47 -22.32 27.12 -53.00
C TYR C 47 -20.83 26.99 -52.73
N SER C 48 -20.05 26.91 -53.81
CA SER C 48 -18.61 26.86 -53.71
C SER C 48 -18.04 28.23 -53.36
N VAL C 49 -18.91 29.24 -53.24
CA VAL C 49 -18.55 30.58 -52.78
C VAL C 49 -17.91 30.49 -51.39
N LEU C 50 -18.49 29.63 -50.56
CA LEU C 50 -18.17 29.55 -49.15
C LEU C 50 -17.68 28.16 -48.74
N TYR C 51 -17.85 27.20 -49.64
CA TYR C 51 -17.43 25.82 -49.44
C TYR C 51 -15.97 25.72 -48.97
N ASN C 52 -15.14 26.67 -49.43
CA ASN C 52 -13.69 26.66 -49.21
C ASN C 52 -13.16 27.84 -48.36
N SER C 53 -13.28 27.75 -47.03
CA SER C 53 -12.81 28.83 -46.15
C SER C 53 -12.60 28.45 -44.68
N THR C 54 -11.34 28.55 -44.21
CA THR C 54 -11.07 28.44 -42.77
C THR C 54 -11.12 29.85 -42.15
N PHE C 55 -12.23 30.52 -42.44
CA PHE C 55 -12.65 31.74 -41.79
C PHE C 55 -13.78 31.28 -40.88
N PHE C 56 -14.63 30.41 -41.44
CA PHE C 56 -15.76 29.82 -40.74
C PHE C 56 -15.30 28.85 -39.68
N SER C 57 -15.79 29.05 -38.47
CA SER C 57 -15.42 28.22 -37.32
C SER C 57 -16.37 27.05 -37.09
N THR C 58 -17.64 27.21 -37.44
CA THR C 58 -18.59 26.13 -37.22
C THR C 58 -18.94 25.31 -38.48
N PHE C 59 -19.83 25.84 -39.33
CA PHE C 59 -20.23 25.19 -40.60
C PHE C 59 -20.82 23.75 -40.51
N LYS C 60 -21.49 23.41 -39.42
CA LYS C 60 -22.15 22.10 -39.38
C LYS C 60 -23.39 22.12 -40.27
N CYS C 61 -23.48 21.12 -41.15
CA CYS C 61 -24.62 20.98 -42.03
C CYS C 61 -25.54 19.91 -41.51
N TYR C 62 -26.78 19.92 -41.98
CA TYR C 62 -27.79 19.06 -41.41
C TYR C 62 -28.68 18.46 -42.49
N GLY C 63 -28.16 17.42 -43.13
CA GLY C 63 -28.92 16.62 -44.06
C GLY C 63 -28.45 16.70 -45.49
N VAL C 64 -27.34 17.39 -45.72
CA VAL C 64 -26.84 17.67 -47.09
C VAL C 64 -25.39 18.19 -47.15
N SER C 65 -24.83 18.22 -48.37
CA SER C 65 -23.57 18.90 -48.73
C SER C 65 -23.09 18.57 -50.16
N ALA C 66 -23.37 19.48 -51.11
CA ALA C 66 -22.97 19.37 -52.52
C ALA C 66 -23.51 20.54 -53.37
N THR C 67 -23.89 20.26 -54.63
CA THR C 67 -24.47 21.25 -55.56
C THR C 67 -25.36 20.59 -56.63
N LYS C 68 -26.67 20.82 -56.54
CA LYS C 68 -27.60 20.36 -57.58
C LYS C 68 -28.24 21.51 -58.36
N LEU C 69 -27.88 22.75 -57.98
CA LEU C 69 -28.26 23.99 -58.70
C LEU C 69 -29.78 24.30 -58.68
N ASN C 70 -30.22 25.00 -57.63
CA ASN C 70 -31.64 25.30 -57.41
C ASN C 70 -31.92 26.81 -57.27
N VAL C 77 -35.45 29.28 -50.81
CA VAL C 77 -34.25 29.22 -49.97
C VAL C 77 -34.21 30.36 -48.94
N TYR C 78 -34.05 30.01 -47.66
CA TYR C 78 -34.12 30.99 -46.59
C TYR C 78 -32.79 31.13 -45.85
N ALA C 79 -32.42 32.37 -45.51
CA ALA C 79 -31.16 32.67 -44.83
C ALA C 79 -31.30 33.61 -43.64
N ASP C 80 -31.32 33.02 -42.45
CA ASP C 80 -31.44 33.78 -41.22
C ASP C 80 -30.06 34.17 -40.69
N SER C 81 -29.95 35.37 -40.14
CA SER C 81 -28.69 35.82 -39.57
C SER C 81 -28.87 36.61 -38.28
N PHE C 82 -27.83 36.53 -37.43
CA PHE C 82 -27.80 37.10 -36.09
C PHE C 82 -26.48 36.79 -35.41
N VAL C 83 -26.31 37.35 -34.22
CA VAL C 83 -25.07 37.25 -33.48
C VAL C 83 -25.36 36.65 -32.11
N VAL C 84 -24.47 35.74 -31.69
CA VAL C 84 -24.51 35.15 -30.37
C VAL C 84 -23.09 35.06 -29.80
N LYS C 85 -23.04 34.80 -28.49
CA LYS C 85 -21.83 34.47 -27.73
C LYS C 85 -21.25 33.14 -28.24
N GLY C 86 -19.94 32.94 -28.10
CA GLY C 86 -19.28 31.71 -28.57
C GLY C 86 -19.90 30.39 -28.12
N ASP C 87 -20.12 30.23 -26.82
CA ASP C 87 -20.72 29.01 -26.30
C ASP C 87 -22.14 28.83 -26.81
N ASP C 88 -22.81 29.94 -27.13
CA ASP C 88 -24.20 29.88 -27.58
C ASP C 88 -24.41 29.20 -28.93
N VAL C 89 -23.37 29.17 -29.76
CA VAL C 89 -23.44 28.52 -31.07
C VAL C 89 -23.92 27.06 -30.98
N ARG C 90 -23.46 26.31 -29.97
CA ARG C 90 -23.94 24.92 -29.74
C ARG C 90 -25.43 24.80 -30.04
N GLN C 91 -26.19 25.82 -29.63
CA GLN C 91 -27.64 25.79 -29.60
C GLN C 91 -28.32 26.04 -30.94
N ILE C 92 -27.55 26.26 -31.99
CA ILE C 92 -28.20 26.39 -33.28
C ILE C 92 -28.00 25.07 -33.99
N ALA C 93 -28.73 24.09 -33.47
CA ALA C 93 -28.79 22.75 -34.01
C ALA C 93 -30.14 22.21 -33.54
N PRO C 94 -30.71 21.25 -34.28
CA PRO C 94 -31.95 20.58 -33.84
C PRO C 94 -31.84 19.98 -32.43
N GLY C 95 -32.91 20.08 -31.65
CA GLY C 95 -32.89 19.70 -30.24
C GLY C 95 -32.37 20.85 -29.42
N GLN C 96 -31.22 20.64 -28.80
CA GLN C 96 -30.46 21.69 -28.10
C GLN C 96 -31.12 22.33 -26.87
N THR C 97 -30.26 22.65 -25.90
CA THR C 97 -30.66 22.98 -24.51
C THR C 97 -31.69 24.12 -24.43
N GLY C 98 -31.23 25.37 -24.31
CA GLY C 98 -32.16 26.45 -24.06
C GLY C 98 -31.61 27.84 -23.84
N VAL C 99 -32.52 28.76 -23.55
CA VAL C 99 -32.28 30.22 -23.57
C VAL C 99 -32.19 30.72 -25.00
N ILE C 100 -31.12 30.39 -25.72
CA ILE C 100 -31.08 30.79 -27.10
C ILE C 100 -32.06 30.00 -27.92
N ALA C 101 -32.10 28.69 -27.70
CA ALA C 101 -32.95 27.83 -28.49
C ALA C 101 -34.35 27.82 -27.91
N ASP C 102 -34.45 28.01 -26.60
CA ASP C 102 -35.77 28.08 -25.97
C ASP C 102 -36.46 29.39 -26.34
N TYR C 103 -35.70 30.48 -26.42
CA TYR C 103 -36.28 31.81 -26.36
C TYR C 103 -36.00 32.83 -27.46
N ASN C 104 -35.04 32.57 -28.34
CA ASN C 104 -34.72 33.55 -29.38
C ASN C 104 -34.77 32.99 -30.78
N TYR C 105 -34.31 31.76 -30.94
CA TYR C 105 -34.18 31.11 -32.24
C TYR C 105 -34.17 29.57 -32.15
N LYS C 106 -35.25 28.95 -32.61
CA LYS C 106 -35.40 27.49 -32.55
C LYS C 106 -35.39 26.89 -33.94
N LEU C 107 -34.56 25.87 -34.09
CA LEU C 107 -34.45 25.13 -35.33
C LEU C 107 -35.32 23.89 -35.20
N PRO C 108 -36.07 23.53 -36.27
CA PRO C 108 -36.91 22.33 -36.16
C PRO C 108 -36.04 21.10 -36.03
N ASP C 109 -36.61 20.08 -35.39
CA ASP C 109 -35.96 18.79 -35.33
C ASP C 109 -35.96 18.21 -36.74
N ASP C 110 -37.04 18.47 -37.47
CA ASP C 110 -37.26 17.96 -38.82
C ASP C 110 -36.35 18.61 -39.85
N PHE C 111 -36.97 19.36 -40.77
CA PHE C 111 -36.30 20.06 -41.88
C PHE C 111 -34.91 20.61 -41.52
N MET C 112 -34.11 20.87 -42.55
CA MET C 112 -32.85 21.58 -42.37
C MET C 112 -31.95 21.71 -43.60
N GLY C 113 -30.96 22.60 -43.45
CA GLY C 113 -29.88 22.80 -44.38
C GLY C 113 -28.56 22.86 -43.66
N CYS C 114 -28.05 24.08 -43.44
CA CYS C 114 -26.75 24.28 -42.78
C CYS C 114 -26.70 25.50 -41.87
N VAL C 115 -25.68 25.52 -41.03
CA VAL C 115 -25.52 26.53 -39.99
C VAL C 115 -24.06 26.90 -39.99
N LEU C 116 -23.78 28.20 -40.12
CA LEU C 116 -22.41 28.67 -40.26
C LEU C 116 -22.06 29.75 -39.26
N ALA C 117 -20.85 29.70 -38.71
CA ALA C 117 -20.43 30.76 -37.80
C ALA C 117 -18.96 31.11 -37.93
N TRP C 118 -18.65 32.32 -37.53
CA TRP C 118 -17.31 32.86 -37.63
C TRP C 118 -17.07 33.80 -36.48
N ASN C 119 -15.84 33.90 -36.01
CA ASN C 119 -15.55 34.80 -34.91
C ASN C 119 -15.46 36.27 -35.31
N THR C 120 -16.22 37.12 -34.63
CA THR C 120 -16.29 38.53 -34.99
C THR C 120 -15.90 39.43 -33.85
N ARG C 121 -14.81 39.05 -33.18
CA ARG C 121 -14.34 39.75 -32.03
C ARG C 121 -14.00 41.18 -32.40
N ASN C 122 -13.22 41.32 -33.46
CA ASN C 122 -12.72 42.60 -33.96
C ASN C 122 -13.81 43.56 -34.34
N ILE C 123 -14.80 43.05 -35.07
CA ILE C 123 -15.95 43.83 -35.50
C ILE C 123 -16.84 44.12 -34.31
N ASP C 124 -17.46 43.07 -33.79
CA ASP C 124 -18.56 43.18 -32.83
C ASP C 124 -18.18 43.33 -31.36
N ALA C 125 -16.92 43.65 -31.07
CA ALA C 125 -16.49 43.82 -29.69
C ALA C 125 -15.44 44.91 -29.54
N THR C 126 -15.39 45.52 -28.35
CA THR C 126 -14.50 46.67 -28.09
C THR C 126 -13.84 46.60 -26.73
N SER C 127 -12.63 47.16 -26.65
CA SER C 127 -11.91 47.33 -25.37
C SER C 127 -12.83 47.79 -24.26
N THR C 128 -13.61 48.83 -24.53
CA THR C 128 -14.50 49.38 -23.53
C THR C 128 -15.73 48.49 -23.27
N GLY C 129 -16.07 47.65 -24.24
CA GLY C 129 -17.26 46.79 -24.13
C GLY C 129 -18.39 47.26 -25.02
N ASN C 130 -18.95 46.33 -25.79
CA ASN C 130 -20.02 46.63 -26.73
C ASN C 130 -21.31 45.99 -26.27
N TYR C 131 -22.43 46.73 -26.33
CA TYR C 131 -23.65 46.29 -25.68
C TYR C 131 -24.91 46.31 -26.53
N ASN C 132 -24.77 46.57 -27.83
CA ASN C 132 -25.94 46.61 -28.71
C ASN C 132 -26.64 45.27 -28.68
N TYR C 133 -25.84 44.21 -28.86
CA TYR C 133 -26.37 42.88 -29.07
C TYR C 133 -27.09 42.36 -27.83
N LYS C 134 -28.32 41.88 -28.05
CA LYS C 134 -29.22 41.50 -26.97
C LYS C 134 -29.72 40.09 -27.17
N TYR C 135 -30.32 39.55 -26.11
CA TYR C 135 -30.99 38.26 -26.16
C TYR C 135 -32.06 38.19 -25.08
N ARG C 136 -32.98 37.25 -25.25
CA ARG C 136 -34.09 37.09 -24.34
C ARG C 136 -33.82 35.90 -23.45
N PHE C 137 -33.93 36.08 -22.15
CA PHE C 137 -33.77 34.95 -21.25
C PHE C 137 -35.00 34.66 -20.38
N LEU C 138 -36.00 35.54 -20.48
CA LEU C 138 -37.26 35.34 -19.78
C LEU C 138 -38.42 35.31 -20.78
N ARG C 139 -39.20 34.21 -20.77
CA ARG C 139 -40.41 34.07 -21.61
C ARG C 139 -41.38 32.98 -21.14
N HIS C 140 -42.68 33.28 -21.14
CA HIS C 140 -43.72 32.29 -20.83
C HIS C 140 -43.97 31.43 -22.07
N GLY C 141 -43.39 30.23 -22.09
CA GLY C 141 -43.52 29.37 -23.25
C GLY C 141 -42.23 29.27 -24.04
N LYS C 142 -42.15 28.30 -24.94
CA LYS C 142 -40.99 28.16 -25.78
C LYS C 142 -41.43 28.42 -27.20
N LEU C 143 -40.46 28.79 -28.02
CA LEU C 143 -40.74 29.12 -29.39
C LEU C 143 -41.03 27.86 -30.15
N ARG C 144 -41.90 28.01 -31.15
CA ARG C 144 -42.10 26.97 -32.14
C ARG C 144 -41.07 27.27 -33.22
N PRO C 145 -40.45 26.24 -33.80
CA PRO C 145 -39.37 26.44 -34.75
C PRO C 145 -39.66 27.56 -35.75
N PHE C 146 -38.62 28.38 -36.00
CA PHE C 146 -38.71 29.57 -36.87
C PHE C 146 -39.61 30.68 -36.36
N GLU C 147 -40.14 30.53 -35.15
CA GLU C 147 -40.95 31.58 -34.57
C GLU C 147 -40.03 32.71 -34.09
N ARG C 148 -40.62 33.85 -33.74
CA ARG C 148 -39.87 35.05 -33.38
C ARG C 148 -40.66 35.90 -32.40
N ASP C 149 -39.94 36.58 -31.50
CA ASP C 149 -40.58 37.37 -30.47
C ASP C 149 -39.75 38.64 -30.26
N ILE C 150 -40.36 39.78 -30.56
CA ILE C 150 -39.68 41.06 -30.51
C ILE C 150 -40.34 41.90 -29.43
N SER C 151 -41.21 41.28 -28.64
CA SER C 151 -41.80 41.95 -27.52
C SER C 151 -40.71 42.37 -26.52
N ASN C 152 -40.87 43.54 -25.94
CA ASN C 152 -40.07 43.93 -24.79
C ASN C 152 -40.99 44.33 -23.66
N VAL C 153 -41.63 43.32 -23.04
CA VAL C 153 -42.64 43.56 -22.00
C VAL C 153 -42.14 43.07 -20.65
N PRO C 154 -42.10 43.95 -19.64
CA PRO C 154 -41.58 43.58 -18.32
C PRO C 154 -42.21 42.27 -17.82
N PHE C 155 -41.37 41.38 -17.31
CA PHE C 155 -41.70 39.98 -17.09
C PHE C 155 -41.99 39.66 -15.61
N SER C 156 -43.17 39.10 -15.39
CA SER C 156 -43.63 38.65 -14.09
C SER C 156 -43.93 37.16 -14.25
N PRO C 157 -43.39 36.31 -13.35
CA PRO C 157 -43.49 34.87 -13.57
C PRO C 157 -44.87 34.33 -13.21
N ASP C 158 -45.91 35.05 -13.64
CA ASP C 158 -47.29 34.75 -13.29
C ASP C 158 -48.25 35.53 -14.18
N GLY C 159 -47.72 36.40 -15.03
CA GLY C 159 -48.54 37.16 -15.97
C GLY C 159 -49.02 38.51 -15.50
N LYS C 160 -48.78 38.84 -14.22
CA LYS C 160 -49.08 40.16 -13.66
C LYS C 160 -48.52 41.29 -14.54
N PRO C 161 -49.08 42.51 -14.42
CA PRO C 161 -48.39 43.69 -14.96
C PRO C 161 -47.07 43.95 -14.23
N CYS C 162 -46.42 45.07 -14.53
CA CYS C 162 -45.07 45.31 -14.04
C CYS C 162 -44.70 46.76 -13.81
N THR C 163 -43.52 46.96 -13.23
CA THR C 163 -42.93 48.25 -12.96
C THR C 163 -41.57 47.98 -12.32
N PRO C 164 -40.51 47.97 -13.14
CA PRO C 164 -39.17 47.64 -12.64
C PRO C 164 -38.80 48.46 -11.40
N PRO C 165 -38.12 47.81 -10.41
CA PRO C 165 -37.87 46.36 -10.38
C PRO C 165 -38.80 45.61 -9.41
N ALA C 166 -40.05 46.10 -9.31
CA ALA C 166 -41.07 45.58 -8.37
C ALA C 166 -40.95 44.08 -8.08
N PHE C 167 -40.16 43.78 -7.04
CA PHE C 167 -39.88 42.42 -6.55
C PHE C 167 -40.58 41.31 -7.32
N ASN C 168 -39.98 40.93 -8.44
CA ASN C 168 -40.48 39.89 -9.36
C ASN C 168 -40.77 40.41 -10.77
N CYS C 169 -40.43 41.68 -11.00
CA CYS C 169 -40.52 42.28 -12.33
C CYS C 169 -39.14 42.51 -12.90
N TYR C 170 -38.89 41.90 -14.06
CA TYR C 170 -37.64 42.09 -14.77
C TYR C 170 -37.93 42.34 -16.23
N TRP C 171 -37.06 43.07 -16.91
CA TRP C 171 -37.09 43.14 -18.35
C TRP C 171 -36.57 41.81 -18.90
N PRO C 172 -37.16 41.34 -20.00
CA PRO C 172 -36.79 40.02 -20.50
C PRO C 172 -35.54 40.02 -21.37
N LEU C 173 -35.11 41.19 -21.86
CA LEU C 173 -33.95 41.27 -22.73
C LEU C 173 -32.67 41.52 -21.95
N ASN C 174 -31.65 40.71 -22.23
CA ASN C 174 -30.31 40.90 -21.68
C ASN C 174 -29.29 41.33 -22.70
N ASP C 175 -28.41 42.24 -22.29
CA ASP C 175 -27.29 42.67 -23.10
C ASP C 175 -26.20 41.64 -23.03
N TYR C 176 -25.65 41.29 -24.19
CA TYR C 176 -24.47 40.46 -24.21
C TYR C 176 -23.31 41.20 -23.56
N GLY C 177 -22.95 42.36 -24.09
CA GLY C 177 -21.76 43.04 -23.59
C GLY C 177 -20.49 42.33 -24.01
N PHE C 178 -20.16 42.45 -25.29
CA PHE C 178 -18.99 41.82 -25.87
C PHE C 178 -17.73 42.69 -25.73
N TYR C 179 -16.83 42.25 -24.86
CA TYR C 179 -15.47 42.81 -24.82
C TYR C 179 -14.56 41.92 -25.60
N THR C 180 -13.46 42.52 -26.02
CA THR C 180 -12.48 41.92 -26.89
C THR C 180 -11.56 40.94 -26.13
N THR C 181 -11.41 41.14 -24.83
CA THR C 181 -10.55 40.28 -23.99
C THR C 181 -11.38 39.33 -23.12
N THR C 182 -12.23 38.52 -23.74
CA THR C 182 -12.95 37.48 -23.01
C THR C 182 -12.61 36.16 -23.64
N GLY C 183 -12.90 35.07 -22.93
CA GLY C 183 -12.70 33.73 -23.48
C GLY C 183 -13.52 33.55 -24.74
N ILE C 184 -13.00 32.75 -25.67
CA ILE C 184 -13.70 32.49 -26.91
C ILE C 184 -15.17 32.14 -26.65
N GLY C 185 -15.43 31.49 -25.51
CA GLY C 185 -16.77 31.16 -25.10
C GLY C 185 -17.68 32.38 -25.07
N TYR C 186 -17.09 33.52 -24.73
CA TYR C 186 -17.83 34.77 -24.52
C TYR C 186 -17.57 35.85 -25.57
N GLN C 187 -16.90 35.50 -26.67
CA GLN C 187 -16.65 36.43 -27.78
C GLN C 187 -17.81 36.36 -28.76
N PRO C 188 -18.02 37.44 -29.55
CA PRO C 188 -19.17 37.48 -30.46
C PRO C 188 -18.94 36.70 -31.74
N TYR C 189 -20.00 36.00 -32.14
CA TYR C 189 -19.99 35.18 -33.33
C TYR C 189 -21.18 35.51 -34.20
N ARG C 190 -20.93 35.66 -35.49
CA ARG C 190 -22.04 35.86 -36.41
C ARG C 190 -22.50 34.50 -36.91
N VAL C 191 -23.78 34.41 -37.25
CA VAL C 191 -24.40 33.13 -37.58
C VAL C 191 -25.26 33.25 -38.82
N VAL C 192 -25.20 32.24 -39.68
CA VAL C 192 -26.11 32.17 -40.80
C VAL C 192 -26.69 30.79 -40.91
N VAL C 193 -28.00 30.75 -40.94
CA VAL C 193 -28.74 29.53 -41.03
C VAL C 193 -29.44 29.53 -42.36
N LEU C 194 -29.19 28.48 -43.14
CA LEU C 194 -29.80 28.34 -44.47
C LEU C 194 -30.83 27.22 -44.50
N SER C 195 -32.10 27.61 -44.41
CA SER C 195 -33.19 26.67 -44.42
C SER C 195 -33.53 26.35 -45.85
N PHE C 196 -34.04 25.14 -46.10
CA PHE C 196 -34.24 24.67 -47.49
C PHE C 196 -35.68 24.45 -47.99
N GLU C 197 -36.07 25.34 -48.90
CA GLU C 197 -37.36 25.29 -49.59
C GLU C 197 -37.18 25.99 -50.94
N CYS D 18 55.44 -26.08 28.78
CA CYS D 18 56.19 -26.76 27.69
C CYS D 18 55.40 -27.89 27.00
N PRO D 19 54.83 -28.84 27.79
CA PRO D 19 54.24 -30.00 27.12
C PRO D 19 52.81 -29.79 26.61
N PHE D 20 52.60 -28.72 25.84
CA PHE D 20 51.26 -28.38 25.33
C PHE D 20 50.95 -29.06 24.00
N GLY D 21 51.87 -28.94 23.04
CA GLY D 21 51.77 -29.64 21.76
C GLY D 21 51.73 -31.15 21.94
N GLU D 22 51.62 -31.57 23.21
CA GLU D 22 51.44 -32.98 23.57
C GLU D 22 49.97 -33.28 23.85
N VAL D 23 49.19 -32.23 24.13
CA VAL D 23 47.76 -32.36 24.40
C VAL D 23 46.98 -31.82 23.21
N PHE D 24 47.17 -30.55 22.89
CA PHE D 24 46.81 -30.01 21.59
C PHE D 24 47.89 -30.52 20.65
N ASN D 25 47.64 -30.50 19.34
CA ASN D 25 48.58 -31.11 18.40
C ASN D 25 48.69 -32.63 18.63
N ALA D 26 48.12 -33.13 19.74
CA ALA D 26 48.17 -34.56 20.09
C ALA D 26 47.27 -35.42 19.22
N THR D 27 47.58 -36.70 19.13
CA THR D 27 46.85 -37.60 18.22
C THR D 27 45.47 -37.95 18.74
N LYS D 28 45.34 -39.12 19.35
CA LYS D 28 44.03 -39.64 19.75
C LYS D 28 43.48 -38.87 20.93
N PHE D 29 42.15 -38.93 21.10
CA PHE D 29 41.48 -38.32 22.22
C PHE D 29 40.50 -39.28 22.86
N PRO D 30 40.26 -39.10 24.17
CA PRO D 30 39.39 -39.95 24.94
C PRO D 30 37.93 -39.52 24.83
N SER D 31 37.03 -40.43 25.17
CA SER D 31 35.63 -40.10 25.34
C SER D 31 35.51 -39.09 26.48
N VAL D 32 34.35 -38.44 26.59
CA VAL D 32 34.12 -37.53 27.70
C VAL D 32 34.24 -38.27 29.05
N TYR D 33 33.31 -39.18 29.33
CA TYR D 33 33.18 -39.78 30.67
C TYR D 33 34.52 -40.23 31.24
N ALA D 34 35.32 -40.89 30.39
CA ALA D 34 36.68 -41.26 30.71
C ALA D 34 37.61 -40.22 30.10
N TRP D 35 37.67 -39.07 30.76
CA TRP D 35 38.51 -37.95 30.31
C TRP D 35 39.95 -38.06 30.85
N GLU D 36 40.90 -37.46 30.14
CA GLU D 36 42.33 -37.49 30.52
C GLU D 36 42.71 -36.35 31.46
N ARG D 37 43.25 -36.69 32.62
CA ARG D 37 43.89 -35.69 33.45
C ARG D 37 45.37 -35.70 33.12
N LYS D 38 46.05 -34.58 33.34
CA LYS D 38 47.47 -34.46 33.02
C LYS D 38 48.11 -33.38 33.88
N LYS D 39 48.89 -33.77 34.89
CA LYS D 39 49.57 -32.78 35.74
C LYS D 39 50.81 -32.23 35.05
N ILE D 40 51.01 -30.92 35.17
CA ILE D 40 52.19 -30.25 34.65
C ILE D 40 52.68 -29.25 35.69
N SER D 41 53.90 -29.45 36.16
CA SER D 41 54.51 -28.56 37.14
C SER D 41 55.97 -28.27 36.75
N ASN D 42 56.56 -27.31 37.44
CA ASN D 42 57.98 -26.95 37.27
C ASN D 42 58.30 -26.25 35.95
N CYS D 43 58.12 -26.99 34.84
CA CYS D 43 58.28 -26.42 33.50
C CYS D 43 57.40 -25.18 33.31
N VAL D 44 57.94 -24.20 32.59
CA VAL D 44 57.26 -22.95 32.36
C VAL D 44 56.93 -22.80 30.88
N ALA D 45 55.75 -22.26 30.60
CA ALA D 45 55.36 -21.95 29.23
C ALA D 45 55.13 -20.44 29.04
N ASP D 46 54.47 -20.06 27.95
CA ASP D 46 54.27 -18.65 27.61
C ASP D 46 52.82 -18.29 27.31
N TYR D 47 52.09 -19.23 26.70
CA TYR D 47 50.66 -19.08 26.31
C TYR D 47 50.40 -18.47 24.92
N SER D 48 51.36 -17.72 24.39
CA SER D 48 51.27 -17.17 23.03
C SER D 48 50.89 -18.25 22.03
N VAL D 49 51.19 -19.50 22.38
CA VAL D 49 50.84 -20.67 21.58
C VAL D 49 49.34 -20.67 21.27
N LEU D 50 48.55 -20.42 22.30
CA LEU D 50 47.09 -20.49 22.19
C LEU D 50 46.47 -19.11 21.96
N TYR D 51 47.10 -18.07 22.51
CA TYR D 51 46.69 -16.69 22.28
C TYR D 51 46.78 -16.31 20.81
N ASN D 52 47.74 -16.89 20.09
CA ASN D 52 47.99 -16.54 18.68
C ASN D 52 47.40 -17.52 17.65
N SER D 53 46.15 -17.93 17.84
CA SER D 53 45.48 -18.89 16.93
C SER D 53 43.98 -18.68 16.74
N THR D 54 43.56 -18.49 15.48
CA THR D 54 42.14 -18.52 15.12
C THR D 54 41.85 -19.92 14.59
N PHE D 55 41.58 -20.81 15.53
CA PHE D 55 41.33 -22.21 15.25
C PHE D 55 40.47 -22.73 16.40
N PHE D 56 40.53 -22.05 17.55
CA PHE D 56 39.71 -22.41 18.69
C PHE D 56 38.34 -21.78 18.60
N SER D 57 37.30 -22.59 18.80
CA SER D 57 35.93 -22.12 18.75
C SER D 57 35.37 -21.89 20.15
N THR D 58 36.25 -21.66 21.13
CA THR D 58 35.82 -21.44 22.52
C THR D 58 36.61 -20.41 23.35
N PHE D 59 37.71 -20.81 23.99
CA PHE D 59 38.56 -19.89 24.79
C PHE D 59 37.84 -19.14 25.96
N LYS D 60 36.84 -19.77 26.57
CA LYS D 60 36.12 -19.17 27.71
C LYS D 60 37.00 -19.13 28.96
N CYS D 61 37.09 -17.97 29.60
CA CYS D 61 38.03 -17.79 30.72
C CYS D 61 37.42 -17.20 31.99
N TYR D 62 37.88 -17.71 33.13
CA TYR D 62 37.24 -17.45 34.43
C TYR D 62 38.16 -16.82 35.49
N GLY D 63 38.06 -15.50 35.61
CA GLY D 63 38.85 -14.74 36.58
C GLY D 63 40.01 -14.00 35.95
N VAL D 64 40.51 -14.56 34.84
CA VAL D 64 41.79 -14.14 34.25
C VAL D 64 41.85 -14.35 32.73
N SER D 65 42.82 -13.68 32.10
CA SER D 65 43.21 -13.91 30.69
C SER D 65 44.49 -13.14 30.36
N ALA D 66 45.51 -13.33 31.20
CA ALA D 66 46.83 -12.71 31.03
C ALA D 66 47.94 -13.70 31.40
N THR D 67 49.18 -13.22 31.39
CA THR D 67 50.32 -14.10 31.60
C THR D 67 51.20 -13.66 32.76
N LYS D 68 51.71 -14.64 33.48
CA LYS D 68 52.69 -14.42 34.54
C LYS D 68 53.52 -15.70 34.82
N LEU D 69 54.01 -16.32 33.74
CA LEU D 69 54.98 -17.45 33.74
C LEU D 69 55.14 -18.29 35.02
N ASN D 70 54.39 -19.39 35.12
CA ASN D 70 54.45 -20.34 36.24
C ASN D 70 55.03 -21.70 35.83
N VAL D 77 49.20 -26.71 37.45
CA VAL D 77 48.33 -26.85 36.27
C VAL D 77 47.87 -28.29 36.09
N TYR D 78 46.57 -28.45 35.87
CA TYR D 78 45.99 -29.75 35.62
C TYR D 78 45.12 -29.64 34.38
N ALA D 79 45.62 -30.17 33.28
CA ALA D 79 44.93 -30.11 31.99
C ALA D 79 44.10 -31.36 31.75
N ASP D 80 42.87 -31.14 31.28
CA ASP D 80 41.93 -32.21 31.04
C ASP D 80 41.49 -32.16 29.58
N SER D 81 41.23 -33.33 28.99
CA SER D 81 40.84 -33.39 27.60
C SER D 81 39.92 -34.55 27.30
N PHE D 82 39.10 -34.37 26.28
CA PHE D 82 38.10 -35.34 25.82
C PHE D 82 37.37 -34.72 24.64
N VAL D 83 36.45 -35.47 24.05
CA VAL D 83 35.76 -35.01 22.85
C VAL D 83 34.24 -35.08 22.97
N VAL D 84 33.58 -34.01 22.52
CA VAL D 84 32.11 -33.87 22.52
C VAL D 84 31.48 -33.36 21.23
N LYS D 85 30.18 -33.59 21.12
CA LYS D 85 29.29 -33.00 20.14
C LYS D 85 29.35 -31.47 20.19
N GLY D 86 29.29 -30.82 19.03
CA GLY D 86 29.25 -29.36 18.94
C GLY D 86 28.38 -28.67 19.98
N ASP D 87 27.09 -29.01 20.00
CA ASP D 87 26.14 -28.39 20.92
C ASP D 87 26.48 -28.60 22.40
N ASP D 88 27.13 -29.72 22.70
CA ASP D 88 27.48 -30.07 24.08
C ASP D 88 28.64 -29.25 24.64
N VAL D 89 29.29 -28.44 23.82
CA VAL D 89 30.37 -27.59 24.30
C VAL D 89 29.90 -26.59 25.35
N ARG D 90 28.69 -26.03 25.17
CA ARG D 90 28.15 -25.03 26.11
C ARG D 90 28.25 -25.45 27.56
N GLN D 91 28.25 -26.77 27.79
CA GLN D 91 28.15 -27.41 29.13
C GLN D 91 29.45 -27.43 29.93
N ILE D 92 30.56 -27.23 29.25
CA ILE D 92 31.85 -27.22 29.92
C ILE D 92 32.02 -25.86 30.59
N ALA D 93 31.27 -25.68 31.68
CA ALA D 93 31.25 -24.43 32.47
C ALA D 93 30.60 -24.62 33.86
N PRO D 94 30.92 -23.71 34.80
CA PRO D 94 30.28 -23.70 36.13
C PRO D 94 28.75 -23.62 36.04
N GLY D 95 28.06 -24.19 37.02
CA GLY D 95 26.63 -24.46 36.90
C GLY D 95 26.42 -25.44 35.75
N GLN D 96 25.40 -25.19 34.94
CA GLN D 96 25.16 -25.93 33.68
C GLN D 96 24.21 -27.12 33.78
N THR D 97 23.45 -27.31 32.69
CA THR D 97 22.23 -28.13 32.68
C THR D 97 22.46 -29.57 33.11
N GLY D 98 23.02 -30.39 32.22
CA GLY D 98 23.23 -31.78 32.57
C GLY D 98 23.59 -32.78 31.49
N VAL D 99 23.47 -34.06 31.85
CA VAL D 99 23.90 -35.18 31.02
C VAL D 99 25.42 -35.20 30.84
N ILE D 100 25.98 -34.16 30.22
CA ILE D 100 27.44 -34.06 30.17
C ILE D 100 27.93 -33.47 31.50
N ALA D 101 27.49 -32.24 31.78
CA ALA D 101 27.86 -31.56 33.02
C ALA D 101 27.42 -32.37 34.22
N ASP D 102 26.33 -33.12 34.08
CA ASP D 102 25.83 -33.95 35.15
C ASP D 102 26.59 -35.26 35.30
N TYR D 103 26.83 -35.94 34.19
CA TYR D 103 27.27 -37.34 34.26
C TYR D 103 28.66 -37.67 33.73
N ASN D 104 29.31 -36.68 33.12
CA ASN D 104 30.60 -36.93 32.49
C ASN D 104 31.68 -36.03 33.01
N TYR D 105 31.45 -34.74 32.95
CA TYR D 105 32.41 -33.80 33.42
C TYR D 105 31.62 -32.70 34.10
N LYS D 106 31.93 -32.47 35.37
CA LYS D 106 31.32 -31.40 36.15
C LYS D 106 32.40 -30.39 36.50
N LEU D 107 32.11 -29.11 36.29
CA LEU D 107 33.08 -28.05 36.57
C LEU D 107 32.63 -27.23 37.80
N PRO D 108 33.59 -26.83 38.64
CA PRO D 108 33.17 -26.16 39.87
C PRO D 108 33.01 -24.67 39.69
N ASP D 109 32.09 -24.13 40.46
CA ASP D 109 31.90 -22.69 40.56
C ASP D 109 33.19 -22.06 41.08
N ASP D 110 33.83 -22.71 42.06
CA ASP D 110 35.09 -22.26 42.69
C ASP D 110 36.30 -22.23 41.75
N PHE D 111 37.30 -23.08 42.05
CA PHE D 111 38.52 -23.24 41.26
C PHE D 111 38.28 -23.10 39.75
N MET D 112 39.19 -22.39 39.07
CA MET D 112 39.11 -22.29 37.61
C MET D 112 40.35 -21.80 36.87
N GLY D 113 40.29 -22.00 35.55
CA GLY D 113 41.30 -21.57 34.59
C GLY D 113 40.64 -21.19 33.27
N CYS D 114 40.88 -21.96 32.21
CA CYS D 114 40.23 -21.72 30.90
C CYS D 114 39.77 -23.01 30.19
N VAL D 115 38.73 -22.88 29.36
CA VAL D 115 38.16 -23.96 28.57
C VAL D 115 38.40 -23.67 27.10
N LEU D 116 38.98 -24.64 26.38
CA LEU D 116 39.24 -24.48 24.96
C LEU D 116 38.71 -25.65 24.14
N ALA D 117 38.05 -25.31 23.04
CA ALA D 117 37.49 -26.30 22.13
C ALA D 117 37.72 -25.94 20.67
N TRP D 118 37.65 -26.95 19.80
CA TRP D 118 37.84 -26.76 18.36
C TRP D 118 37.18 -27.84 17.51
N ASN D 119 36.65 -27.41 16.36
CA ASN D 119 35.99 -28.30 15.43
C ASN D 119 36.97 -29.26 14.77
N THR D 120 36.63 -30.54 14.83
CA THR D 120 37.48 -31.58 14.31
C THR D 120 36.66 -32.53 13.46
N ARG D 121 35.84 -31.96 12.59
CA ARG D 121 35.04 -32.73 11.63
C ARG D 121 35.93 -33.78 10.93
N ASN D 122 36.94 -33.29 10.23
CA ASN D 122 37.82 -34.11 9.39
C ASN D 122 38.51 -35.27 10.12
N ILE D 123 39.04 -34.98 11.31
CA ILE D 123 39.76 -35.96 12.13
C ILE D 123 38.83 -37.02 12.73
N ASP D 124 37.83 -36.58 13.50
CA ASP D 124 37.02 -37.48 14.32
C ASP D 124 35.72 -37.95 13.69
N ALA D 125 35.39 -37.41 12.52
CA ALA D 125 34.16 -37.82 11.81
C ALA D 125 34.45 -38.44 10.46
N THR D 126 33.80 -39.57 10.19
CA THR D 126 33.95 -40.27 8.90
C THR D 126 32.62 -40.34 8.17
N SER D 127 32.67 -40.18 6.85
CA SER D 127 31.52 -40.36 5.98
C SER D 127 30.70 -41.58 6.35
N THR D 128 31.38 -42.68 6.63
CA THR D 128 30.69 -43.92 7.00
C THR D 128 30.07 -43.82 8.41
N GLY D 129 30.70 -43.05 9.30
CA GLY D 129 30.19 -42.82 10.63
C GLY D 129 31.03 -43.43 11.73
N ASN D 130 31.70 -42.57 12.48
CA ASN D 130 32.49 -42.92 13.68
C ASN D 130 31.60 -43.34 14.86
N TYR D 131 32.20 -43.95 15.89
CA TYR D 131 31.48 -44.35 17.11
C TYR D 131 32.36 -44.45 18.35
N ASN D 132 33.64 -44.72 18.14
CA ASN D 132 34.60 -44.92 19.23
C ASN D 132 34.32 -44.02 20.41
N TYR D 133 34.13 -42.72 20.14
CA TYR D 133 33.85 -41.70 21.16
C TYR D 133 32.50 -41.88 21.77
N LYS D 134 32.43 -41.82 23.11
CA LYS D 134 31.22 -42.19 23.85
C LYS D 134 30.89 -41.25 25.01
N TYR D 135 29.68 -41.38 25.55
CA TYR D 135 29.25 -40.58 26.71
C TYR D 135 28.20 -41.26 27.60
N ARG D 136 28.26 -40.96 28.89
CA ARG D 136 27.36 -41.52 29.87
C ARG D 136 26.17 -40.59 30.03
N PHE D 137 24.95 -41.14 29.90
CA PHE D 137 23.75 -40.30 30.18
C PHE D 137 22.79 -40.84 31.25
N LEU D 138 23.17 -41.96 31.88
CA LEU D 138 22.42 -42.53 33.00
C LEU D 138 23.36 -42.81 34.19
N ARG D 139 23.16 -42.06 35.28
CA ARG D 139 23.91 -42.30 36.51
C ARG D 139 23.13 -41.89 37.76
N HIS D 140 23.11 -42.76 38.75
CA HIS D 140 22.48 -42.45 40.01
C HIS D 140 23.18 -41.24 40.60
N GLY D 141 22.54 -40.08 40.50
CA GLY D 141 23.08 -38.84 41.02
C GLY D 141 24.04 -38.15 40.06
N LYS D 142 24.45 -36.94 40.41
CA LYS D 142 25.36 -36.18 39.59
C LYS D 142 26.79 -36.32 40.08
N LEU D 143 27.74 -35.95 39.24
CA LEU D 143 29.13 -35.97 39.63
C LEU D 143 29.43 -34.76 40.51
N ARG D 144 30.36 -34.94 41.46
CA ARG D 144 30.98 -33.80 42.12
C ARG D 144 31.90 -33.15 41.09
N PRO D 145 32.15 -31.84 41.21
CA PRO D 145 33.08 -31.18 40.29
C PRO D 145 34.42 -31.92 40.20
N PHE D 146 34.91 -32.08 38.97
CA PHE D 146 36.14 -32.84 38.68
C PHE D 146 36.09 -34.34 39.01
N GLU D 147 34.92 -34.86 39.36
CA GLU D 147 34.76 -36.28 39.64
C GLU D 147 34.87 -37.11 38.36
N ARG D 148 35.03 -38.42 38.51
CA ARG D 148 35.17 -39.32 37.37
C ARG D 148 34.49 -40.65 37.63
N ASP D 149 33.94 -41.22 36.57
CA ASP D 149 33.26 -42.51 36.63
C ASP D 149 33.36 -43.24 35.29
N ILE D 150 34.31 -44.17 35.20
CA ILE D 150 34.51 -44.99 34.02
C ILE D 150 33.82 -46.34 34.23
N SER D 151 32.85 -46.38 35.14
CA SER D 151 32.16 -47.62 35.41
C SER D 151 31.13 -47.89 34.33
N ASN D 152 31.32 -49.02 33.65
CA ASN D 152 30.43 -49.47 32.60
C ASN D 152 29.41 -50.46 33.16
N VAL D 153 28.61 -49.99 34.11
CA VAL D 153 27.71 -50.87 34.85
C VAL D 153 26.23 -50.68 34.48
N PRO D 154 25.57 -51.75 33.96
CA PRO D 154 24.20 -51.69 33.43
C PRO D 154 23.17 -51.08 34.39
N PHE D 155 22.22 -50.34 33.84
CA PHE D 155 21.38 -49.42 34.60
C PHE D 155 19.92 -49.85 34.76
N SER D 156 19.43 -49.73 35.99
CA SER D 156 18.01 -49.88 36.31
C SER D 156 17.54 -48.68 37.15
N PRO D 157 16.32 -48.18 36.88
CA PRO D 157 15.81 -46.95 37.52
C PRO D 157 15.59 -47.01 39.04
N ASP D 158 15.89 -48.15 39.66
CA ASP D 158 15.68 -48.32 41.10
C ASP D 158 16.94 -48.78 41.84
N GLY D 159 17.71 -49.66 41.21
CA GLY D 159 18.93 -50.19 41.82
C GLY D 159 19.18 -51.64 41.45
N LYS D 160 18.09 -52.37 41.21
CA LYS D 160 18.13 -53.81 40.87
C LYS D 160 19.17 -54.16 39.77
N PRO D 161 19.75 -55.38 39.83
CA PRO D 161 20.77 -55.82 38.85
C PRO D 161 20.23 -56.02 37.42
N CYS D 162 21.12 -56.30 36.47
CA CYS D 162 20.76 -56.32 35.06
C CYS D 162 21.30 -57.50 34.26
N THR D 163 20.55 -57.84 33.21
CA THR D 163 20.98 -58.76 32.15
C THR D 163 20.36 -58.31 30.83
N PRO D 164 21.11 -57.53 30.03
CA PRO D 164 20.58 -56.94 28.81
C PRO D 164 20.03 -57.98 27.84
N PRO D 165 18.86 -57.69 27.22
CA PRO D 165 18.06 -56.49 27.49
C PRO D 165 16.91 -56.76 28.47
N ALA D 166 17.20 -56.71 29.77
CA ALA D 166 16.17 -56.91 30.79
C ALA D 166 15.22 -55.72 30.78
N PHE D 167 13.93 -56.00 30.59
CA PHE D 167 12.90 -54.99 30.36
C PHE D 167 12.92 -53.81 31.33
N ASN D 168 13.93 -52.95 31.17
CA ASN D 168 14.19 -51.76 32.00
C ASN D 168 15.68 -51.60 32.30
N CYS D 169 16.49 -52.43 31.64
CA CYS D 169 17.93 -52.34 31.73
C CYS D 169 18.50 -51.76 30.44
N TYR D 170 19.38 -50.78 30.58
CA TYR D 170 20.01 -50.14 29.44
C TYR D 170 21.48 -49.89 29.72
N TRP D 171 22.34 -50.23 28.76
CA TRP D 171 23.76 -49.98 28.89
C TRP D 171 24.02 -48.49 29.01
N PRO D 172 24.57 -48.05 30.15
CA PRO D 172 24.67 -46.63 30.50
C PRO D 172 25.52 -45.80 29.54
N LEU D 173 26.33 -46.45 28.72
CA LEU D 173 27.21 -45.73 27.82
C LEU D 173 26.63 -45.53 26.43
N ASN D 174 26.56 -44.28 26.01
CA ASN D 174 26.06 -43.90 24.69
C ASN D 174 27.15 -43.66 23.68
N ASP D 175 26.84 -44.02 22.43
CA ASP D 175 27.67 -43.70 21.30
C ASP D 175 27.31 -42.31 20.83
N TYR D 176 28.32 -41.45 20.63
CA TYR D 176 28.08 -40.21 19.95
C TYR D 176 27.75 -40.57 18.52
N GLY D 177 28.76 -40.99 17.76
CA GLY D 177 28.54 -41.31 16.34
C GLY D 177 28.64 -40.09 15.45
N PHE D 178 29.85 -39.84 14.95
CA PHE D 178 30.17 -38.63 14.20
C PHE D 178 30.30 -38.85 12.68
N TYR D 179 29.30 -38.39 11.94
CA TYR D 179 29.37 -38.40 10.50
C TYR D 179 29.84 -37.03 10.06
N THR D 180 30.45 -36.98 8.89
CA THR D 180 31.05 -35.73 8.39
C THR D 180 29.98 -34.76 7.85
N THR D 181 28.74 -35.23 7.82
CA THR D 181 27.66 -34.50 7.20
C THR D 181 26.56 -34.02 8.16
N THR D 182 26.90 -33.81 9.44
CA THR D 182 25.89 -33.35 10.40
C THR D 182 25.97 -31.86 10.59
N GLY D 183 25.03 -31.32 11.37
CA GLY D 183 25.06 -29.91 11.75
C GLY D 183 26.24 -29.62 12.64
N ILE D 184 26.77 -28.40 12.56
CA ILE D 184 27.94 -28.02 13.34
C ILE D 184 27.71 -28.46 14.78
N GLY D 185 26.51 -28.25 15.30
CA GLY D 185 26.15 -28.70 16.65
C GLY D 185 26.24 -30.20 16.91
N TYR D 186 26.31 -31.00 15.84
CA TYR D 186 26.44 -32.45 15.93
C TYR D 186 27.79 -32.98 15.42
N GLN D 187 28.68 -32.06 15.10
CA GLN D 187 30.04 -32.40 14.72
C GLN D 187 30.89 -32.58 15.99
N PRO D 188 31.97 -33.39 15.90
CA PRO D 188 32.87 -33.56 17.05
C PRO D 188 33.73 -32.32 17.33
N TYR D 189 33.91 -32.04 18.60
CA TYR D 189 34.74 -30.94 19.05
C TYR D 189 35.72 -31.49 20.08
N ARG D 190 36.96 -31.04 20.04
CA ARG D 190 37.94 -31.43 21.07
C ARG D 190 37.97 -30.40 22.20
N VAL D 191 38.00 -30.89 23.43
CA VAL D 191 37.96 -30.03 24.63
C VAL D 191 39.20 -30.22 25.46
N VAL D 192 39.83 -29.10 25.84
CA VAL D 192 40.96 -29.12 26.77
C VAL D 192 40.67 -28.12 27.89
N VAL D 193 40.69 -28.60 29.14
CA VAL D 193 40.35 -27.78 30.30
C VAL D 193 41.58 -27.55 31.18
N LEU D 194 42.08 -26.34 31.22
CA LEU D 194 43.22 -26.03 32.07
C LEU D 194 42.76 -25.51 33.43
N SER D 195 42.82 -26.37 34.44
CA SER D 195 42.53 -25.97 35.81
C SER D 195 43.75 -25.30 36.41
N PHE D 196 43.54 -24.45 37.42
CA PHE D 196 44.66 -23.75 38.04
C PHE D 196 44.79 -23.89 39.54
N GLU D 197 46.05 -23.90 39.96
CA GLU D 197 46.49 -24.19 41.30
C GLU D 197 48.01 -24.22 41.21
ZN ZN E . -1.54 31.53 -4.06
CL CL F . 3.23 38.81 19.48
ZN ZN G . 5.93 -29.87 -0.33
CL CL H . -8.47 -39.54 -14.19
#